data_6RBF
#
_entry.id   6RBF
#
_cell.length_a   152.461
_cell.length_b   156.925
_cell.length_c   93.584
_cell.angle_alpha   90.000
_cell.angle_beta   90.000
_cell.angle_gamma   90.000
#
_symmetry.space_group_name_H-M   'P 21 21 2'
#
loop_
_entity.id
_entity.type
_entity.pdbx_description
1 polymer Mucin-2
2 non-polymer GLYCEROL
3 non-polymer 2-acetamido-2-deoxy-beta-D-glucopyranose
4 non-polymer 'CALCIUM ION'
5 non-polymer 'SULFATE ION'
6 water water
#
_entity_poly.entity_id   1
_entity_poly.type   'polypeptide(L)'
_entity_poly.pdbx_seq_one_letter_code
;APGTCSIYGSGHYITFDGKYYDFDGHCSYVAVQDYCGQNSSLGSFSIITENVPCGTTGVTCSKAIKIFMGRTELKLEDKH
RVVIQRDEGHHVAYTTREVGQYLVVESSTGIIVIWDKRTTVFIKLAPSYKGTVCGLCGNFDHRSNNDFTTRDHMVVSSEL
DFGNSWKEAPTCPDVSTNPEPCSLNPHRRSWAEKQCSILKSSVFSICHSKVDPKPFYEACVHDSCSCDTGGDCECFCSAV
ASYAQECTKEGACVFWRTPDLCPIFCDYYNPPHECEWHYEPCGNRSFETCRTINGIHSNISVSYLEGCYPRCPKDRPIYE
EDLKKCVTADKCGCYVEDTHYPPGASVPTEETCKSCVCTNSSQVVCRPEEGKILNQTQDGAFCYWEICGPNGTVEKHFNI
CSITHHHHHH
;
_entity_poly.pdbx_strand_id   A,B,C,D
#
loop_
_chem_comp.id
_chem_comp.type
_chem_comp.name
_chem_comp.formula
CA non-polymer 'CALCIUM ION' 'Ca 2'
GOL non-polymer GLYCEROL 'C3 H8 O3'
NAG D-saccharide, beta linking 2-acetamido-2-deoxy-beta-D-glucopyranose 'C8 H15 N O6'
SO4 non-polymer 'SULFATE ION' 'O4 S -2'
#
# COMPACT_ATOMS: atom_id res chain seq x y z
N ALA A 1 3.73 31.30 -36.29
CA ALA A 1 3.28 29.95 -36.58
C ALA A 1 4.44 28.94 -36.64
N PRO A 2 5.22 28.82 -35.57
CA PRO A 2 6.17 27.71 -35.47
C PRO A 2 5.52 26.41 -34.99
N GLY A 3 6.28 25.34 -35.08
CA GLY A 3 5.89 24.04 -34.59
C GLY A 3 6.74 23.63 -33.41
N THR A 4 6.16 22.83 -32.53
CA THR A 4 6.86 22.44 -31.33
C THR A 4 6.67 20.94 -31.10
N CYS A 5 7.79 20.24 -30.96
CA CYS A 5 7.82 18.85 -30.50
C CYS A 5 8.21 18.85 -29.02
N SER A 6 7.55 18.00 -28.23
CA SER A 6 7.89 17.84 -26.82
C SER A 6 8.27 16.39 -26.56
N ILE A 7 9.26 16.19 -25.70
CA ILE A 7 9.63 14.87 -25.27
C ILE A 7 9.91 15.04 -23.80
N TYR A 8 9.21 14.26 -22.95
CA TYR A 8 9.26 14.48 -21.50
C TYR A 8 8.94 13.24 -20.68
N GLY A 9 9.47 13.29 -19.45
CA GLY A 9 9.24 12.27 -18.48
C GLY A 9 9.56 10.91 -18.99
N SER A 10 8.77 9.94 -18.58
CA SER A 10 9.12 8.56 -18.89
C SER A 10 8.34 8.10 -20.12
N GLY A 11 8.80 8.63 -21.26
CA GLY A 11 8.41 8.12 -22.56
C GLY A 11 7.26 8.80 -23.23
N HIS A 12 7.05 10.08 -23.02
CA HIS A 12 5.90 10.74 -23.62
C HIS A 12 6.38 11.64 -24.74
N TYR A 13 5.56 11.79 -25.78
CA TYR A 13 5.97 12.49 -26.99
C TYR A 13 4.79 13.31 -27.48
N ILE A 14 5.10 14.48 -28.04
CA ILE A 14 4.10 15.27 -28.74
C ILE A 14 4.71 15.76 -30.04
N THR A 15 4.22 15.23 -31.15
CA THR A 15 4.71 15.62 -32.46
C THR A 15 4.42 17.10 -32.71
N PHE A 16 5.12 17.65 -33.71
CA PHE A 16 4.84 19.02 -34.12
C PHE A 16 3.35 19.23 -34.37
N ASP A 17 2.63 18.16 -34.74
CA ASP A 17 1.32 18.28 -35.33
C ASP A 17 0.19 17.92 -34.38
N GLY A 18 0.49 17.63 -33.11
CA GLY A 18 -0.53 17.45 -32.11
C GLY A 18 -0.88 16.02 -31.76
N LYS A 19 -0.04 15.05 -32.12
CA LYS A 19 -0.25 13.65 -31.75
C LYS A 19 0.54 13.31 -30.49
N TYR A 20 -0.19 12.94 -29.44
CA TYR A 20 0.39 12.46 -28.19
C TYR A 20 0.51 10.94 -28.23
N TYR A 21 1.62 10.40 -27.73
CA TYR A 21 1.86 8.96 -27.80
C TYR A 21 3.04 8.61 -26.91
N ASP A 22 3.04 7.39 -26.35
CA ASP A 22 4.16 6.94 -25.52
C ASP A 22 5.03 5.98 -26.31
N PHE A 23 6.31 5.89 -25.93
CA PHE A 23 7.27 5.02 -26.54
C PHE A 23 8.48 4.98 -25.62
N ASP A 24 8.95 3.78 -25.27
CA ASP A 24 9.95 3.57 -24.25
C ASP A 24 11.06 2.66 -24.78
N GLY A 25 11.93 3.17 -25.66
CA GLY A 25 13.07 2.39 -26.16
C GLY A 25 14.37 2.76 -25.45
N HIS A 26 15.22 1.74 -25.18
CA HIS A 26 16.56 1.98 -24.58
C HIS A 26 17.59 2.20 -25.66
N CYS A 27 17.37 3.23 -26.47
CA CYS A 27 18.35 3.59 -27.47
C CYS A 27 18.39 5.10 -27.68
N SER A 28 19.25 5.51 -28.62
CA SER A 28 19.22 6.83 -29.20
C SER A 28 18.30 6.81 -30.41
N TYR A 29 17.61 7.92 -30.63
CA TYR A 29 16.54 7.92 -31.60
C TYR A 29 16.53 9.28 -32.25
N VAL A 30 15.82 9.38 -33.34
CA VAL A 30 15.78 10.60 -34.12
C VAL A 30 14.53 11.31 -33.67
N ALA A 31 14.68 12.39 -32.89
CA ALA A 31 13.53 13.22 -32.60
C ALA A 31 13.04 13.88 -33.88
N VAL A 32 13.97 14.37 -34.70
CA VAL A 32 13.62 15.04 -35.95
C VAL A 32 14.86 15.45 -36.72
N GLN A 33 14.83 15.22 -38.04
CA GLN A 33 15.88 15.59 -38.98
C GLN A 33 15.18 15.95 -40.29
N ASP A 34 15.93 16.51 -41.24
CA ASP A 34 15.40 16.68 -42.60
C ASP A 34 16.09 15.80 -43.64
N TYR A 35 16.93 14.85 -43.22
CA TYR A 35 17.39 13.75 -44.06
C TYR A 35 16.30 12.69 -44.19
N CYS A 36 15.20 13.10 -44.83
CA CYS A 36 13.96 12.35 -44.87
C CYS A 36 13.51 11.92 -46.26
N GLY A 37 14.16 12.42 -47.30
CA GLY A 37 13.84 12.02 -48.65
C GLY A 37 14.45 10.67 -48.94
N GLN A 38 14.67 10.43 -50.24
CA GLN A 38 15.25 9.17 -50.69
C GLN A 38 16.77 9.14 -50.56
N ASN A 39 17.43 10.30 -50.56
CA ASN A 39 18.88 10.37 -50.57
C ASN A 39 19.42 10.37 -49.14
N SER A 40 20.19 9.32 -48.80
CA SER A 40 21.08 9.31 -47.65
C SER A 40 21.52 10.73 -47.32
N SER A 41 22.20 11.35 -48.28
CA SER A 41 23.05 12.52 -48.07
C SER A 41 22.30 13.86 -48.04
N LEU A 42 21.01 13.91 -48.38
CA LEU A 42 20.33 15.20 -48.65
C LEU A 42 19.59 15.71 -47.41
N GLY A 43 20.16 16.71 -46.75
CA GLY A 43 19.50 17.31 -45.62
C GLY A 43 20.47 18.19 -44.85
N SER A 44 20.02 18.59 -43.66
CA SER A 44 20.72 19.63 -42.92
C SER A 44 21.07 19.25 -41.49
N PHE A 45 20.05 18.87 -40.72
CA PHE A 45 20.17 18.77 -39.28
C PHE A 45 19.42 17.54 -38.79
N SER A 46 20.01 16.86 -37.81
CA SER A 46 19.26 15.86 -37.06
C SER A 46 19.43 16.16 -35.58
N ILE A 47 18.32 15.99 -34.85
CA ILE A 47 18.29 16.10 -33.39
C ILE A 47 17.92 14.73 -32.82
N ILE A 48 18.84 14.16 -32.02
CA ILE A 48 18.77 12.83 -31.46
C ILE A 48 18.55 12.93 -29.96
N THR A 49 17.69 12.07 -29.41
CA THR A 49 17.59 11.91 -27.95
C THR A 49 18.11 10.53 -27.55
N GLU A 50 19.05 10.49 -26.61
CA GLU A 50 19.55 9.26 -26.03
C GLU A 50 18.73 8.94 -24.78
N ASN A 51 17.92 7.89 -24.86
CA ASN A 51 17.04 7.49 -23.79
C ASN A 51 17.62 6.32 -23.00
N VAL A 52 17.27 6.27 -21.72
CA VAL A 52 17.75 5.20 -20.85
C VAL A 52 16.59 4.74 -20.00
N PRO A 53 16.68 3.52 -19.48
CA PRO A 53 15.62 3.05 -18.59
C PRO A 53 15.72 3.76 -17.27
N CYS A 54 14.54 4.09 -16.73
CA CYS A 54 14.38 4.88 -15.52
C CYS A 54 13.25 4.21 -14.74
N GLY A 55 13.61 3.55 -13.65
CA GLY A 55 12.66 2.78 -12.89
C GLY A 55 12.73 1.32 -13.27
N THR A 56 11.88 0.56 -12.59
CA THR A 56 11.89 -0.88 -12.75
C THR A 56 10.83 -1.38 -13.71
N THR A 57 9.84 -0.57 -14.07
CA THR A 57 8.71 -1.07 -14.86
C THR A 57 9.00 -1.23 -16.33
N GLY A 58 10.15 -0.76 -16.84
CA GLY A 58 10.49 -0.85 -18.25
C GLY A 58 10.36 0.43 -19.04
N VAL A 59 9.86 1.52 -18.44
CA VAL A 59 9.81 2.79 -19.13
C VAL A 59 11.21 3.33 -19.34
N THR A 60 11.32 4.27 -20.26
CA THR A 60 12.62 4.89 -20.54
C THR A 60 12.48 6.41 -20.55
N CYS A 61 13.57 7.06 -20.16
CA CYS A 61 13.59 8.50 -20.03
C CYS A 61 14.72 9.10 -20.84
N SER A 62 14.48 10.32 -21.35
CA SER A 62 15.51 11.02 -22.10
C SER A 62 16.57 11.55 -21.13
N LYS A 63 17.83 11.32 -21.49
CA LYS A 63 19.01 11.65 -20.69
C LYS A 63 19.95 12.64 -21.37
N ALA A 64 19.91 12.71 -22.70
CA ALA A 64 20.80 13.59 -23.43
C ALA A 64 20.14 13.92 -24.76
N ILE A 65 20.61 14.99 -25.39
CA ILE A 65 20.17 15.38 -26.71
C ILE A 65 21.40 15.65 -27.54
N LYS A 66 21.46 15.08 -28.74
CA LYS A 66 22.54 15.34 -29.68
C LYS A 66 22.01 16.25 -30.78
N ILE A 67 22.75 17.30 -31.10
CA ILE A 67 22.37 18.23 -32.16
C ILE A 67 23.39 18.17 -33.31
N PHE A 68 22.90 17.90 -34.52
CA PHE A 68 23.72 17.97 -35.72
C PHE A 68 23.16 19.10 -36.57
N MET A 69 24.00 20.10 -36.85
CA MET A 69 23.71 21.15 -37.83
C MET A 69 24.81 21.06 -38.87
N GLY A 70 24.47 20.50 -40.03
CA GLY A 70 25.50 20.11 -40.98
C GLY A 70 26.54 19.27 -40.28
N ARG A 71 27.81 19.60 -40.51
CA ARG A 71 28.92 18.80 -40.01
C ARG A 71 29.24 19.10 -38.55
N THR A 72 28.41 19.88 -37.88
CA THR A 72 28.61 20.23 -36.47
C THR A 72 27.78 19.34 -35.55
N GLU A 73 28.41 18.86 -34.49
CA GLU A 73 27.75 18.03 -33.49
C GLU A 73 27.85 18.71 -32.13
N LEU A 74 26.69 18.96 -31.51
CA LEU A 74 26.60 19.32 -30.10
C LEU A 74 25.86 18.25 -29.32
N LYS A 75 26.19 18.13 -28.03
CA LYS A 75 25.46 17.27 -27.11
C LYS A 75 25.01 18.11 -25.93
N LEU A 76 23.77 17.91 -25.51
CA LEU A 76 23.31 18.34 -24.20
C LEU A 76 23.37 17.15 -23.24
N GLU A 77 24.28 17.21 -22.28
CA GLU A 77 24.53 16.10 -21.38
C GLU A 77 25.11 16.64 -20.08
N ASP A 78 24.80 15.97 -18.97
CA ASP A 78 25.31 16.30 -17.65
C ASP A 78 25.15 17.79 -17.32
N LYS A 79 23.98 18.35 -17.65
CA LYS A 79 23.62 19.72 -17.33
C LYS A 79 24.40 20.76 -18.13
N HIS A 80 25.13 20.35 -19.15
CA HIS A 80 25.94 21.24 -19.96
C HIS A 80 25.51 21.20 -21.42
N ARG A 81 25.95 22.20 -22.16
CA ARG A 81 26.10 22.08 -23.61
C ARG A 81 27.59 21.90 -23.88
N VAL A 82 27.95 20.80 -24.50
CA VAL A 82 29.34 20.51 -24.82
C VAL A 82 29.43 20.36 -26.32
N VAL A 83 30.62 20.64 -26.84
CA VAL A 83 30.86 20.65 -28.26
C VAL A 83 31.71 19.44 -28.62
N ILE A 84 31.21 18.62 -29.54
CA ILE A 84 31.90 17.39 -29.89
C ILE A 84 32.75 17.56 -31.14
N GLN A 85 32.20 18.20 -32.19
CA GLN A 85 32.98 18.52 -33.40
C GLN A 85 32.42 19.77 -34.08
N ARG A 86 33.32 20.62 -34.61
CA ARG A 86 32.96 21.88 -35.25
C ARG A 86 34.00 22.27 -36.28
N ASP A 87 33.55 22.72 -37.46
CA ASP A 87 34.45 23.34 -38.46
C ASP A 87 33.93 24.75 -38.78
N HIS A 91 30.81 26.69 -41.29
CA HIS A 91 30.33 26.80 -39.92
C HIS A 91 28.91 27.41 -39.86
N VAL A 92 27.94 26.67 -39.26
CA VAL A 92 26.63 27.21 -38.94
C VAL A 92 26.74 27.96 -37.62
N ALA A 93 25.89 28.97 -37.44
CA ALA A 93 25.95 29.79 -36.22
C ALA A 93 24.87 29.37 -35.25
N TYR A 94 25.26 29.14 -34.01
CA TYR A 94 24.34 28.85 -32.93
C TYR A 94 24.81 29.62 -31.70
N THR A 95 23.86 29.91 -30.80
CA THR A 95 24.18 30.56 -29.52
C THR A 95 23.50 29.81 -28.37
N THR A 96 24.16 29.80 -27.20
CA THR A 96 23.77 28.94 -26.08
C THR A 96 23.52 29.79 -24.85
N ARG A 97 22.25 29.98 -24.53
CA ARG A 97 21.80 30.76 -23.39
C ARG A 97 21.14 29.87 -22.35
N GLU A 98 21.26 30.27 -21.08
CA GLU A 98 20.45 29.74 -20.01
C GLU A 98 19.22 30.63 -19.83
N VAL A 99 18.03 30.02 -19.77
CA VAL A 99 16.76 30.73 -19.73
C VAL A 99 15.86 30.10 -18.68
N GLY A 100 15.77 30.74 -17.53
CA GLY A 100 14.94 30.19 -16.47
C GLY A 100 15.44 28.82 -16.08
N GLN A 101 14.50 27.91 -15.83
CA GLN A 101 14.83 26.51 -15.57
C GLN A 101 15.65 25.84 -16.70
N TYR A 102 15.62 26.42 -17.89
CA TYR A 102 15.98 25.69 -19.09
C TYR A 102 17.34 26.10 -19.63
N LEU A 103 17.76 25.32 -20.64
CA LEU A 103 19.00 25.54 -21.35
C LEU A 103 18.63 25.53 -22.82
N VAL A 104 18.97 26.59 -23.52
CA VAL A 104 18.41 26.81 -24.85
C VAL A 104 19.58 26.93 -25.82
N VAL A 105 19.52 26.15 -26.89
CA VAL A 105 20.40 26.30 -28.04
C VAL A 105 19.55 26.82 -29.20
N GLU A 106 20.06 27.84 -29.90
CA GLU A 106 19.33 28.60 -30.90
C GLU A 106 20.24 28.79 -32.11
N SER A 107 19.73 28.55 -33.32
CA SER A 107 20.57 28.57 -34.51
C SER A 107 20.07 29.56 -35.56
N SER A 108 21.01 30.10 -36.33
CA SER A 108 20.67 30.98 -37.46
C SER A 108 19.74 30.30 -38.46
N THR A 109 19.52 28.99 -38.36
CA THR A 109 18.81 28.28 -39.41
C THR A 109 17.38 27.90 -39.06
N GLY A 110 16.83 28.47 -37.97
CA GLY A 110 15.43 28.29 -37.62
C GLY A 110 15.15 27.22 -36.59
N ILE A 111 16.15 26.78 -35.82
CA ILE A 111 16.06 25.62 -34.94
C ILE A 111 16.33 26.04 -33.51
N ILE A 112 15.43 25.64 -32.59
CA ILE A 112 15.62 25.86 -31.16
C ILE A 112 15.48 24.55 -30.40
N VAL A 113 16.44 24.24 -29.53
CA VAL A 113 16.28 23.15 -28.59
C VAL A 113 16.15 23.72 -27.17
N ILE A 114 15.07 23.36 -26.47
CA ILE A 114 14.84 23.79 -25.11
C ILE A 114 14.88 22.56 -24.21
N TRP A 115 15.82 22.54 -23.31
CA TRP A 115 16.14 21.37 -22.51
C TRP A 115 16.09 21.77 -21.05
N ASP A 116 15.46 20.97 -20.21
CA ASP A 116 15.41 21.28 -18.78
C ASP A 116 16.53 20.60 -18.00
N LYS A 117 17.54 20.05 -18.67
CA LYS A 117 18.65 19.36 -18.03
C LYS A 117 18.24 18.06 -17.34
N ARG A 118 17.11 17.47 -17.73
CA ARG A 118 16.70 16.21 -17.14
C ARG A 118 16.01 15.36 -18.19
N THR A 119 14.69 15.27 -18.17
CA THR A 119 13.99 14.34 -19.06
C THR A 119 13.22 15.04 -20.16
N THR A 120 13.23 16.35 -20.21
CA THR A 120 12.32 17.05 -21.10
C THR A 120 13.08 17.96 -22.02
N VAL A 121 12.57 18.02 -23.22
CA VAL A 121 13.16 18.82 -24.28
C VAL A 121 11.98 19.31 -25.10
N PHE A 122 12.08 20.55 -25.55
CA PHE A 122 11.20 21.04 -26.60
C PHE A 122 12.01 21.41 -27.82
N ILE A 123 11.46 21.16 -29.00
CA ILE A 123 12.14 21.47 -30.27
C ILE A 123 11.23 22.38 -31.08
N LYS A 124 11.72 23.59 -31.35
CA LYS A 124 11.01 24.57 -32.18
C LYS A 124 11.67 24.59 -33.55
N LEU A 125 10.86 24.53 -34.60
CA LEU A 125 11.29 24.66 -35.98
C LEU A 125 10.56 25.82 -36.63
N ALA A 126 11.27 26.60 -37.48
CA ALA A 126 10.62 27.70 -38.16
C ALA A 126 9.68 27.21 -39.26
N PRO A 127 8.62 27.97 -39.58
CA PRO A 127 7.62 27.45 -40.52
C PRO A 127 8.21 26.95 -41.83
N SER A 128 9.44 27.34 -42.14
CA SER A 128 10.05 26.89 -43.38
C SER A 128 10.19 25.37 -43.44
N TYR A 129 10.23 24.72 -42.29
CA TYR A 129 10.53 23.29 -42.29
C TYR A 129 9.30 22.42 -42.54
N LYS A 130 8.10 23.00 -42.53
CA LYS A 130 6.89 22.22 -42.77
C LYS A 130 7.13 21.21 -43.88
N GLY A 131 6.62 20.00 -43.68
CA GLY A 131 6.74 18.97 -44.68
C GLY A 131 8.09 18.32 -44.86
N THR A 132 9.17 18.98 -44.45
CA THR A 132 10.51 18.53 -44.82
C THR A 132 11.26 17.80 -43.71
N VAL A 133 10.55 17.42 -42.64
CA VAL A 133 11.14 16.73 -41.49
C VAL A 133 10.41 15.42 -41.25
N CYS A 134 11.03 14.62 -40.39
CA CYS A 134 10.64 13.24 -40.16
C CYS A 134 11.38 12.77 -38.92
N GLY A 135 10.91 11.66 -38.35
CA GLY A 135 11.41 11.10 -37.10
C GLY A 135 10.31 11.13 -36.05
N LEU A 136 10.71 10.90 -34.79
CA LEU A 136 9.71 10.72 -33.73
C LEU A 136 8.78 11.92 -33.58
N CYS A 137 9.20 13.10 -34.02
CA CYS A 137 8.38 14.30 -33.93
C CYS A 137 7.44 14.45 -35.11
N GLY A 138 7.42 13.51 -36.04
CA GLY A 138 6.58 13.66 -37.20
C GLY A 138 7.21 14.60 -38.21
N ASN A 139 6.40 15.00 -39.18
CA ASN A 139 6.90 15.76 -40.30
C ASN A 139 6.36 17.18 -40.34
N PHE A 140 5.56 17.58 -39.35
CA PHE A 140 5.21 18.99 -39.17
C PHE A 140 4.49 19.53 -40.41
N ASP A 141 3.32 18.98 -40.62
CA ASP A 141 2.52 19.36 -41.78
C ASP A 141 1.05 19.49 -41.40
N HIS A 142 0.80 19.91 -40.15
CA HIS A 142 -0.52 20.23 -39.62
C HIS A 142 -1.47 19.01 -39.56
N ARG A 143 -1.00 17.83 -40.00
CA ARG A 143 -1.83 16.63 -40.07
C ARG A 143 -1.27 15.58 -39.11
N SER A 144 -2.08 15.20 -38.12
CA SER A 144 -1.67 14.23 -37.12
C SER A 144 -1.75 12.81 -37.66
N ASN A 145 -2.78 12.52 -38.44
CA ASN A 145 -3.07 11.18 -38.92
C ASN A 145 -1.83 10.45 -39.45
N ASN A 146 -0.82 11.18 -39.93
CA ASN A 146 0.26 10.59 -40.72
C ASN A 146 1.66 10.72 -40.10
N ASP A 147 1.77 11.15 -38.84
CA ASP A 147 3.09 11.33 -38.23
C ASP A 147 3.87 10.02 -38.06
N PHE A 148 3.20 8.87 -38.00
CA PHE A 148 3.87 7.58 -37.80
C PHE A 148 4.37 7.02 -39.14
N THR A 149 5.35 7.70 -39.71
CA THR A 149 5.97 7.27 -40.96
C THR A 149 7.28 6.60 -40.59
N THR A 150 7.46 5.34 -40.95
CA THR A 150 8.72 4.74 -40.57
C THR A 150 9.86 5.40 -41.33
N ARG A 151 11.07 5.09 -40.89
CA ARG A 151 12.24 5.56 -41.61
C ARG A 151 12.19 5.10 -43.05
N ASP A 152 11.30 4.14 -43.37
CA ASP A 152 11.19 3.56 -44.71
C ASP A 152 9.96 4.07 -45.46
N HIS A 153 9.27 5.07 -44.93
CA HIS A 153 8.22 5.80 -45.64
C HIS A 153 6.94 4.98 -45.73
N MET A 154 6.72 4.07 -44.79
CA MET A 154 5.44 3.40 -44.61
C MET A 154 4.67 4.02 -43.44
N VAL A 155 3.34 4.14 -43.58
CA VAL A 155 2.52 4.60 -42.47
C VAL A 155 2.14 3.39 -41.60
N VAL A 156 2.08 3.60 -40.28
CA VAL A 156 1.79 2.50 -39.36
C VAL A 156 0.93 3.03 -38.23
N SER A 157 0.20 2.09 -37.62
CA SER A 157 -0.56 2.38 -36.41
C SER A 157 0.23 2.06 -35.16
N SER A 158 1.25 1.21 -35.28
CA SER A 158 1.95 0.69 -34.11
C SER A 158 2.95 1.71 -33.61
N GLU A 159 2.66 2.25 -32.42
CA GLU A 159 3.63 3.04 -31.68
C GLU A 159 5.02 2.40 -31.73
N LEU A 160 5.12 1.10 -31.48
CA LEU A 160 6.45 0.52 -31.25
C LEU A 160 7.25 0.34 -32.52
N ASP A 161 6.59 -0.04 -33.62
CA ASP A 161 7.27 -0.15 -34.92
C ASP A 161 7.78 1.21 -35.36
N PHE A 162 6.92 2.22 -35.23
CA PHE A 162 7.31 3.58 -35.53
C PHE A 162 8.57 3.95 -34.76
N GLY A 163 8.53 3.85 -33.44
CA GLY A 163 9.67 4.30 -32.67
C GLY A 163 10.91 3.53 -33.00
N ASN A 164 10.77 2.24 -33.28
CA ASN A 164 11.97 1.41 -33.39
C ASN A 164 12.69 1.72 -34.67
N SER A 165 11.93 2.02 -35.73
CA SER A 165 12.52 2.36 -37.01
C SER A 165 13.30 3.67 -36.95
N TRP A 166 13.15 4.45 -35.88
CA TRP A 166 13.93 5.68 -35.78
C TRP A 166 15.07 5.55 -34.80
N LYS A 167 15.54 4.33 -34.54
CA LYS A 167 16.74 4.17 -33.74
C LYS A 167 18.00 4.54 -34.54
N GLU A 168 19.00 5.07 -33.85
CA GLU A 168 20.17 5.60 -34.52
C GLU A 168 21.32 4.62 -34.49
N ALA A 169 21.37 3.74 -33.49
CA ALA A 169 22.38 2.70 -33.47
C ALA A 169 21.69 1.36 -33.73
N PRO A 170 22.09 0.65 -34.77
CA PRO A 170 21.35 -0.57 -35.10
C PRO A 170 21.58 -1.69 -34.13
N THR A 171 22.64 -1.66 -33.33
CA THR A 171 22.75 -2.72 -32.33
C THR A 171 21.80 -2.55 -31.15
N CYS A 172 20.96 -1.48 -31.07
CA CYS A 172 20.06 -1.52 -29.93
C CYS A 172 18.90 -2.48 -30.18
N PRO A 173 18.50 -3.25 -29.16
CA PRO A 173 17.32 -4.10 -29.29
C PRO A 173 16.07 -3.27 -29.54
N ASP A 174 15.10 -3.94 -30.15
CA ASP A 174 13.79 -3.36 -30.36
C ASP A 174 12.93 -3.52 -29.12
N VAL A 175 11.89 -2.69 -29.05
CA VAL A 175 10.90 -2.72 -27.98
C VAL A 175 9.72 -3.53 -28.47
N SER A 176 9.22 -4.42 -27.61
CA SER A 176 8.12 -5.28 -27.97
C SER A 176 6.87 -5.01 -27.16
N THR A 177 6.99 -4.31 -26.03
CA THR A 177 5.90 -4.06 -25.10
C THR A 177 5.97 -2.63 -24.59
N ASN A 178 4.78 -2.04 -24.36
CA ASN A 178 4.63 -0.74 -23.71
C ASN A 178 4.29 -0.92 -22.25
N PRO A 179 5.19 -0.62 -21.31
CA PRO A 179 4.94 -0.96 -19.90
C PRO A 179 3.70 -0.33 -19.30
N GLU A 180 3.09 -1.06 -18.35
CA GLU A 180 1.98 -0.52 -17.57
C GLU A 180 2.42 -0.31 -16.11
N PRO A 181 3.11 0.80 -15.79
CA PRO A 181 3.66 0.96 -14.42
C PRO A 181 2.64 0.94 -13.27
N CYS A 182 1.43 1.49 -13.45
CA CYS A 182 0.51 1.56 -12.30
C CYS A 182 -0.08 0.19 -11.99
N SER A 183 -0.47 -0.58 -13.01
CA SER A 183 -0.80 -1.97 -12.71
C SER A 183 0.41 -2.71 -12.14
N LEU A 184 1.58 -2.48 -12.68
CA LEU A 184 2.77 -3.11 -12.10
C LEU A 184 2.97 -2.73 -10.64
N ASN A 185 2.69 -1.47 -10.28
CA ASN A 185 3.02 -0.94 -8.96
C ASN A 185 1.79 -0.33 -8.32
N PRO A 186 0.76 -1.13 -8.10
CA PRO A 186 -0.51 -0.58 -7.57
C PRO A 186 -0.33 0.15 -6.24
N HIS A 187 0.70 -0.18 -5.47
CA HIS A 187 0.91 0.51 -4.23
C HIS A 187 1.27 1.97 -4.40
N ARG A 188 1.57 2.42 -5.62
CA ARG A 188 1.77 3.83 -5.93
C ARG A 188 0.57 4.49 -6.60
N ARG A 189 -0.47 3.74 -6.93
CA ARG A 189 -1.60 4.33 -7.62
C ARG A 189 -2.16 5.53 -6.86
N SER A 190 -2.22 5.45 -5.53
CA SER A 190 -3.08 6.40 -4.81
C SER A 190 -2.42 7.78 -4.76
N TRP A 191 -1.16 7.81 -4.35
CA TRP A 191 -0.37 9.02 -4.38
C TRP A 191 -0.30 9.59 -5.78
N ALA A 192 -0.15 8.73 -6.77
CA ALA A 192 -0.03 9.19 -8.13
C ALA A 192 -1.29 9.91 -8.57
N GLU A 193 -2.46 9.36 -8.24
CA GLU A 193 -3.71 9.94 -8.72
C GLU A 193 -4.03 11.19 -7.92
N LYS A 194 -3.55 11.26 -6.68
CA LYS A 194 -3.85 12.43 -5.84
C LYS A 194 -3.05 13.65 -6.29
N GLN A 195 -1.73 13.55 -6.29
CA GLN A 195 -0.90 14.63 -6.79
C GLN A 195 -1.32 15.04 -8.20
N CYS A 196 -1.44 14.08 -9.10
CA CYS A 196 -1.65 14.45 -10.49
C CYS A 196 -3.01 15.07 -10.72
N SER A 197 -3.89 15.00 -9.73
CA SER A 197 -5.22 15.55 -9.95
C SER A 197 -5.24 17.07 -9.93
N ILE A 198 -4.12 17.72 -9.62
CA ILE A 198 -4.03 19.17 -9.84
C ILE A 198 -4.28 19.49 -11.31
N LEU A 199 -3.81 18.66 -12.23
CA LEU A 199 -3.94 18.98 -13.64
C LEU A 199 -5.39 19.13 -14.08
N LYS A 200 -6.33 18.58 -13.32
CA LYS A 200 -7.75 18.67 -13.62
C LYS A 200 -8.46 19.62 -12.66
N SER A 201 -7.73 20.22 -11.75
CA SER A 201 -8.32 21.02 -10.71
C SER A 201 -8.51 22.49 -11.14
N SER A 202 -9.15 23.21 -10.23
CA SER A 202 -9.34 24.64 -10.38
C SER A 202 -8.05 25.38 -10.75
N VAL A 203 -6.91 24.97 -10.19
CA VAL A 203 -5.67 25.70 -10.44
C VAL A 203 -5.44 25.90 -11.93
N PHE A 204 -5.64 24.86 -12.72
CA PHE A 204 -5.44 24.91 -14.15
C PHE A 204 -6.74 25.20 -14.90
N SER A 205 -7.65 25.97 -14.30
CA SER A 205 -8.95 26.19 -14.93
C SER A 205 -8.81 26.89 -16.27
N ILE A 206 -8.07 28.02 -16.29
CA ILE A 206 -8.01 28.84 -17.51
C ILE A 206 -7.42 28.04 -18.67
N CYS A 207 -6.47 27.15 -18.40
CA CYS A 207 -5.84 26.42 -19.50
C CYS A 207 -6.74 25.35 -20.11
N HIS A 208 -7.71 24.80 -19.34
CA HIS A 208 -8.54 23.69 -19.81
C HIS A 208 -9.33 24.03 -21.07
N SER A 209 -9.53 25.32 -21.35
CA SER A 209 -10.08 25.71 -22.63
C SER A 209 -9.06 25.49 -23.72
N LYS A 210 -7.80 25.80 -23.45
CA LYS A 210 -6.79 25.83 -24.50
C LYS A 210 -6.11 24.47 -24.70
N VAL A 211 -5.80 23.75 -23.61
CA VAL A 211 -5.10 22.48 -23.73
C VAL A 211 -5.81 21.41 -22.91
N ASP A 212 -6.20 20.30 -23.55
CA ASP A 212 -6.86 19.21 -22.86
C ASP A 212 -5.90 18.56 -21.89
N PRO A 213 -6.22 18.49 -20.59
CA PRO A 213 -5.25 17.98 -19.61
C PRO A 213 -5.23 16.46 -19.48
N LYS A 214 -6.00 15.70 -20.27
CA LYS A 214 -6.02 14.25 -20.10
C LYS A 214 -4.67 13.61 -20.39
N PRO A 215 -4.06 13.80 -21.55
CA PRO A 215 -2.81 13.10 -21.80
C PRO A 215 -1.74 13.43 -20.77
N PHE A 216 -1.68 14.70 -20.30
CA PHE A 216 -0.65 15.11 -19.35
C PHE A 216 -0.94 14.54 -17.97
N TYR A 217 -2.22 14.49 -17.59
CA TYR A 217 -2.62 13.86 -16.34
C TYR A 217 -2.26 12.38 -16.36
N GLU A 218 -2.58 11.70 -17.47
CA GLU A 218 -2.30 10.27 -17.59
C GLU A 218 -0.81 9.99 -17.58
N ALA A 219 -0.03 10.83 -18.27
CA ALA A 219 1.42 10.67 -18.16
C ALA A 219 1.95 11.10 -16.80
N CYS A 220 1.28 12.01 -16.11
CA CYS A 220 1.75 12.34 -14.77
C CYS A 220 1.56 11.14 -13.85
N VAL A 221 0.43 10.43 -14.00
CA VAL A 221 0.19 9.24 -13.19
C VAL A 221 1.15 8.12 -13.58
N HIS A 222 1.25 7.85 -14.90
CA HIS A 222 2.19 6.88 -15.45
C HIS A 222 3.51 6.98 -14.72
N ASP A 223 4.07 8.20 -14.72
CA ASP A 223 5.40 8.47 -14.21
C ASP A 223 5.46 8.40 -12.68
N SER A 224 4.38 8.73 -12.00
CA SER A 224 4.44 8.68 -10.56
C SER A 224 4.39 7.24 -10.09
N CYS A 225 3.70 6.36 -10.85
CA CYS A 225 3.82 4.92 -10.65
C CYS A 225 5.18 4.38 -11.13
N SER A 226 5.70 4.84 -12.29
CA SER A 226 6.97 4.28 -12.77
C SER A 226 8.22 4.81 -12.06
N CYS A 227 8.19 6.01 -11.45
CA CYS A 227 9.37 6.50 -10.72
C CYS A 227 9.45 5.85 -9.35
N ASP A 228 9.97 4.65 -9.34
CA ASP A 228 9.91 3.82 -8.15
C ASP A 228 11.27 3.42 -7.65
N THR A 229 12.29 4.17 -8.01
CA THR A 229 13.66 3.87 -7.65
C THR A 229 14.31 4.95 -6.80
N GLY A 230 13.57 6.03 -6.51
CA GLY A 230 14.10 7.27 -5.98
C GLY A 230 13.65 8.50 -6.77
N GLY A 231 13.30 9.53 -6.03
CA GLY A 231 13.04 10.81 -6.62
C GLY A 231 11.73 10.99 -7.35
N ASP A 232 10.62 10.48 -6.79
CA ASP A 232 9.36 10.59 -7.53
C ASP A 232 8.85 12.02 -7.59
N CYS A 233 9.25 12.84 -6.65
CA CYS A 233 8.85 14.25 -6.65
CA CYS A 233 8.74 14.19 -6.70
C CYS A 233 9.28 14.94 -7.93
N GLU A 234 10.48 14.59 -8.42
CA GLU A 234 10.94 15.25 -9.64
C GLU A 234 10.17 14.76 -10.85
N CYS A 235 9.68 13.52 -10.82
CA CYS A 235 8.91 13.03 -11.95
C CYS A 235 7.53 13.65 -11.95
N PHE A 236 6.99 13.85 -10.75
CA PHE A 236 5.70 14.50 -10.64
C PHE A 236 5.80 15.95 -11.07
N CYS A 237 6.79 16.66 -10.54
CA CYS A 237 6.91 18.07 -10.82
C CYS A 237 7.23 18.29 -12.29
N SER A 238 8.16 17.50 -12.83
CA SER A 238 8.42 17.58 -14.25
C SER A 238 7.13 17.45 -15.04
N ALA A 239 6.19 16.63 -14.56
CA ALA A 239 5.07 16.27 -15.39
C ALA A 239 4.00 17.33 -15.38
N VAL A 240 3.86 18.02 -14.25
CA VAL A 240 2.98 19.17 -14.16
C VAL A 240 3.55 20.31 -14.98
N ALA A 241 4.89 20.44 -14.98
CA ALA A 241 5.55 21.58 -15.60
C ALA A 241 5.42 21.56 -17.10
N SER A 242 5.44 20.35 -17.67
CA SER A 242 5.24 20.18 -19.11
C SER A 242 3.87 20.68 -19.53
N TYR A 243 2.84 20.43 -18.72
CA TYR A 243 1.51 20.94 -19.00
C TYR A 243 1.47 22.46 -18.91
N ALA A 244 1.83 23.01 -17.76
CA ALA A 244 2.03 24.43 -17.61
C ALA A 244 2.57 25.05 -18.89
N GLN A 245 3.72 24.56 -19.35
CA GLN A 245 4.30 25.08 -20.59
C GLN A 245 3.27 25.18 -21.72
N GLU A 246 2.69 24.05 -22.13
CA GLU A 246 1.69 24.12 -23.20
C GLU A 246 0.67 25.22 -22.95
N CYS A 247 0.24 25.38 -21.69
CA CYS A 247 -0.67 26.46 -21.35
C CYS A 247 -0.02 27.81 -21.67
N THR A 248 1.12 28.09 -21.03
CA THR A 248 1.76 29.38 -21.24
C THR A 248 2.00 29.66 -22.73
N LYS A 249 2.46 28.67 -23.46
CA LYS A 249 2.36 28.75 -24.91
C LYS A 249 0.92 29.15 -25.27
N GLU A 250 -0.08 28.23 -25.12
CA GLU A 250 -1.37 28.57 -25.77
C GLU A 250 -2.13 29.73 -25.07
N GLY A 251 -1.51 30.47 -24.16
CA GLY A 251 -2.03 31.73 -23.68
C GLY A 251 -2.31 31.80 -22.20
N ALA A 252 -2.35 30.65 -21.51
CA ALA A 252 -3.04 30.54 -20.22
C ALA A 252 -2.11 30.28 -19.05
N CYS A 253 -1.02 31.06 -18.95
CA CYS A 253 -0.05 30.90 -17.87
C CYS A 253 -0.72 30.72 -16.51
N VAL A 254 -0.26 29.72 -15.76
CA VAL A 254 -0.83 29.35 -14.48
C VAL A 254 0.25 29.38 -13.42
N PHE A 255 -0.06 29.93 -12.25
CA PHE A 255 0.90 29.93 -11.16
C PHE A 255 0.52 28.74 -10.30
N TRP A 256 1.05 27.58 -10.65
CA TRP A 256 0.72 26.34 -9.95
C TRP A 256 1.71 25.99 -8.84
N ARG A 257 2.83 26.64 -8.73
CA ARG A 257 3.80 26.20 -7.74
C ARG A 257 3.55 26.85 -6.38
N THR A 258 3.84 26.10 -5.32
CA THR A 258 3.63 26.57 -3.97
C THR A 258 4.69 25.97 -3.07
N PRO A 259 4.81 26.48 -1.84
CA PRO A 259 5.86 25.96 -0.95
C PRO A 259 5.68 24.51 -0.64
N ASP A 260 4.43 24.07 -0.66
CA ASP A 260 4.12 22.67 -0.41
C ASP A 260 4.17 21.81 -1.68
N LEU A 261 3.87 22.40 -2.85
CA LEU A 261 3.81 21.66 -4.11
C LEU A 261 4.87 22.18 -5.09
N CYS A 262 5.95 21.42 -5.26
CA CYS A 262 6.96 21.69 -6.28
C CYS A 262 7.66 23.03 -6.04
N PRO A 263 8.21 23.20 -4.83
CA PRO A 263 8.84 24.47 -4.48
C PRO A 263 10.07 24.75 -5.33
N ILE A 264 10.25 26.03 -5.67
CA ILE A 264 11.42 26.51 -6.38
C ILE A 264 12.10 27.59 -5.55
N PHE A 265 13.43 27.61 -5.56
CA PHE A 265 14.24 28.34 -4.57
C PHE A 265 15.10 29.43 -5.22
N CYS A 266 14.46 30.32 -5.99
CA CYS A 266 15.13 31.41 -6.67
C CYS A 266 15.91 32.34 -5.72
N ASP A 267 15.34 32.66 -4.57
CA ASP A 267 16.01 33.44 -3.54
C ASP A 267 17.44 32.94 -3.28
N TYR A 268 17.76 31.71 -3.62
CA TYR A 268 19.07 31.18 -3.22
C TYR A 268 20.18 31.94 -3.92
N TYR A 269 19.91 32.40 -5.14
CA TYR A 269 20.88 33.06 -5.99
C TYR A 269 21.08 34.53 -5.64
N ASN A 270 20.41 35.04 -4.59
CA ASN A 270 20.48 36.44 -4.23
C ASN A 270 21.70 36.72 -3.34
N PRO A 271 22.52 37.71 -3.68
CA PRO A 271 23.66 38.08 -2.79
C PRO A 271 23.16 38.62 -1.45
N PRO A 272 24.09 39.06 -0.57
CA PRO A 272 23.73 39.19 0.86
C PRO A 272 22.62 40.18 1.19
N HIS A 273 22.68 41.39 0.64
CA HIS A 273 21.68 42.44 0.89
C HIS A 273 21.10 42.88 -0.45
N GLU A 274 20.43 41.95 -1.13
CA GLU A 274 19.82 42.21 -2.42
C GLU A 274 18.54 41.38 -2.54
N CYS A 275 17.77 41.69 -3.58
CA CYS A 275 16.54 40.98 -3.87
C CYS A 275 16.36 40.91 -5.39
N GLU A 276 17.43 40.50 -6.07
CA GLU A 276 17.44 40.41 -7.52
C GLU A 276 16.50 39.32 -8.00
N TRP A 277 16.77 38.10 -7.60
CA TRP A 277 16.30 36.91 -8.26
C TRP A 277 14.92 36.46 -7.77
N HIS A 278 14.08 36.07 -8.71
CA HIS A 278 12.67 35.84 -8.45
C HIS A 278 12.09 34.77 -9.39
N TYR A 279 11.05 34.07 -8.92
CA TYR A 279 10.36 33.13 -9.77
C TYR A 279 9.38 33.86 -10.69
N GLU A 280 9.46 33.60 -11.99
CA GLU A 280 8.44 34.12 -12.88
C GLU A 280 7.80 32.88 -13.43
N PRO A 281 6.50 32.68 -13.26
CA PRO A 281 5.83 31.51 -13.83
C PRO A 281 5.61 31.60 -15.34
N CYS A 282 5.83 32.76 -15.96
CA CYS A 282 5.65 32.90 -17.39
C CYS A 282 6.79 33.66 -18.02
N GLY A 283 7.94 33.67 -17.39
CA GLY A 283 9.02 34.52 -17.85
C GLY A 283 8.59 35.98 -17.80
N ASN A 284 9.38 36.81 -18.46
CA ASN A 284 8.90 38.12 -18.85
C ASN A 284 9.54 38.41 -20.19
N ARG A 285 8.70 38.84 -21.14
CA ARG A 285 9.05 38.90 -22.56
C ARG A 285 10.21 39.85 -22.82
N SER A 286 10.24 41.00 -22.16
CA SER A 286 11.28 42.01 -22.29
C SER A 286 12.45 41.76 -21.33
N PHE A 287 12.91 40.52 -21.29
CA PHE A 287 14.08 40.12 -20.50
C PHE A 287 15.30 40.29 -21.40
N GLU A 288 16.16 41.22 -21.03
CA GLU A 288 17.37 41.48 -21.80
C GLU A 288 18.56 40.86 -21.07
N THR A 289 19.29 40.01 -21.78
CA THR A 289 20.60 39.54 -21.36
C THR A 289 21.61 39.95 -22.40
N CYS A 290 22.88 39.87 -22.01
CA CYS A 290 23.96 40.18 -22.95
C CYS A 290 23.89 39.30 -24.19
N ARG A 291 23.40 38.07 -24.05
CA ARG A 291 23.32 37.14 -25.16
C ARG A 291 22.06 37.26 -25.97
N THR A 292 20.96 37.70 -25.38
CA THR A 292 19.82 38.03 -26.21
C THR A 292 20.18 39.12 -27.22
N ILE A 293 21.06 40.05 -26.83
CA ILE A 293 21.34 41.24 -27.63
C ILE A 293 22.40 40.96 -28.70
N ASN A 294 23.47 40.24 -28.37
CA ASN A 294 24.58 40.05 -29.31
C ASN A 294 24.63 38.67 -29.97
N GLY A 295 23.68 37.79 -29.69
CA GLY A 295 23.62 36.50 -30.34
C GLY A 295 22.46 36.40 -31.32
N ILE A 296 21.99 35.17 -31.57
CA ILE A 296 20.98 34.93 -32.59
C ILE A 296 19.62 35.51 -32.18
N HIS A 297 18.88 35.99 -33.18
CA HIS A 297 17.73 36.88 -32.98
C HIS A 297 16.52 36.38 -33.76
N SER A 298 16.15 35.10 -33.61
CA SER A 298 15.16 34.55 -34.53
C SER A 298 13.75 35.05 -34.18
N ASN A 299 12.86 34.98 -35.19
CA ASN A 299 11.45 35.27 -35.04
C ASN A 299 10.80 34.50 -33.89
N ILE A 300 11.47 33.45 -33.40
CA ILE A 300 10.88 32.41 -32.58
C ILE A 300 11.18 32.67 -31.11
N SER A 301 10.13 32.76 -30.29
CA SER A 301 10.22 33.26 -28.92
C SER A 301 10.47 32.14 -27.92
N VAL A 302 11.35 32.40 -26.96
CA VAL A 302 11.56 31.54 -25.81
C VAL A 302 11.32 32.26 -24.49
N SER A 303 10.99 33.55 -24.52
CA SER A 303 10.91 34.35 -23.29
C SER A 303 10.02 33.70 -22.22
N TYR A 304 8.94 33.00 -22.64
CA TYR A 304 7.82 32.54 -21.82
C TYR A 304 8.13 31.39 -20.86
N LEU A 305 9.38 30.92 -20.76
CA LEU A 305 9.68 29.77 -19.93
C LEU A 305 9.76 30.13 -18.45
N GLU A 306 9.29 29.22 -17.60
CA GLU A 306 9.36 29.47 -16.15
C GLU A 306 10.78 29.36 -15.64
N GLY A 307 11.10 30.17 -14.64
CA GLY A 307 12.33 29.92 -13.91
C GLY A 307 12.60 31.05 -12.93
N CYS A 308 13.78 30.97 -12.33
CA CYS A 308 14.38 32.08 -11.63
C CYS A 308 15.01 33.08 -12.61
N TYR A 309 14.56 34.33 -12.56
CA TYR A 309 15.12 35.38 -13.38
C TYR A 309 15.64 36.50 -12.50
N PRO A 310 16.73 37.18 -12.89
CA PRO A 310 17.15 38.37 -12.16
C PRO A 310 16.47 39.64 -12.65
N ARG A 311 16.46 40.62 -11.78
CA ARG A 311 15.92 41.94 -12.07
C ARG A 311 17.11 42.88 -12.03
N CYS A 312 17.44 43.46 -13.15
CA CYS A 312 18.59 44.33 -13.09
C CYS A 312 18.17 45.79 -12.89
N PRO A 313 19.04 46.59 -12.28
CA PRO A 313 18.74 48.02 -12.07
C PRO A 313 18.71 48.82 -13.36
N LYS A 314 18.14 50.03 -13.26
CA LYS A 314 18.18 50.97 -14.39
C LYS A 314 19.61 51.27 -14.80
N ASP A 315 20.52 51.41 -13.82
CA ASP A 315 21.88 51.79 -14.15
C ASP A 315 22.67 50.66 -14.76
N ARG A 316 22.16 49.42 -14.78
CA ARG A 316 22.85 48.32 -15.45
C ARG A 316 21.83 47.29 -15.92
N PRO A 317 20.97 47.68 -16.86
CA PRO A 317 19.76 46.86 -17.14
C PRO A 317 20.01 45.46 -17.71
N ILE A 318 21.24 45.11 -18.09
CA ILE A 318 21.48 43.94 -18.95
C ILE A 318 22.16 42.85 -18.14
N TYR A 319 21.47 41.73 -17.93
CA TYR A 319 22.07 40.61 -17.23
C TYR A 319 23.09 39.91 -18.14
N GLU A 320 24.31 39.75 -17.63
CA GLU A 320 25.42 39.14 -18.37
C GLU A 320 25.60 37.71 -17.87
N GLU A 321 25.13 36.75 -18.68
CA GLU A 321 24.97 35.37 -18.21
C GLU A 321 26.26 34.80 -17.66
N ASP A 322 27.36 34.96 -18.38
CA ASP A 322 28.54 34.15 -18.13
C ASP A 322 29.22 34.51 -16.81
N LEU A 323 29.11 35.75 -16.37
CA LEU A 323 29.72 36.17 -15.11
C LEU A 323 28.67 36.49 -14.08
N LYS A 324 27.40 36.26 -14.41
CA LYS A 324 26.29 36.38 -13.46
C LYS A 324 26.30 37.74 -12.78
N LYS A 325 26.48 38.79 -13.59
CA LYS A 325 26.50 40.18 -13.13
C LYS A 325 25.61 41.04 -14.03
N CYS A 326 25.14 42.16 -13.48
CA CYS A 326 24.48 43.16 -14.30
C CYS A 326 25.50 44.20 -14.78
N VAL A 327 25.26 44.73 -15.98
CA VAL A 327 26.20 45.63 -16.63
C VAL A 327 25.48 46.49 -17.65
N THR A 328 26.20 47.48 -18.17
CA THR A 328 25.71 48.34 -19.24
C THR A 328 25.97 47.67 -20.59
N ALA A 329 25.04 47.88 -21.52
CA ALA A 329 25.08 47.10 -22.76
C ALA A 329 26.48 47.03 -23.36
N ASP A 330 27.30 48.09 -23.21
CA ASP A 330 28.63 48.17 -23.80
C ASP A 330 29.71 47.50 -22.96
N LYS A 331 29.37 46.96 -21.79
CA LYS A 331 30.33 46.22 -20.97
C LYS A 331 30.01 44.73 -20.92
N CYS A 332 29.12 44.27 -21.79
CA CYS A 332 28.87 42.84 -21.98
C CYS A 332 30.15 42.06 -22.23
N GLY A 333 30.84 42.38 -23.31
CA GLY A 333 31.95 41.58 -23.74
C GLY A 333 31.70 41.14 -25.16
N CYS A 334 32.45 40.14 -25.58
CA CYS A 334 32.46 39.70 -26.96
C CYS A 334 32.01 38.25 -27.03
N TYR A 335 31.35 37.92 -28.14
CA TYR A 335 30.95 36.55 -28.43
C TYR A 335 31.57 36.12 -29.77
N VAL A 336 32.37 35.07 -29.75
CA VAL A 336 33.00 34.52 -30.93
C VAL A 336 32.87 33.00 -30.86
N GLU A 337 32.03 32.43 -31.72
CA GLU A 337 31.77 30.98 -31.68
C GLU A 337 31.14 30.62 -30.34
N ASP A 338 30.13 31.40 -29.96
CA ASP A 338 29.39 31.19 -28.71
C ASP A 338 30.29 31.11 -27.48
N THR A 339 31.44 31.79 -27.51
CA THR A 339 32.35 31.85 -26.37
C THR A 339 32.47 33.29 -25.94
N HIS A 340 32.36 33.54 -24.64
CA HIS A 340 32.30 34.90 -24.12
C HIS A 340 33.69 35.36 -23.70
N TYR A 341 34.16 36.48 -24.29
CA TYR A 341 35.34 37.15 -23.79
C TYR A 341 34.93 38.47 -23.15
N PRO A 342 35.49 38.81 -22.00
CA PRO A 342 35.11 40.05 -21.36
C PRO A 342 35.84 41.24 -21.96
N PRO A 343 35.39 42.46 -21.69
CA PRO A 343 36.18 43.62 -22.12
C PRO A 343 37.60 43.48 -21.60
N GLY A 344 38.55 43.90 -22.44
CA GLY A 344 39.97 43.77 -22.12
C GLY A 344 40.61 42.44 -22.48
N ALA A 345 39.82 41.36 -22.44
CA ALA A 345 40.38 40.06 -22.75
C ALA A 345 40.92 40.03 -24.18
N SER A 346 41.76 39.04 -24.46
CA SER A 346 42.35 38.82 -25.76
C SER A 346 41.63 37.68 -26.46
N VAL A 347 41.23 37.90 -27.70
CA VAL A 347 40.45 36.94 -28.46
C VAL A 347 41.37 36.15 -29.40
N PRO A 348 41.28 34.83 -29.44
CA PRO A 348 42.25 34.03 -30.20
C PRO A 348 42.00 34.05 -31.69
N THR A 349 43.01 33.59 -32.42
CA THR A 349 43.08 33.78 -33.87
C THR A 349 43.95 32.70 -34.51
N GLU A 350 43.30 31.79 -35.24
CA GLU A 350 44.03 30.87 -36.11
C GLU A 350 44.44 31.61 -37.39
N GLU A 351 44.75 32.91 -37.26
CA GLU A 351 45.27 33.75 -38.34
C GLU A 351 46.70 34.14 -38.01
N THR A 352 47.42 34.59 -39.04
CA THR A 352 48.88 34.64 -39.04
C THR A 352 49.36 36.09 -38.95
N CYS A 353 50.17 36.40 -37.93
CA CYS A 353 50.67 37.74 -37.59
C CYS A 353 49.59 38.71 -37.08
N LYS A 354 48.35 38.25 -36.94
CA LYS A 354 47.18 39.06 -36.60
C LYS A 354 46.80 38.79 -35.16
N SER A 355 47.03 39.76 -34.27
CA SER A 355 46.56 39.67 -32.88
C SER A 355 45.21 40.35 -32.72
N CYS A 356 44.47 39.98 -31.67
CA CYS A 356 43.13 40.51 -31.48
C CYS A 356 42.85 40.74 -30.00
N VAL A 357 41.80 41.53 -29.75
CA VAL A 357 41.42 41.95 -28.40
C VAL A 357 39.93 42.24 -28.41
N CYS A 358 39.28 41.97 -27.29
CA CYS A 358 37.93 42.47 -27.02
C CYS A 358 38.14 43.75 -26.27
N THR A 359 37.56 44.85 -26.75
CA THR A 359 37.89 46.16 -26.20
C THR A 359 37.11 46.40 -24.91
N ASN A 360 37.37 47.55 -24.27
CA ASN A 360 36.53 47.99 -23.16
C ASN A 360 35.17 48.51 -23.63
N SER A 361 34.78 48.19 -24.88
CA SER A 361 33.44 48.55 -25.35
C SER A 361 32.76 47.42 -26.10
N SER A 362 33.25 46.17 -25.94
CA SER A 362 32.51 44.98 -26.36
C SER A 362 32.49 44.85 -27.87
N GLN A 363 33.58 45.29 -28.47
CA GLN A 363 33.91 45.09 -29.87
C GLN A 363 35.22 44.30 -29.95
N VAL A 364 35.33 43.45 -30.97
CA VAL A 364 36.56 42.69 -31.19
C VAL A 364 37.30 43.32 -32.37
N VAL A 365 38.53 43.80 -32.10
CA VAL A 365 39.34 44.49 -33.11
C VAL A 365 40.76 43.95 -33.07
N CYS A 366 41.39 43.89 -34.25
CA CYS A 366 42.67 43.22 -34.43
C CYS A 366 43.76 44.16 -34.95
N ARG A 367 45.01 43.75 -34.73
CA ARG A 367 46.22 44.54 -34.95
C ARG A 367 47.30 43.64 -35.53
N PRO A 368 48.01 44.05 -36.58
CA PRO A 368 49.06 43.19 -37.14
C PRO A 368 50.34 43.35 -36.32
N GLU A 369 51.25 42.42 -36.55
CA GLU A 369 52.52 42.40 -35.85
C GLU A 369 53.64 42.27 -36.87
N GLU A 370 54.55 43.25 -36.90
CA GLU A 370 55.61 43.27 -37.91
C GLU A 370 56.92 42.61 -37.43
N GLY A 371 56.82 41.39 -36.89
CA GLY A 371 57.97 40.69 -36.33
C GLY A 371 58.30 39.35 -36.98
N PHE A 382 58.74 38.13 -42.72
CA PHE A 382 58.12 39.28 -42.04
C PHE A 382 56.66 39.48 -42.53
N CYS A 383 55.92 40.35 -41.82
CA CYS A 383 54.51 40.61 -42.13
C CYS A 383 54.12 42.04 -41.70
N TYR A 384 53.31 42.72 -42.54
CA TYR A 384 52.91 44.11 -42.29
C TYR A 384 51.40 44.29 -42.48
N TRP A 385 50.94 45.54 -42.48
CA TRP A 385 49.49 45.85 -42.43
C TRP A 385 48.58 45.03 -43.40
N ALA B 1 11.40 -45.39 11.83
CA ALA B 1 10.05 -44.78 11.77
C ALA B 1 9.87 -43.98 10.46
N PRO B 2 8.61 -43.93 9.98
CA PRO B 2 8.35 -43.45 8.61
C PRO B 2 9.02 -42.12 8.31
N GLY B 3 9.55 -42.05 7.10
CA GLY B 3 9.98 -40.78 6.52
C GLY B 3 8.81 -40.06 5.86
N THR B 4 8.78 -38.75 6.05
CA THR B 4 7.72 -37.93 5.52
C THR B 4 8.34 -36.92 4.56
N CYS B 5 7.73 -36.76 3.41
CA CYS B 5 8.12 -35.74 2.44
C CYS B 5 6.92 -34.84 2.27
N SER B 6 7.15 -33.53 2.23
CA SER B 6 6.06 -32.57 2.19
C SER B 6 6.21 -31.71 0.94
N ILE B 7 5.11 -31.53 0.23
CA ILE B 7 5.03 -30.67 -0.94
C ILE B 7 3.79 -29.84 -0.73
N TYR B 8 3.94 -28.51 -0.71
CA TYR B 8 2.79 -27.70 -0.36
C TYR B 8 2.93 -26.26 -0.82
N GLY B 9 1.78 -25.64 -1.01
CA GLY B 9 1.78 -24.23 -1.29
C GLY B 9 2.22 -23.92 -2.71
N SER B 10 2.86 -22.77 -2.86
CA SER B 10 3.37 -22.32 -4.15
C SER B 10 4.88 -22.50 -4.19
N GLY B 11 5.28 -23.76 -4.30
CA GLY B 11 6.63 -24.12 -4.61
C GLY B 11 7.44 -24.64 -3.46
N HIS B 12 6.82 -25.06 -2.37
CA HIS B 12 7.58 -25.40 -1.17
C HIS B 12 7.76 -26.91 -1.05
N TYR B 13 8.95 -27.30 -0.59
CA TYR B 13 9.35 -28.70 -0.57
C TYR B 13 10.06 -28.99 0.73
N ILE B 14 9.75 -30.13 1.32
CA ILE B 14 10.55 -30.69 2.40
C ILE B 14 10.82 -32.15 2.09
N THR B 15 12.11 -32.51 2.07
CA THR B 15 12.56 -33.85 1.76
C THR B 15 12.47 -34.74 2.99
N PHE B 16 12.54 -36.05 2.75
CA PHE B 16 12.43 -37.02 3.83
C PHE B 16 13.44 -36.74 4.93
N ASP B 17 14.58 -36.19 4.55
CA ASP B 17 15.71 -35.96 5.45
C ASP B 17 15.77 -34.53 5.93
N GLY B 18 14.86 -33.69 5.46
CA GLY B 18 14.60 -32.41 6.06
C GLY B 18 15.13 -31.21 5.34
N LYS B 19 15.34 -31.28 4.04
CA LYS B 19 15.85 -30.13 3.33
C LYS B 19 14.66 -29.27 2.97
N TYR B 20 14.72 -28.00 3.32
CA TYR B 20 13.71 -27.02 2.95
C TYR B 20 14.19 -26.28 1.70
N TYR B 21 13.32 -26.18 0.69
CA TYR B 21 13.67 -25.47 -0.54
C TYR B 21 12.41 -25.14 -1.32
N ASP B 22 12.48 -24.05 -2.09
CA ASP B 22 11.43 -23.71 -3.04
C ASP B 22 11.87 -24.09 -4.45
N PHE B 23 10.89 -24.34 -5.31
CA PHE B 23 11.06 -24.75 -6.69
C PHE B 23 9.74 -24.59 -7.39
N ASP B 24 9.71 -23.82 -8.47
CA ASP B 24 8.47 -23.43 -9.10
C ASP B 24 8.46 -23.86 -10.55
N GLY B 25 8.66 -25.15 -10.76
CA GLY B 25 8.65 -25.70 -12.10
C GLY B 25 7.25 -25.77 -12.64
N HIS B 26 7.10 -25.39 -13.90
CA HIS B 26 5.80 -25.26 -14.53
C HIS B 26 5.29 -26.57 -15.11
N CYS B 27 5.94 -27.71 -14.78
CA CYS B 27 5.76 -29.00 -15.44
C CYS B 27 5.27 -30.11 -14.49
N SER B 28 5.54 -31.39 -14.72
CA SER B 28 5.23 -32.41 -13.73
C SER B 28 6.51 -33.12 -13.29
N TYR B 29 6.67 -33.37 -12.01
CA TYR B 29 7.97 -33.81 -11.52
C TYR B 29 7.86 -35.08 -10.67
N VAL B 30 8.98 -35.79 -10.59
CA VAL B 30 9.07 -37.01 -9.80
C VAL B 30 9.24 -36.59 -8.36
N ALA B 31 8.19 -36.76 -7.55
CA ALA B 31 8.31 -36.49 -6.13
C ALA B 31 9.18 -37.52 -5.45
N VAL B 32 8.92 -38.80 -5.68
CA VAL B 32 9.73 -39.87 -5.08
C VAL B 32 9.57 -41.15 -5.91
N GLN B 33 10.68 -41.90 -6.05
CA GLN B 33 10.61 -43.22 -6.68
C GLN B 33 11.85 -44.04 -6.30
N ASP B 34 11.78 -45.35 -6.56
CA ASP B 34 12.92 -46.25 -6.32
C ASP B 34 13.64 -46.68 -7.62
N TYR B 35 13.10 -46.31 -8.80
CA TYR B 35 13.84 -46.35 -10.05
C TYR B 35 15.03 -45.40 -10.04
N CYS B 36 16.12 -45.77 -9.36
CA CYS B 36 17.23 -44.83 -9.15
C CYS B 36 18.61 -45.35 -9.51
N GLY B 37 18.83 -46.66 -9.57
CA GLY B 37 20.16 -47.22 -9.71
C GLY B 37 20.76 -46.85 -11.05
N GLN B 38 21.87 -47.54 -11.37
CA GLN B 38 22.43 -47.43 -12.72
C GLN B 38 21.44 -47.91 -13.77
N ASN B 39 20.41 -48.64 -13.35
CA ASN B 39 19.44 -49.25 -14.26
C ASN B 39 18.07 -48.57 -14.15
N SER B 40 17.51 -48.21 -15.30
CA SER B 40 16.20 -47.55 -15.30
C SER B 40 15.14 -48.49 -14.77
N SER B 41 15.03 -49.68 -15.37
CA SER B 41 13.86 -50.53 -15.18
C SER B 41 13.75 -51.13 -13.79
N LEU B 42 14.76 -50.95 -12.94
CA LEU B 42 14.75 -51.56 -11.61
C LEU B 42 14.05 -50.62 -10.64
N GLY B 43 12.78 -50.92 -10.35
CA GLY B 43 12.12 -50.30 -9.23
C GLY B 43 10.71 -50.80 -9.05
N SER B 44 9.97 -50.09 -8.24
CA SER B 44 8.68 -50.54 -7.79
C SER B 44 7.56 -49.53 -7.98
N PHE B 45 7.80 -48.26 -7.65
CA PHE B 45 6.78 -47.23 -7.66
C PHE B 45 7.40 -45.89 -8.04
N SER B 46 6.53 -44.95 -8.40
CA SER B 46 6.94 -43.55 -8.50
C SER B 46 5.72 -42.69 -8.28
N ILE B 47 5.92 -41.61 -7.51
CA ILE B 47 4.88 -40.63 -7.22
C ILE B 47 5.24 -39.30 -7.89
N ILE B 48 4.31 -38.80 -8.69
CA ILE B 48 4.52 -37.63 -9.53
C ILE B 48 3.62 -36.52 -9.03
N THR B 49 4.18 -35.33 -8.85
CA THR B 49 3.39 -34.12 -8.67
C THR B 49 3.29 -33.35 -9.99
N GLU B 50 2.10 -32.83 -10.25
CA GLU B 50 1.75 -32.13 -11.49
C GLU B 50 1.46 -30.67 -11.13
N ASN B 51 2.43 -29.80 -11.34
CA ASN B 51 2.35 -28.42 -10.89
C ASN B 51 1.78 -27.51 -11.97
N VAL B 52 1.35 -26.32 -11.57
CA VAL B 52 0.72 -25.39 -12.49
C VAL B 52 0.89 -23.97 -11.98
N PRO B 53 1.20 -23.02 -12.83
CA PRO B 53 1.36 -21.63 -12.37
C PRO B 53 0.12 -21.22 -11.58
N CYS B 54 0.36 -20.59 -10.44
CA CYS B 54 -0.72 -20.10 -9.56
C CYS B 54 -0.37 -18.65 -9.14
N GLY B 55 -1.17 -17.70 -9.62
CA GLY B 55 -0.85 -16.29 -9.49
C GLY B 55 -0.20 -15.72 -10.73
N THR B 56 0.28 -14.50 -10.55
CA THR B 56 0.92 -13.77 -11.61
C THR B 56 2.42 -13.73 -11.44
N THR B 57 2.92 -14.10 -10.26
CA THR B 57 4.31 -13.82 -9.91
C THR B 57 5.28 -14.75 -10.60
N GLY B 58 4.83 -15.88 -11.10
CA GLY B 58 5.71 -16.96 -11.49
C GLY B 58 5.65 -18.23 -10.66
N VAL B 59 5.06 -18.18 -9.46
CA VAL B 59 5.11 -19.37 -8.63
C VAL B 59 4.19 -20.45 -9.22
N THR B 60 4.48 -21.68 -8.85
CA THR B 60 3.70 -22.83 -9.28
C THR B 60 3.26 -23.64 -8.08
N CYS B 61 2.14 -24.32 -8.26
CA CYS B 61 1.42 -25.02 -7.22
C CYS B 61 1.14 -26.45 -7.64
N SER B 62 1.17 -27.40 -6.70
CA SER B 62 0.76 -28.74 -7.07
C SER B 62 -0.74 -28.78 -7.29
N LYS B 63 -1.16 -29.45 -8.38
CA LYS B 63 -2.54 -29.55 -8.83
C LYS B 63 -3.09 -30.96 -8.79
N ALA B 64 -2.26 -31.95 -9.14
CA ALA B 64 -2.66 -33.34 -9.23
C ALA B 64 -1.45 -34.19 -8.91
N ILE B 65 -1.70 -35.44 -8.48
CA ILE B 65 -0.68 -36.39 -8.09
C ILE B 65 -0.88 -37.69 -8.85
N LYS B 66 0.18 -38.21 -9.44
CA LYS B 66 0.15 -39.46 -10.17
C LYS B 66 0.84 -40.52 -9.33
N ILE B 67 0.16 -41.63 -9.06
CA ILE B 67 0.74 -42.73 -8.28
C ILE B 67 0.93 -43.93 -9.22
N PHE B 68 2.17 -44.44 -9.29
CA PHE B 68 2.51 -45.67 -9.99
C PHE B 68 2.94 -46.71 -8.98
N MET B 69 2.21 -47.83 -8.91
CA MET B 69 2.59 -49.01 -8.12
C MET B 69 2.58 -50.18 -9.10
N GLY B 70 3.75 -50.69 -9.42
CA GLY B 70 3.87 -51.60 -10.54
C GLY B 70 3.35 -50.99 -11.83
N ARG B 71 2.50 -51.75 -12.51
CA ARG B 71 1.84 -51.29 -13.72
C ARG B 71 0.55 -50.56 -13.41
N THR B 72 0.23 -50.45 -12.11
CA THR B 72 -0.96 -49.76 -11.63
C THR B 72 -0.74 -48.26 -11.56
N GLU B 73 -1.65 -47.48 -12.16
CA GLU B 73 -1.54 -46.03 -12.23
C GLU B 73 -2.83 -45.42 -11.71
N LEU B 74 -2.72 -44.78 -10.53
CA LEU B 74 -3.76 -43.97 -9.91
C LEU B 74 -3.54 -42.48 -10.19
N LYS B 75 -4.61 -41.69 -10.02
CA LYS B 75 -4.49 -40.22 -10.05
C LYS B 75 -5.43 -39.55 -9.06
N LEU B 76 -4.84 -38.60 -8.31
CA LEU B 76 -5.57 -37.71 -7.40
C LEU B 76 -5.75 -36.41 -8.17
N GLU B 77 -6.96 -36.10 -8.58
CA GLU B 77 -7.24 -34.92 -9.37
C GLU B 77 -8.70 -34.58 -9.12
N ASP B 78 -9.06 -33.31 -9.26
CA ASP B 78 -10.42 -32.85 -8.99
C ASP B 78 -11.00 -33.57 -7.77
N LYS B 79 -10.20 -33.63 -6.70
CA LYS B 79 -10.63 -34.11 -5.40
C LYS B 79 -10.96 -35.60 -5.35
N HIS B 80 -10.84 -36.32 -6.44
CA HIS B 80 -11.10 -37.75 -6.47
C HIS B 80 -9.82 -38.54 -6.62
N ARG B 81 -9.92 -39.84 -6.40
CA ARG B 81 -8.88 -40.78 -6.81
C ARG B 81 -9.49 -41.58 -7.94
N VAL B 82 -8.93 -41.44 -9.12
CA VAL B 82 -9.35 -42.22 -10.27
C VAL B 82 -8.28 -43.28 -10.54
N VAL B 83 -8.76 -44.47 -10.93
CA VAL B 83 -7.88 -45.52 -11.43
C VAL B 83 -7.78 -45.34 -12.94
N ILE B 84 -6.55 -45.37 -13.45
CA ILE B 84 -6.26 -45.05 -14.83
C ILE B 84 -5.83 -46.29 -15.61
N GLN B 85 -4.99 -47.13 -14.99
CA GLN B 85 -4.75 -48.48 -15.48
C GLN B 85 -4.48 -49.37 -14.28
N ARG B 86 -5.18 -50.50 -14.22
CA ARG B 86 -5.12 -51.44 -13.09
C ARG B 86 -5.19 -52.84 -13.65
N ASP B 87 -4.09 -53.58 -13.52
CA ASP B 87 -4.07 -55.02 -13.77
C ASP B 87 -5.12 -55.73 -12.93
N GLU B 88 -6.40 -55.71 -13.34
CA GLU B 88 -7.52 -56.00 -12.44
C GLU B 88 -7.53 -57.42 -11.87
N GLY B 89 -6.35 -57.96 -11.56
CA GLY B 89 -6.19 -59.29 -11.00
C GLY B 89 -4.86 -59.39 -10.25
N HIS B 90 -3.75 -59.57 -10.99
CA HIS B 90 -2.40 -59.49 -10.42
C HIS B 90 -2.06 -58.01 -10.20
N HIS B 91 -2.61 -57.46 -9.11
CA HIS B 91 -2.47 -56.06 -8.73
C HIS B 91 -1.47 -55.91 -7.59
N VAL B 92 -1.48 -54.73 -6.98
CA VAL B 92 -0.82 -54.45 -5.72
C VAL B 92 -1.91 -53.98 -4.78
N ALA B 93 -1.72 -54.21 -3.49
CA ALA B 93 -2.75 -53.91 -2.52
C ALA B 93 -2.61 -52.45 -2.09
N TYR B 94 -3.68 -51.69 -2.27
CA TYR B 94 -3.74 -50.32 -1.80
C TYR B 94 -5.15 -50.03 -1.30
N THR B 95 -5.26 -49.00 -0.48
CA THR B 95 -6.53 -48.58 0.09
C THR B 95 -6.73 -47.12 -0.23
N THR B 96 -7.97 -46.70 -0.26
CA THR B 96 -8.28 -45.27 -0.43
C THR B 96 -9.36 -44.87 0.57
N ARG B 97 -9.08 -43.85 1.36
CA ARG B 97 -10.07 -43.30 2.27
C ARG B 97 -9.99 -41.79 2.35
N GLU B 98 -11.15 -41.12 2.35
CA GLU B 98 -11.26 -39.75 2.85
C GLU B 98 -11.08 -39.75 4.37
N VAL B 99 -10.03 -39.14 4.88
CA VAL B 99 -9.85 -39.12 6.34
C VAL B 99 -9.43 -37.72 6.76
N GLY B 100 -10.14 -37.18 7.72
CA GLY B 100 -10.08 -35.75 7.94
C GLY B 100 -10.26 -35.03 6.62
N GLN B 101 -9.50 -33.94 6.46
CA GLN B 101 -9.51 -33.07 5.30
C GLN B 101 -8.82 -33.67 4.08
N TYR B 102 -8.34 -34.89 4.16
CA TYR B 102 -7.43 -35.43 3.18
C TYR B 102 -8.05 -36.65 2.52
N LEU B 103 -7.57 -36.92 1.31
CA LEU B 103 -7.72 -38.17 0.61
C LEU B 103 -6.45 -38.96 0.85
N VAL B 104 -6.57 -40.17 1.41
CA VAL B 104 -5.40 -40.98 1.66
C VAL B 104 -5.42 -42.21 0.77
N VAL B 105 -4.26 -42.56 0.27
CA VAL B 105 -4.04 -43.74 -0.54
C VAL B 105 -2.90 -44.47 0.15
N GLU B 106 -3.15 -45.69 0.64
CA GLU B 106 -2.14 -46.44 1.37
C GLU B 106 -1.93 -47.83 0.75
N SER B 107 -0.68 -48.20 0.56
CA SER B 107 -0.37 -49.47 -0.07
C SER B 107 -0.01 -50.51 0.99
N SER B 108 -0.10 -51.78 0.59
CA SER B 108 0.42 -52.87 1.40
C SER B 108 1.92 -52.95 1.37
N THR B 109 2.60 -52.06 0.64
CA THR B 109 4.03 -52.15 0.46
C THR B 109 4.77 -51.00 1.13
N GLY B 110 4.12 -50.27 2.05
CA GLY B 110 4.80 -49.26 2.84
C GLY B 110 4.80 -47.84 2.27
N ILE B 111 3.77 -47.47 1.50
CA ILE B 111 3.67 -46.18 0.82
C ILE B 111 2.34 -45.53 1.23
N ILE B 112 2.41 -44.25 1.61
CA ILE B 112 1.22 -43.47 1.95
C ILE B 112 1.30 -42.13 1.21
N VAL B 113 0.19 -41.77 0.56
CA VAL B 113 -0.01 -40.49 -0.11
C VAL B 113 -1.19 -39.80 0.60
N ILE B 114 -0.90 -38.70 1.27
CA ILE B 114 -1.92 -37.90 1.95
C ILE B 114 -2.11 -36.61 1.15
N TRP B 115 -3.28 -36.42 0.54
CA TRP B 115 -3.58 -35.27 -0.33
C TRP B 115 -4.72 -34.46 0.26
N ASP B 116 -4.59 -33.13 0.39
CA ASP B 116 -5.71 -32.34 0.85
C ASP B 116 -6.63 -31.85 -0.27
N LYS B 117 -6.55 -32.41 -1.47
CA LYS B 117 -7.38 -32.05 -2.61
C LYS B 117 -7.13 -30.62 -3.12
N ARG B 118 -6.04 -29.99 -2.70
CA ARG B 118 -5.71 -28.64 -3.12
C ARG B 118 -4.29 -28.63 -3.64
N THR B 119 -3.34 -28.21 -2.79
CA THR B 119 -1.95 -28.05 -3.22
C THR B 119 -1.00 -28.75 -2.27
N THR B 120 -1.50 -29.58 -1.38
CA THR B 120 -0.65 -30.19 -0.38
C THR B 120 -0.64 -31.70 -0.52
N VAL B 121 0.55 -32.27 -0.49
CA VAL B 121 0.68 -33.71 -0.46
C VAL B 121 1.83 -34.02 0.50
N PHE B 122 1.55 -34.91 1.44
CA PHE B 122 2.54 -35.54 2.29
C PHE B 122 2.70 -36.97 1.83
N ILE B 123 3.95 -37.41 1.67
CA ILE B 123 4.29 -38.76 1.22
C ILE B 123 5.11 -39.45 2.30
N LYS B 124 4.67 -40.64 2.70
CA LYS B 124 5.30 -41.31 3.84
C LYS B 124 5.76 -42.70 3.43
N LEU B 125 7.00 -43.02 3.79
CA LEU B 125 7.67 -44.21 3.29
C LEU B 125 8.20 -45.03 4.44
N ALA B 126 7.85 -46.32 4.43
CA ALA B 126 8.34 -47.25 5.44
C ALA B 126 9.86 -47.28 5.46
N PRO B 127 10.47 -47.45 6.63
CA PRO B 127 11.92 -47.31 6.74
C PRO B 127 12.72 -48.22 5.82
N SER B 128 12.09 -49.17 5.14
CA SER B 128 12.87 -50.03 4.26
C SER B 128 13.37 -49.24 3.07
N TYR B 129 12.56 -48.34 2.57
CA TYR B 129 12.98 -47.57 1.41
C TYR B 129 14.18 -46.68 1.69
N LYS B 130 14.60 -46.53 2.95
CA LYS B 130 15.78 -45.75 3.29
C LYS B 130 16.92 -46.04 2.32
N GLY B 131 17.30 -45.02 1.55
CA GLY B 131 18.48 -45.06 0.69
C GLY B 131 18.24 -45.55 -0.71
N THR B 132 17.00 -45.83 -1.08
CA THR B 132 16.68 -46.45 -2.35
C THR B 132 15.70 -45.63 -3.17
N VAL B 133 15.44 -44.39 -2.76
CA VAL B 133 14.50 -43.51 -3.44
C VAL B 133 15.24 -42.27 -3.94
N CYS B 134 14.62 -41.61 -4.89
CA CYS B 134 15.18 -40.45 -5.58
C CYS B 134 14.03 -39.58 -6.08
N GLY B 135 14.34 -38.33 -6.35
CA GLY B 135 13.38 -37.38 -6.85
C GLY B 135 13.47 -36.09 -6.05
N LEU B 136 12.42 -35.25 -6.14
CA LEU B 136 12.39 -33.99 -5.39
C LEU B 136 12.49 -34.23 -3.89
N CYS B 137 11.98 -35.36 -3.40
CA CYS B 137 12.00 -35.62 -1.98
C CYS B 137 13.34 -36.13 -1.50
N GLY B 138 14.26 -36.42 -2.39
CA GLY B 138 15.56 -36.90 -1.94
C GLY B 138 15.61 -38.41 -1.83
N ASN B 139 16.56 -38.90 -1.04
CA ASN B 139 16.87 -40.33 -0.98
C ASN B 139 16.69 -40.97 0.39
N PHE B 140 16.12 -40.25 1.37
CA PHE B 140 15.68 -40.86 2.63
C PHE B 140 16.83 -41.57 3.33
N ASP B 141 18.00 -40.94 3.34
CA ASP B 141 19.17 -41.52 4.02
C ASP B 141 19.65 -40.63 5.15
N HIS B 142 18.71 -40.07 5.91
CA HIS B 142 18.96 -39.27 7.11
C HIS B 142 20.19 -38.40 6.95
N ARG B 143 20.36 -37.82 5.77
CA ARG B 143 21.47 -36.92 5.46
C ARG B 143 20.94 -35.80 4.57
N SER B 144 21.30 -34.56 4.91
CA SER B 144 20.62 -33.41 4.33
C SER B 144 21.39 -32.75 3.20
N ASN B 145 22.71 -32.96 3.11
CA ASN B 145 23.57 -32.30 2.14
C ASN B 145 23.74 -33.11 0.86
N ASN B 146 22.88 -34.09 0.64
CA ASN B 146 22.93 -34.83 -0.61
C ASN B 146 21.53 -35.02 -1.17
N ASP B 147 20.53 -34.31 -0.66
CA ASP B 147 19.19 -34.48 -1.21
C ASP B 147 19.11 -33.97 -2.64
N PHE B 148 19.90 -32.96 -2.97
CA PHE B 148 19.92 -32.40 -4.33
C PHE B 148 20.75 -33.27 -5.29
N THR B 149 20.27 -34.48 -5.51
CA THR B 149 20.95 -35.37 -6.43
C THR B 149 20.06 -35.55 -7.65
N THR B 150 20.59 -35.13 -8.80
CA THR B 150 19.85 -35.13 -10.05
C THR B 150 19.65 -36.56 -10.57
N ARG B 151 18.86 -36.65 -11.63
CA ARG B 151 18.63 -37.94 -12.27
C ARG B 151 19.93 -38.61 -12.65
N ASP B 152 20.87 -37.83 -13.18
CA ASP B 152 22.20 -38.28 -13.53
C ASP B 152 23.11 -38.45 -12.34
N HIS B 153 22.58 -38.54 -11.13
CA HIS B 153 23.38 -38.89 -9.95
C HIS B 153 24.46 -37.86 -9.69
N MET B 154 24.09 -36.59 -9.78
CA MET B 154 24.99 -35.49 -9.51
C MET B 154 24.47 -34.70 -8.31
N VAL B 155 25.36 -34.38 -7.38
CA VAL B 155 25.03 -33.50 -6.28
C VAL B 155 25.20 -32.07 -6.74
N VAL B 156 24.20 -31.24 -6.48
CA VAL B 156 24.20 -29.89 -7.01
C VAL B 156 23.81 -28.93 -5.90
N SER B 157 24.21 -27.69 -6.09
CA SER B 157 23.79 -26.62 -5.19
C SER B 157 22.46 -26.01 -5.61
N SER B 158 22.13 -26.11 -6.90
CA SER B 158 21.03 -25.35 -7.47
C SER B 158 19.71 -26.12 -7.38
N GLU B 159 18.74 -25.51 -6.66
CA GLU B 159 17.39 -26.03 -6.65
C GLU B 159 16.82 -26.11 -8.06
N LEU B 160 17.16 -25.17 -8.92
CA LEU B 160 16.59 -25.18 -10.27
C LEU B 160 17.19 -26.30 -11.12
N ASP B 161 18.51 -26.44 -11.08
CA ASP B 161 19.15 -27.56 -11.77
C ASP B 161 18.65 -28.89 -11.22
N PHE B 162 18.50 -28.97 -9.91
CA PHE B 162 17.92 -30.14 -9.25
C PHE B 162 16.49 -30.37 -9.76
N GLY B 163 15.56 -29.47 -9.45
CA GLY B 163 14.18 -29.67 -9.84
C GLY B 163 13.98 -30.04 -11.30
N ASN B 164 14.66 -29.36 -12.19
CA ASN B 164 14.37 -29.53 -13.61
C ASN B 164 14.76 -30.92 -14.09
N SER B 165 15.72 -31.55 -13.40
CA SER B 165 16.22 -32.86 -13.78
C SER B 165 15.21 -33.95 -13.49
N TRP B 166 14.34 -33.70 -12.52
CA TRP B 166 13.33 -34.64 -12.10
C TRP B 166 12.03 -34.41 -12.84
N LYS B 167 12.15 -33.67 -13.93
CA LYS B 167 11.09 -33.51 -14.90
C LYS B 167 10.53 -34.85 -15.34
N GLU B 168 9.21 -34.90 -15.57
CA GLU B 168 8.61 -36.13 -16.02
C GLU B 168 8.06 -36.07 -17.42
N ALA B 169 7.68 -34.90 -17.92
CA ALA B 169 7.38 -34.78 -19.33
C ALA B 169 8.49 -33.97 -19.96
N PRO B 170 9.24 -34.50 -20.91
CA PRO B 170 10.46 -33.80 -21.31
C PRO B 170 10.21 -32.64 -22.24
N THR B 171 9.03 -32.48 -22.80
CA THR B 171 8.82 -31.30 -23.60
C THR B 171 8.48 -30.05 -22.78
N CYS B 172 8.41 -30.11 -21.35
CA CYS B 172 8.19 -28.86 -20.62
C CYS B 172 9.48 -28.09 -20.52
N PRO B 173 9.37 -26.78 -20.44
CA PRO B 173 10.55 -25.94 -20.35
C PRO B 173 11.18 -26.02 -18.98
N ASP B 174 12.48 -25.78 -18.93
CA ASP B 174 13.12 -25.61 -17.63
C ASP B 174 12.81 -24.23 -17.07
N VAL B 175 12.84 -24.13 -15.76
CA VAL B 175 12.60 -22.87 -15.07
C VAL B 175 13.95 -22.38 -14.59
N SER B 176 14.12 -21.06 -14.60
CA SER B 176 15.45 -20.45 -14.54
C SER B 176 15.60 -19.32 -13.53
N THR B 177 14.51 -18.87 -12.91
CA THR B 177 14.50 -17.82 -11.90
C THR B 177 13.54 -18.27 -10.83
N ASN B 178 13.88 -18.03 -9.56
CA ASN B 178 12.91 -18.19 -8.48
C ASN B 178 12.18 -16.89 -8.23
N PRO B 179 10.88 -16.82 -8.47
CA PRO B 179 10.16 -15.55 -8.35
C PRO B 179 10.20 -15.01 -6.94
N GLU B 180 10.20 -13.67 -6.86
CA GLU B 180 10.16 -12.97 -5.58
C GLU B 180 8.76 -12.35 -5.48
N PRO B 181 7.75 -13.10 -5.02
CA PRO B 181 6.36 -12.60 -5.11
C PRO B 181 6.06 -11.43 -4.18
N CYS B 182 6.70 -11.34 -3.01
CA CYS B 182 6.38 -10.20 -2.16
C CYS B 182 6.95 -8.91 -2.76
N SER B 183 8.12 -8.99 -3.43
CA SER B 183 8.71 -7.83 -4.09
C SER B 183 7.91 -7.41 -5.31
N LEU B 184 7.19 -8.32 -5.93
CA LEU B 184 6.40 -7.94 -7.09
C LEU B 184 5.06 -7.36 -6.67
N ASN B 185 4.54 -7.80 -5.53
CA ASN B 185 3.25 -7.33 -5.00
C ASN B 185 3.45 -6.83 -3.59
N PRO B 186 4.22 -5.76 -3.39
CA PRO B 186 4.51 -5.29 -2.02
C PRO B 186 3.30 -4.76 -1.30
N HIS B 187 2.26 -4.38 -2.03
CA HIS B 187 1.00 -4.06 -1.40
C HIS B 187 0.30 -5.24 -0.70
N ARG B 188 0.70 -6.49 -0.98
CA ARG B 188 0.21 -7.66 -0.25
C ARG B 188 1.04 -8.02 0.98
N ARG B 189 2.19 -7.38 1.16
CA ARG B 189 3.10 -7.72 2.26
C ARG B 189 2.45 -7.57 3.62
N SER B 190 1.71 -6.48 3.82
CA SER B 190 1.20 -6.20 5.15
C SER B 190 0.28 -7.31 5.64
N TRP B 191 -0.72 -7.64 4.83
CA TRP B 191 -1.66 -8.66 5.23
C TRP B 191 -0.94 -9.98 5.37
N ALA B 192 -0.05 -10.26 4.43
CA ALA B 192 0.76 -11.45 4.49
C ALA B 192 1.41 -11.57 5.87
N GLU B 193 2.08 -10.51 6.32
CA GLU B 193 2.91 -10.62 7.52
C GLU B 193 2.07 -10.67 8.79
N LYS B 194 0.93 -9.96 8.83
CA LYS B 194 0.07 -9.98 10.02
C LYS B 194 -0.48 -11.39 10.25
N GLN B 195 -1.07 -11.98 9.21
CA GLN B 195 -1.73 -13.26 9.35
C GLN B 195 -0.70 -14.36 9.58
N CYS B 196 0.36 -14.38 8.78
CA CYS B 196 1.30 -15.50 8.87
C CYS B 196 2.03 -15.50 10.20
N SER B 197 2.05 -14.37 10.90
CA SER B 197 2.70 -14.27 12.22
C SER B 197 2.04 -15.14 13.28
N ILE B 198 0.81 -15.57 13.06
CA ILE B 198 0.28 -16.55 13.97
C ILE B 198 1.25 -17.70 14.13
N LEU B 199 1.99 -18.04 13.07
CA LEU B 199 2.89 -19.19 13.17
C LEU B 199 3.99 -19.00 14.20
N LYS B 200 4.27 -17.77 14.60
CA LYS B 200 5.26 -17.48 15.63
C LYS B 200 4.59 -17.07 16.93
N SER B 201 3.28 -16.88 16.90
CA SER B 201 2.55 -16.57 18.09
C SER B 201 2.73 -17.69 19.10
N SER B 202 2.23 -17.42 20.31
CA SER B 202 2.13 -18.43 21.35
C SER B 202 1.22 -19.60 20.93
N VAL B 203 0.22 -19.35 20.07
CA VAL B 203 -0.71 -20.41 19.69
C VAL B 203 0.05 -21.68 19.34
N PHE B 204 1.24 -21.56 18.70
CA PHE B 204 2.04 -22.68 18.25
C PHE B 204 3.25 -22.87 19.14
N SER B 205 3.16 -22.37 20.38
CA SER B 205 4.30 -22.38 21.29
C SER B 205 4.88 -23.78 21.49
N ILE B 206 4.02 -24.79 21.72
CA ILE B 206 4.47 -26.10 22.15
C ILE B 206 5.20 -26.84 21.05
N CYS B 207 5.16 -26.29 19.83
CA CYS B 207 5.82 -26.87 18.65
C CYS B 207 7.12 -26.18 18.32
N HIS B 208 7.29 -24.94 18.77
CA HIS B 208 8.51 -24.22 18.43
C HIS B 208 9.73 -25.01 18.88
N SER B 209 9.61 -25.65 20.04
CA SER B 209 10.66 -26.56 20.50
C SER B 209 11.06 -27.52 19.39
N LYS B 210 10.06 -28.11 18.72
CA LYS B 210 10.29 -29.29 17.88
C LYS B 210 10.32 -29.00 16.40
N VAL B 211 9.59 -28.01 15.90
CA VAL B 211 9.59 -27.67 14.48
C VAL B 211 9.88 -26.18 14.32
N ASP B 212 10.99 -25.86 13.69
CA ASP B 212 11.36 -24.45 13.53
C ASP B 212 10.38 -23.78 12.58
N PRO B 213 9.73 -22.69 12.98
CA PRO B 213 8.68 -22.09 12.15
C PRO B 213 9.18 -21.15 11.07
N LYS B 214 10.47 -20.78 11.06
CA LYS B 214 10.92 -19.78 10.10
C LYS B 214 10.55 -20.17 8.67
N PRO B 215 10.98 -21.31 8.19
CA PRO B 215 10.62 -21.69 6.82
C PRO B 215 9.12 -21.67 6.54
N PHE B 216 8.29 -21.89 7.56
CA PHE B 216 6.85 -21.96 7.36
C PHE B 216 6.23 -20.59 7.37
N TYR B 217 6.68 -19.73 8.28
CA TYR B 217 6.37 -18.32 8.19
C TYR B 217 6.73 -17.78 6.81
N GLU B 218 7.94 -18.08 6.33
CA GLU B 218 8.38 -17.52 5.04
C GLU B 218 7.55 -18.05 3.88
N ALA B 219 7.20 -19.34 3.90
CA ALA B 219 6.32 -19.87 2.88
C ALA B 219 4.95 -19.24 2.95
N CYS B 220 4.53 -18.87 4.15
CA CYS B 220 3.21 -18.32 4.36
C CYS B 220 3.13 -16.91 3.83
N VAL B 221 4.19 -16.12 4.05
CA VAL B 221 4.19 -14.75 3.57
C VAL B 221 4.31 -14.75 2.07
N HIS B 222 5.26 -15.55 1.56
CA HIS B 222 5.49 -15.79 0.13
C HIS B 222 4.19 -16.07 -0.60
N ASP B 223 3.47 -17.12 -0.17
CA ASP B 223 2.21 -17.51 -0.80
C ASP B 223 1.12 -16.46 -0.62
N SER B 224 1.05 -15.79 0.52
CA SER B 224 0.05 -14.74 0.64
C SER B 224 0.34 -13.62 -0.37
N CYS B 225 1.60 -13.22 -0.50
CA CYS B 225 1.94 -12.27 -1.54
C CYS B 225 1.57 -12.84 -2.92
N SER B 226 1.84 -14.12 -3.16
CA SER B 226 1.68 -14.67 -4.51
C SER B 226 0.23 -14.96 -4.85
N CYS B 227 -0.64 -15.30 -3.88
CA CYS B 227 -2.03 -15.57 -4.24
C CYS B 227 -2.75 -14.25 -4.49
N ASP B 228 -2.52 -13.74 -5.68
CA ASP B 228 -2.93 -12.40 -6.04
C ASP B 228 -3.97 -12.39 -7.15
N THR B 229 -4.63 -13.52 -7.41
CA THR B 229 -5.70 -13.56 -8.41
C THR B 229 -7.07 -13.92 -7.88
N GLY B 230 -7.23 -14.10 -6.55
CA GLY B 230 -8.44 -14.64 -5.95
C GLY B 230 -8.22 -15.81 -5.00
N GLY B 231 -8.83 -15.77 -3.80
CA GLY B 231 -8.66 -16.83 -2.83
C GLY B 231 -7.51 -16.73 -1.84
N ASP B 232 -7.18 -15.50 -1.39
CA ASP B 232 -6.20 -15.21 -0.36
C ASP B 232 -6.10 -16.32 0.67
N CYS B 233 -7.29 -16.60 1.21
CA CYS B 233 -7.44 -17.32 2.47
C CYS B 233 -6.97 -18.75 2.35
N GLU B 234 -7.33 -19.41 1.26
CA GLU B 234 -6.90 -20.78 1.08
C GLU B 234 -5.38 -20.88 1.11
N CYS B 235 -4.68 -19.91 0.53
CA CYS B 235 -3.22 -20.02 0.56
C CYS B 235 -2.73 -19.82 1.96
N PHE B 236 -3.28 -18.83 2.64
CA PHE B 236 -2.90 -18.60 4.02
C PHE B 236 -3.19 -19.84 4.86
N CYS B 237 -4.42 -20.35 4.79
CA CYS B 237 -4.78 -21.48 5.64
C CYS B 237 -3.97 -22.72 5.29
N SER B 238 -3.76 -22.99 3.99
CA SER B 238 -2.94 -24.14 3.65
C SER B 238 -1.57 -24.00 4.28
N ALA B 239 -0.99 -22.80 4.20
CA ALA B 239 0.34 -22.61 4.76
C ALA B 239 0.38 -22.96 6.23
N VAL B 240 -0.62 -22.49 6.99
CA VAL B 240 -0.63 -22.70 8.45
C VAL B 240 -0.89 -24.15 8.74
N ALA B 241 -1.81 -24.76 8.00
CA ALA B 241 -2.09 -26.17 8.21
C ALA B 241 -0.86 -27.02 7.92
N SER B 242 -0.10 -26.65 6.92
CA SER B 242 1.09 -27.43 6.61
C SER B 242 2.01 -27.48 7.83
N TYR B 243 2.24 -26.34 8.48
CA TYR B 243 3.00 -26.35 9.71
C TYR B 243 2.34 -27.21 10.80
N ALA B 244 1.00 -27.27 10.84
CA ALA B 244 0.38 -27.96 11.96
C ALA B 244 0.57 -29.47 11.85
N GLN B 245 0.48 -30.02 10.64
CA GLN B 245 0.72 -31.45 10.49
C GLN B 245 2.16 -31.80 10.84
N GLU B 246 3.12 -31.04 10.33
CA GLU B 246 4.50 -31.23 10.78
C GLU B 246 4.60 -31.19 12.30
N CYS B 247 3.82 -30.33 12.95
CA CYS B 247 3.87 -30.20 14.41
C CYS B 247 3.29 -31.45 15.07
N THR B 248 2.05 -31.78 14.73
CA THR B 248 1.48 -33.08 15.04
C THR B 248 2.51 -34.20 14.85
N LYS B 249 3.03 -34.32 13.63
CA LYS B 249 4.00 -35.36 13.31
C LYS B 249 5.03 -35.56 14.41
N GLU B 250 5.61 -34.48 14.92
CA GLU B 250 6.59 -34.55 15.99
C GLU B 250 5.95 -34.46 17.36
N GLY B 251 4.71 -34.93 17.50
CA GLY B 251 3.99 -34.97 18.77
C GLY B 251 3.90 -33.66 19.51
N ALA B 252 3.24 -32.68 18.88
CA ALA B 252 3.03 -31.34 19.43
C ALA B 252 1.88 -30.70 18.67
N CYS B 253 0.80 -31.47 18.52
CA CYS B 253 -0.43 -30.98 17.92
C CYS B 253 -0.93 -29.73 18.64
N VAL B 254 -1.29 -28.70 17.86
CA VAL B 254 -1.94 -27.54 18.44
C VAL B 254 -3.28 -27.36 17.75
N PHE B 255 -4.16 -26.64 18.42
CA PHE B 255 -5.49 -26.35 17.92
C PHE B 255 -5.49 -24.84 17.62
N TRP B 256 -5.28 -24.49 16.34
CA TRP B 256 -5.02 -23.12 15.90
C TRP B 256 -6.20 -22.47 15.19
N ARG B 257 -7.11 -23.24 14.64
CA ARG B 257 -8.22 -22.62 13.93
C ARG B 257 -9.27 -22.08 14.91
N THR B 258 -9.92 -21.01 14.50
CA THR B 258 -10.99 -20.35 15.25
C THR B 258 -12.06 -19.90 14.28
N PRO B 259 -13.19 -19.37 14.74
CA PRO B 259 -14.22 -18.95 13.76
C PRO B 259 -13.83 -17.72 13.00
N ASP B 260 -12.84 -16.97 13.49
CA ASP B 260 -12.27 -15.81 12.82
C ASP B 260 -10.99 -16.19 12.06
N LEU B 261 -10.50 -17.39 12.24
CA LEU B 261 -9.22 -17.78 11.72
C LEU B 261 -9.30 -19.19 11.13
N CYS B 262 -9.55 -19.25 9.83
CA CYS B 262 -9.59 -20.48 9.06
C CYS B 262 -10.70 -21.35 9.63
N PRO B 263 -11.92 -20.82 9.71
CA PRO B 263 -13.04 -21.61 10.24
C PRO B 263 -13.27 -22.88 9.44
N ILE B 264 -13.58 -23.94 10.16
CA ILE B 264 -13.97 -25.21 9.55
C ILE B 264 -15.38 -25.58 10.02
N PHE B 265 -16.22 -25.99 9.07
CA PHE B 265 -17.68 -26.15 9.19
C PHE B 265 -18.06 -27.63 9.33
N CYS B 266 -17.45 -28.34 10.29
CA CYS B 266 -17.64 -29.79 10.39
C CYS B 266 -19.11 -30.12 10.65
N ASP B 267 -19.68 -29.52 11.71
CA ASP B 267 -21.09 -29.19 11.86
C ASP B 267 -22.00 -29.43 10.65
N TYR B 268 -21.55 -29.09 9.43
CA TYR B 268 -22.45 -28.98 8.30
C TYR B 268 -23.00 -30.32 7.87
N TYR B 269 -22.29 -31.40 8.16
CA TYR B 269 -22.59 -32.74 7.66
C TYR B 269 -23.56 -33.53 8.54
N ASN B 270 -24.06 -32.93 9.63
CA ASN B 270 -25.07 -33.53 10.51
C ASN B 270 -26.45 -33.57 9.81
N PRO B 271 -27.38 -34.43 10.29
CA PRO B 271 -28.87 -34.35 10.17
C PRO B 271 -29.66 -34.10 11.48
N CYS B 275 -26.53 -34.60 15.51
CA CYS B 275 -25.28 -34.09 16.10
C CYS B 275 -24.13 -35.10 16.31
N GLU B 276 -23.36 -35.42 15.24
CA GLU B 276 -22.26 -36.39 15.34
C GLU B 276 -20.94 -35.83 14.82
N TRP B 277 -20.97 -34.94 13.81
CA TRP B 277 -19.76 -34.47 13.15
C TRP B 277 -19.13 -33.31 13.92
N HIS B 278 -17.83 -33.43 14.19
CA HIS B 278 -17.09 -32.40 14.90
C HIS B 278 -15.70 -32.30 14.31
N TYR B 279 -15.06 -31.14 14.49
CA TYR B 279 -13.69 -30.95 14.01
C TYR B 279 -12.71 -31.47 15.05
N GLU B 280 -11.76 -32.29 14.61
CA GLU B 280 -10.68 -32.77 15.46
C GLU B 280 -9.33 -32.31 14.92
N PRO B 281 -8.54 -31.56 15.69
CA PRO B 281 -7.30 -31.02 15.15
C PRO B 281 -6.15 -31.98 15.17
N CYS B 282 -6.33 -33.19 15.68
CA CYS B 282 -5.25 -34.17 15.66
C CYS B 282 -5.76 -35.56 15.35
N GLY B 283 -6.94 -35.66 14.74
CA GLY B 283 -7.70 -36.91 14.60
C GLY B 283 -8.01 -37.54 15.95
N ASN B 284 -8.33 -38.82 15.91
CA ASN B 284 -8.14 -39.66 17.10
C ASN B 284 -7.73 -41.06 16.69
N ARG B 285 -6.89 -41.66 17.54
CA ARG B 285 -6.35 -43.00 17.28
C ARG B 285 -7.38 -44.10 17.49
N SER B 286 -8.47 -43.82 18.20
CA SER B 286 -9.43 -44.83 18.64
C SER B 286 -10.73 -44.73 17.84
N PHE B 287 -10.63 -44.52 16.55
CA PHE B 287 -11.79 -44.25 15.71
C PHE B 287 -12.11 -45.53 14.93
N GLU B 288 -13.32 -46.04 15.10
CA GLU B 288 -13.67 -47.35 14.58
C GLU B 288 -14.51 -47.23 13.32
N THR B 289 -14.04 -47.91 12.26
CA THR B 289 -14.63 -47.90 10.94
C THR B 289 -14.90 -49.33 10.46
N CYS B 290 -15.88 -49.47 9.59
CA CYS B 290 -16.08 -50.74 8.90
C CYS B 290 -14.78 -51.31 8.35
N ARG B 291 -13.90 -50.46 7.84
CA ARG B 291 -12.69 -50.99 7.26
C ARG B 291 -11.81 -51.64 8.32
N THR B 292 -11.76 -51.06 9.52
CA THR B 292 -10.84 -51.53 10.58
C THR B 292 -11.35 -52.78 11.29
N ILE B 293 -12.67 -52.96 11.39
CA ILE B 293 -13.19 -54.14 12.09
C ILE B 293 -13.32 -55.27 11.07
N ASN B 294 -12.82 -55.06 9.86
CA ASN B 294 -12.74 -56.12 8.85
C ASN B 294 -11.31 -56.54 8.55
N GLY B 295 -10.33 -56.09 9.34
CA GLY B 295 -8.94 -56.43 9.10
C GLY B 295 -8.15 -55.43 8.27
N ILE B 296 -8.81 -54.45 7.65
CA ILE B 296 -8.17 -53.44 6.83
C ILE B 296 -7.75 -52.30 7.75
N HIS B 297 -6.51 -52.32 8.21
CA HIS B 297 -5.99 -51.33 9.14
C HIS B 297 -5.07 -50.33 8.47
N SER B 298 -5.42 -49.04 8.55
CA SER B 298 -4.50 -47.98 8.12
C SER B 298 -3.32 -47.84 9.09
N ASN B 299 -2.21 -47.31 8.57
CA ASN B 299 -1.03 -47.03 9.38
C ASN B 299 -1.38 -45.97 10.43
N ILE B 300 -0.59 -45.95 11.52
CA ILE B 300 -0.98 -45.13 12.66
C ILE B 300 -0.80 -43.66 12.35
N SER B 301 0.11 -43.36 11.41
CA SER B 301 0.34 -42.00 10.97
C SER B 301 -0.92 -41.32 10.50
N VAL B 302 -1.80 -42.05 9.81
CA VAL B 302 -2.97 -41.41 9.22
C VAL B 302 -4.07 -41.21 10.26
N SER B 303 -3.82 -41.55 11.52
CA SER B 303 -4.80 -41.34 12.58
C SER B 303 -4.73 -39.95 13.15
N TYR B 304 -3.60 -39.26 12.94
CA TYR B 304 -3.33 -37.92 13.46
C TYR B 304 -3.58 -36.80 12.44
N LEU B 305 -4.58 -36.91 11.56
CA LEU B 305 -4.85 -35.90 10.54
C LEU B 305 -6.01 -35.01 10.94
N GLU B 306 -5.79 -33.71 10.88
CA GLU B 306 -6.82 -32.73 11.14
C GLU B 306 -8.02 -32.98 10.23
N GLY B 307 -9.21 -32.56 10.68
CA GLY B 307 -10.39 -32.58 9.84
C GLY B 307 -11.65 -32.99 10.60
N CYS B 308 -12.73 -33.13 9.83
CA CYS B 308 -14.01 -33.57 10.34
C CYS B 308 -14.07 -35.08 10.53
N TYR B 309 -14.58 -35.49 11.68
CA TYR B 309 -14.78 -36.88 12.05
C TYR B 309 -16.10 -37.09 12.79
N PRO B 310 -16.81 -38.19 12.51
CA PRO B 310 -18.06 -38.45 13.23
C PRO B 310 -17.85 -39.26 14.50
N ARG B 311 -18.65 -38.92 15.52
CA ARG B 311 -18.85 -39.75 16.72
C ARG B 311 -20.17 -40.44 16.48
N CYS B 312 -20.09 -41.74 16.14
CA CYS B 312 -21.27 -42.56 15.97
C CYS B 312 -21.83 -42.92 17.34
N PRO B 313 -23.14 -43.06 17.44
CA PRO B 313 -23.75 -43.31 18.75
C PRO B 313 -23.56 -44.76 19.16
N LYS B 314 -23.71 -45.01 20.47
CA LYS B 314 -23.56 -46.37 21.00
C LYS B 314 -24.39 -47.35 20.19
N ASP B 315 -25.63 -46.96 19.90
CA ASP B 315 -26.58 -47.71 19.08
C ASP B 315 -25.95 -48.32 17.80
N ARG B 316 -25.45 -47.48 16.88
CA ARG B 316 -24.85 -47.97 15.63
C ARG B 316 -23.44 -47.39 15.52
N PRO B 317 -22.44 -48.08 16.06
CA PRO B 317 -21.19 -47.41 16.44
C PRO B 317 -20.06 -47.44 15.42
N ILE B 318 -20.27 -47.99 14.23
CA ILE B 318 -19.19 -48.21 13.25
C ILE B 318 -19.42 -47.28 12.04
N TYR B 319 -18.41 -46.45 11.73
CA TYR B 319 -18.48 -45.53 10.59
C TYR B 319 -18.05 -46.24 9.30
N GLU B 320 -18.88 -46.13 8.27
CA GLU B 320 -18.67 -46.82 7.00
C GLU B 320 -18.11 -45.81 6.00
N GLU B 321 -16.79 -45.88 5.74
CA GLU B 321 -16.09 -44.71 5.20
C GLU B 321 -16.59 -44.33 3.82
N ASP B 322 -17.26 -45.24 3.12
CA ASP B 322 -17.50 -45.05 1.69
C ASP B 322 -18.86 -44.44 1.39
N LEU B 323 -19.91 -44.83 2.12
CA LEU B 323 -21.22 -44.21 1.99
C LEU B 323 -21.54 -43.27 3.15
N LYS B 324 -20.52 -42.80 3.88
CA LYS B 324 -20.68 -41.84 4.97
C LYS B 324 -22.00 -42.06 5.73
N LYS B 325 -21.98 -43.03 6.66
CA LYS B 325 -23.16 -43.51 7.35
C LYS B 325 -22.69 -44.34 8.55
N CYS B 326 -23.23 -44.10 9.74
CA CYS B 326 -22.88 -44.92 10.90
C CYS B 326 -23.83 -46.11 10.96
N VAL B 327 -23.25 -47.28 11.19
CA VAL B 327 -23.94 -48.53 10.93
C VAL B 327 -23.70 -49.48 12.10
N THR B 328 -24.58 -50.47 12.22
CA THR B 328 -24.32 -51.64 13.06
C THR B 328 -23.15 -52.37 12.43
N ALA B 329 -22.35 -53.08 13.23
CA ALA B 329 -21.23 -53.79 12.62
C ALA B 329 -21.70 -54.85 11.64
N ASP B 330 -22.87 -55.44 11.89
CA ASP B 330 -23.44 -56.44 10.99
C ASP B 330 -23.75 -55.85 9.61
N LYS B 331 -24.10 -54.56 9.56
CA LYS B 331 -24.55 -53.89 8.33
C LYS B 331 -23.42 -53.10 7.68
N CYS B 332 -22.16 -53.39 8.09
CA CYS B 332 -20.98 -52.65 7.63
C CYS B 332 -20.71 -52.86 6.16
N GLY B 333 -20.89 -54.07 5.67
CA GLY B 333 -20.45 -54.40 4.33
C GLY B 333 -18.99 -54.81 4.36
N CYS B 334 -18.52 -55.25 3.19
CA CYS B 334 -17.15 -55.71 2.98
C CYS B 334 -16.43 -54.87 1.90
N TYR B 335 -15.12 -54.75 2.03
CA TYR B 335 -14.27 -54.05 1.06
C TYR B 335 -13.40 -55.07 0.36
N VAL B 336 -13.53 -55.15 -0.97
CA VAL B 336 -12.79 -56.10 -1.78
C VAL B 336 -12.14 -55.36 -2.95
N GLU B 337 -10.80 -55.38 -2.99
CA GLU B 337 -10.02 -54.59 -3.95
C GLU B 337 -10.51 -53.14 -3.99
N ASP B 338 -10.45 -52.52 -2.80
CA ASP B 338 -10.72 -51.09 -2.61
C ASP B 338 -12.03 -50.65 -3.24
N THR B 339 -12.99 -51.56 -3.32
CA THR B 339 -14.38 -51.24 -3.59
C THR B 339 -15.25 -51.76 -2.42
N HIS B 340 -16.35 -51.08 -2.17
CA HIS B 340 -17.25 -51.48 -1.10
C HIS B 340 -18.43 -52.23 -1.69
N TYR B 341 -18.86 -53.27 -0.98
CA TYR B 341 -20.02 -54.06 -1.35
C TYR B 341 -20.94 -54.21 -0.15
N PRO B 342 -22.24 -54.01 -0.30
CA PRO B 342 -23.13 -54.11 0.86
C PRO B 342 -23.27 -55.55 1.29
N PRO B 343 -24.00 -55.81 2.38
CA PRO B 343 -24.14 -57.18 2.88
C PRO B 343 -25.05 -58.01 2.00
N GLY B 344 -24.60 -59.24 1.70
CA GLY B 344 -25.35 -60.17 0.89
C GLY B 344 -24.88 -60.27 -0.55
N ALA B 345 -24.23 -59.22 -1.05
CA ALA B 345 -23.87 -59.09 -2.46
C ALA B 345 -22.63 -59.92 -2.82
N SER B 346 -22.52 -60.24 -4.10
CA SER B 346 -21.38 -61.02 -4.49
C SER B 346 -20.14 -60.15 -4.45
N VAL B 347 -18.98 -60.78 -4.63
CA VAL B 347 -17.74 -60.01 -4.70
C VAL B 347 -16.75 -60.69 -5.63
N PRO B 348 -15.95 -59.93 -6.36
CA PRO B 348 -15.03 -60.54 -7.34
C PRO B 348 -13.91 -61.37 -6.71
N THR B 349 -13.29 -62.19 -7.57
CA THR B 349 -12.21 -63.10 -7.18
C THR B 349 -11.05 -63.00 -8.18
N GLU B 350 -9.88 -62.54 -7.70
CA GLU B 350 -8.66 -62.43 -8.50
C GLU B 350 -7.70 -63.62 -8.26
N THR B 352 -10.21 -67.38 -8.93
CA THR B 352 -9.92 -68.77 -9.32
C THR B 352 -11.17 -69.46 -9.95
N CYS B 353 -11.52 -70.64 -9.42
CA CYS B 353 -12.80 -71.32 -9.68
C CYS B 353 -13.82 -71.10 -8.54
N LYS B 354 -13.50 -70.24 -7.56
CA LYS B 354 -14.37 -69.95 -6.42
C LYS B 354 -15.34 -68.83 -6.79
N SER B 355 -16.38 -68.69 -5.96
CA SER B 355 -17.33 -67.58 -6.07
C SER B 355 -17.51 -66.99 -4.68
N CYS B 356 -17.14 -65.73 -4.52
CA CYS B 356 -17.22 -65.12 -3.20
C CYS B 356 -18.46 -64.24 -3.09
N VAL B 357 -18.90 -64.08 -1.85
CA VAL B 357 -20.02 -63.23 -1.47
C VAL B 357 -19.62 -62.47 -0.21
N CYS B 358 -20.46 -61.52 0.17
CA CYS B 358 -20.32 -60.71 1.38
C CYS B 358 -21.57 -61.01 2.21
N THR B 359 -21.39 -61.71 3.32
CA THR B 359 -22.51 -62.33 4.03
C THR B 359 -23.40 -61.28 4.69
N ASN B 360 -24.61 -61.70 5.09
CA ASN B 360 -25.49 -60.81 5.85
C ASN B 360 -24.81 -60.31 7.13
N SER B 361 -23.77 -61.00 7.58
CA SER B 361 -22.92 -60.62 8.69
C SER B 361 -21.67 -59.85 8.26
N SER B 362 -21.54 -59.56 6.96
CA SER B 362 -20.51 -58.65 6.42
C SER B 362 -19.10 -59.21 6.55
N GLN B 363 -18.96 -60.50 6.24
CA GLN B 363 -17.67 -61.13 6.00
C GLN B 363 -17.62 -61.58 4.54
N VAL B 364 -16.40 -61.59 4.00
CA VAL B 364 -16.15 -62.12 2.67
C VAL B 364 -15.99 -63.62 2.83
N VAL B 365 -16.94 -64.37 2.32
CA VAL B 365 -16.96 -65.82 2.43
C VAL B 365 -17.03 -66.38 1.02
N CYS B 366 -16.45 -67.56 0.83
CA CYS B 366 -16.18 -68.02 -0.53
C CYS B 366 -16.30 -69.54 -0.69
N ARG B 367 -17.21 -69.97 -1.61
CA ARG B 367 -17.56 -71.36 -1.95
C ARG B 367 -16.75 -71.97 -3.09
N PRO B 368 -17.02 -73.25 -3.49
CA PRO B 368 -16.47 -73.81 -4.74
C PRO B 368 -17.54 -74.17 -5.79
N ALA C 1 20.43 22.93 31.35
CA ALA C 1 19.86 23.14 30.03
C ALA C 1 18.76 22.16 29.79
N PRO C 2 17.78 22.57 28.99
CA PRO C 2 16.65 21.69 28.70
C PRO C 2 17.11 20.45 27.96
N GLY C 3 16.20 19.47 27.92
CA GLY C 3 16.40 18.25 27.17
C GLY C 3 15.62 18.31 25.87
N THR C 4 16.13 17.61 24.87
CA THR C 4 15.40 17.44 23.62
C THR C 4 15.30 15.97 23.27
N CYS C 5 14.11 15.59 22.81
CA CYS C 5 13.80 14.23 22.39
C CYS C 5 13.22 14.32 20.99
N SER C 6 13.62 13.38 20.13
CA SER C 6 13.31 13.42 18.71
C SER C 6 12.57 12.16 18.35
N ILE C 7 11.47 12.33 17.65
CA ILE C 7 10.73 11.25 17.03
C ILE C 7 10.49 11.70 15.61
N TYR C 8 11.04 10.97 14.64
CA TYR C 8 10.96 11.46 13.28
C TYR C 8 11.01 10.29 12.32
N GLY C 9 10.29 10.47 11.20
CA GLY C 9 10.45 9.57 10.08
C GLY C 9 9.83 8.22 10.34
N SER C 10 10.46 7.21 9.81
CA SER C 10 9.93 5.85 9.93
C SER C 10 10.64 5.11 11.07
N GLY C 11 10.28 5.51 12.29
CA GLY C 11 10.66 4.75 13.48
C GLY C 11 11.97 5.12 14.13
N HIS C 12 12.41 6.35 14.02
CA HIS C 12 13.64 6.78 14.66
C HIS C 12 13.37 7.60 15.93
N TYR C 13 14.17 7.29 16.95
CA TYR C 13 14.02 7.85 18.29
C TYR C 13 15.39 8.35 18.73
N ILE C 14 15.40 9.55 19.29
CA ILE C 14 16.55 10.09 20.00
C ILE C 14 16.05 10.59 21.33
N THR C 15 16.60 10.02 22.41
CA THR C 15 16.14 10.30 23.77
C THR C 15 16.82 11.54 24.30
N PHE C 16 16.16 12.15 25.31
CA PHE C 16 16.70 13.28 26.05
C PHE C 16 18.19 13.08 26.35
N ASP C 17 18.53 11.90 26.86
CA ASP C 17 19.92 11.60 27.17
C ASP C 17 20.72 11.11 25.98
N GLY C 18 20.14 11.10 24.78
CA GLY C 18 20.89 10.89 23.57
C GLY C 18 21.13 9.45 23.15
N LYS C 19 20.27 8.51 23.57
CA LYS C 19 20.28 7.18 22.99
C LYS C 19 19.52 7.22 21.67
N TYR C 20 20.17 6.67 20.63
CA TYR C 20 19.59 6.47 19.31
C TYR C 20 18.99 5.08 19.23
N TYR C 21 17.76 4.97 18.76
CA TYR C 21 17.23 3.64 18.53
C TYR C 21 16.15 3.67 17.45
N ASP C 22 15.87 2.49 16.85
CA ASP C 22 14.73 2.34 15.96
C ASP C 22 13.68 1.45 16.61
N PHE C 23 12.40 1.74 16.32
CA PHE C 23 11.30 0.95 16.87
C PHE C 23 10.06 1.19 16.00
N ASP C 24 9.44 0.13 15.51
CA ASP C 24 8.42 0.36 14.50
C ASP C 24 7.07 -0.17 14.98
N GLY C 25 6.56 0.39 16.08
CA GLY C 25 5.30 -0.07 16.66
C GLY C 25 4.06 0.51 16.00
N HIS C 26 2.98 -0.27 16.02
CA HIS C 26 1.73 0.11 15.37
C HIS C 26 0.64 0.24 16.45
N CYS C 27 0.57 1.43 17.05
CA CYS C 27 -0.28 1.75 18.19
C CYS C 27 -0.28 3.25 18.54
N SER C 28 -0.58 3.58 19.79
CA SER C 28 -0.20 4.86 20.37
C SER C 28 0.85 4.59 21.43
N TYR C 29 1.67 5.60 21.72
CA TYR C 29 2.80 5.32 22.57
C TYR C 29 3.10 6.51 23.47
N VAL C 30 3.42 6.18 24.70
CA VAL C 30 3.92 7.20 25.61
C VAL C 30 5.27 7.57 25.08
N ALA C 31 5.29 8.69 24.35
CA ALA C 31 6.51 9.44 24.07
C ALA C 31 7.23 9.82 25.36
N VAL C 32 6.53 10.56 26.24
CA VAL C 32 7.11 11.06 27.49
C VAL C 32 5.99 11.49 28.44
N GLN C 33 6.17 11.23 29.74
CA GLN C 33 5.19 11.59 30.76
C GLN C 33 5.83 11.41 32.14
N ASP C 34 5.33 12.16 33.11
CA ASP C 34 5.80 12.03 34.48
C ASP C 34 4.81 11.30 35.38
N TYR C 35 3.75 10.74 34.81
CA TYR C 35 3.06 9.64 35.46
C TYR C 35 3.92 8.38 35.44
N CYS C 36 4.99 8.34 36.25
CA CYS C 36 5.93 7.23 36.25
C CYS C 36 6.16 6.56 37.60
N GLY C 37 5.42 6.93 38.65
CA GLY C 37 5.64 6.41 39.99
C GLY C 37 4.87 5.12 40.21
N GLN C 38 4.73 4.75 41.51
CA GLN C 38 3.95 3.55 41.85
C GLN C 38 2.45 3.83 41.83
N ASN C 39 2.03 5.00 42.34
CA ASN C 39 0.64 5.47 42.22
C ASN C 39 0.51 6.17 40.87
N SER C 40 0.01 5.43 39.85
CA SER C 40 0.21 5.75 38.42
C SER C 40 -0.61 6.93 37.95
N SER C 41 -1.31 7.62 38.84
CA SER C 41 -2.06 8.80 38.49
C SER C 41 -1.45 10.07 39.07
N LEU C 42 -0.30 9.96 39.74
CA LEU C 42 0.43 11.14 40.19
C LEU C 42 1.28 11.61 39.03
N GLY C 43 1.05 12.83 38.58
CA GLY C 43 1.87 13.40 37.54
C GLY C 43 1.17 14.58 36.89
N SER C 44 1.92 15.22 35.99
CA SER C 44 1.67 16.53 35.41
C SER C 44 1.15 16.48 33.98
N PHE C 45 1.74 15.65 33.12
CA PHE C 45 1.51 15.71 31.67
C PHE C 45 1.86 14.38 31.01
N SER C 46 1.42 14.21 29.77
CA SER C 46 1.95 13.14 28.93
C SER C 46 1.76 13.49 27.45
N ILE C 47 2.80 13.24 26.64
CA ILE C 47 2.73 13.42 25.20
C ILE C 47 2.67 12.03 24.58
N ILE C 48 1.68 11.83 23.69
CA ILE C 48 1.44 10.54 23.04
C ILE C 48 1.68 10.69 21.54
N THR C 49 2.37 9.70 20.95
CA THR C 49 2.54 9.61 19.48
C THR C 49 1.74 8.45 18.93
N GLU C 50 0.79 8.74 18.02
CA GLU C 50 0.11 7.69 17.24
C GLU C 50 0.98 7.27 16.05
N ASN C 51 1.51 6.05 16.08
CA ASN C 51 2.40 5.57 15.05
C ASN C 51 1.71 4.53 14.18
N VAL C 52 1.63 4.82 12.88
CA VAL C 52 0.97 3.95 11.92
C VAL C 52 1.94 3.56 10.82
N PRO C 53 1.65 2.47 10.14
CA PRO C 53 2.49 2.03 9.03
C PRO C 53 2.61 3.10 7.97
N CYS C 54 3.85 3.23 7.45
CA CYS C 54 4.17 4.16 6.37
C CYS C 54 4.99 3.40 5.34
N GLY C 55 4.40 3.23 4.16
CA GLY C 55 4.98 2.43 3.11
C GLY C 55 4.72 0.95 3.36
N THR C 56 5.18 0.14 2.41
CA THR C 56 4.83 -1.27 2.45
C THR C 56 5.73 -2.12 3.34
N THR C 57 6.82 -1.58 3.88
CA THR C 57 7.81 -2.48 4.49
C THR C 57 7.41 -2.99 5.87
N GLY C 58 6.69 -2.21 6.67
CA GLY C 58 6.41 -2.58 8.05
C GLY C 58 6.91 -1.56 9.03
N VAL C 59 7.65 -0.56 8.53
CA VAL C 59 8.01 0.56 9.35
C VAL C 59 6.77 1.36 9.66
N THR C 60 6.88 2.21 10.69
CA THR C 60 5.75 3.02 11.16
C THR C 60 6.23 4.44 11.40
N CYS C 61 5.28 5.38 11.35
CA CYS C 61 5.58 6.79 11.50
C CYS C 61 4.58 7.45 12.43
N SER C 62 5.02 8.52 13.11
CA SER C 62 4.05 9.34 13.82
C SER C 62 3.13 10.04 12.84
N LYS C 63 1.84 9.94 13.09
CA LYS C 63 0.80 10.62 12.34
C LYS C 63 0.14 11.76 13.12
N ALA C 64 0.04 11.64 14.44
CA ALA C 64 -0.52 12.71 15.26
C ALA C 64 0.10 12.65 16.65
N ILE C 65 0.12 13.80 17.30
CA ILE C 65 0.66 13.96 18.64
C ILE C 65 -0.49 14.37 19.58
N LYS C 66 -0.65 13.65 20.66
CA LYS C 66 -1.62 14.04 21.68
C LYS C 66 -0.84 14.61 22.87
N ILE C 67 -1.13 15.88 23.19
CA ILE C 67 -0.51 16.59 24.32
C ILE C 67 -1.50 16.74 25.46
N PHE C 68 -1.15 16.14 26.61
CA PHE C 68 -1.96 16.16 27.82
C PHE C 68 -1.25 16.99 28.89
N MET C 69 -1.78 18.18 29.17
CA MET C 69 -1.34 19.05 30.25
C MET C 69 -2.48 19.04 31.28
N GLY C 70 -2.40 18.11 32.22
CA GLY C 70 -3.46 17.88 33.17
C GLY C 70 -4.69 17.40 32.46
N ARG C 71 -5.70 18.25 32.49
CA ARG C 71 -7.01 18.04 31.89
C ARG C 71 -7.08 18.60 30.47
N THR C 72 -6.20 19.52 30.14
CA THR C 72 -6.17 20.06 28.79
C THR C 72 -5.57 19.01 27.86
N GLU C 73 -6.23 18.79 26.71
CA GLU C 73 -5.76 17.86 25.70
C GLU C 73 -5.75 18.59 24.35
N LEU C 74 -4.54 18.78 23.84
CA LEU C 74 -4.32 19.23 22.48
C LEU C 74 -3.95 18.03 21.61
N LYS C 75 -4.33 18.09 20.34
CA LYS C 75 -3.97 17.04 19.38
C LYS C 75 -3.43 17.69 18.11
N LEU C 76 -2.19 17.34 17.76
CA LEU C 76 -1.56 17.81 16.55
C LEU C 76 -1.81 16.78 15.47
N GLU C 77 -2.62 17.15 14.48
CA GLU C 77 -3.12 16.21 13.49
C GLU C 77 -3.47 17.00 12.23
N ASP C 78 -3.35 16.33 11.08
CA ASP C 78 -3.78 16.86 9.79
C ASP C 78 -3.31 18.29 9.60
N LYS C 79 -2.02 18.50 9.87
CA LYS C 79 -1.27 19.73 9.63
C LYS C 79 -1.69 20.93 10.51
N HIS C 80 -2.49 20.72 11.55
CA HIS C 80 -2.86 21.83 12.42
C HIS C 80 -3.06 21.32 13.85
N ARG C 81 -3.24 22.27 14.78
CA ARG C 81 -3.44 21.99 16.19
C ARG C 81 -4.92 22.08 16.53
N VAL C 82 -5.43 21.09 17.23
CA VAL C 82 -6.84 21.03 17.62
C VAL C 82 -6.97 20.87 19.14
N VAL C 83 -7.97 21.55 19.73
CA VAL C 83 -8.28 21.36 21.14
C VAL C 83 -9.28 20.23 21.31
N ILE C 84 -9.00 19.33 22.23
CA ILE C 84 -9.91 18.21 22.45
C ILE C 84 -10.72 18.47 23.72
N GLN C 85 -10.06 18.39 24.88
CA GLN C 85 -10.65 18.82 26.13
C GLN C 85 -9.96 20.12 26.57
N ARG C 86 -10.74 21.08 27.10
CA ARG C 86 -10.21 22.40 27.53
C ARG C 86 -9.80 22.43 29.01
N HIS C 91 -6.81 26.90 34.38
CA HIS C 91 -6.07 25.69 34.00
C HIS C 91 -4.61 26.06 33.66
N VAL C 92 -4.02 25.43 32.62
CA VAL C 92 -2.61 25.65 32.26
C VAL C 92 -2.53 26.49 31.00
N ALA C 93 -1.45 27.26 30.90
CA ALA C 93 -1.24 28.23 29.84
C ALA C 93 -0.31 27.68 28.76
N TYR C 94 -0.64 27.98 27.51
CA TYR C 94 0.11 27.44 26.40
C TYR C 94 -0.08 28.36 25.19
N THR C 95 0.92 28.38 24.32
CA THR C 95 0.83 29.12 23.07
C THR C 95 1.06 28.18 21.88
N THR C 96 0.56 28.60 20.72
CA THR C 96 0.68 27.82 19.49
C THR C 96 1.04 28.80 18.39
N ARG C 97 2.32 28.82 18.04
CA ARG C 97 2.80 29.64 16.93
C ARG C 97 3.54 28.79 15.92
N GLU C 98 3.46 29.20 14.66
CA GLU C 98 4.31 28.66 13.60
C GLU C 98 5.68 29.28 13.75
N VAL C 99 6.74 28.48 13.70
CA VAL C 99 8.12 28.97 13.85
C VAL C 99 8.96 28.35 12.75
N GLY C 100 9.12 29.06 11.65
CA GLY C 100 9.81 28.50 10.51
C GLY C 100 8.98 27.39 9.91
N GLN C 101 9.66 26.35 9.47
CA GLN C 101 8.99 25.16 8.97
C GLN C 101 7.98 24.59 9.98
N TYR C 102 8.24 24.75 11.28
CA TYR C 102 7.54 23.96 12.28
C TYR C 102 6.38 24.70 12.97
N LEU C 103 5.53 23.90 13.59
CA LEU C 103 4.44 24.33 14.44
C LEU C 103 4.80 23.99 15.88
N VAL C 104 4.74 24.98 16.77
CA VAL C 104 5.24 24.86 18.12
C VAL C 104 4.12 25.04 19.11
N VAL C 105 4.14 24.24 20.17
CA VAL C 105 3.27 24.43 21.34
C VAL C 105 4.15 24.57 22.57
N GLU C 106 4.07 25.73 23.21
CA GLU C 106 4.86 26.03 24.40
C GLU C 106 3.92 26.19 25.58
N SER C 107 4.40 25.73 26.75
CA SER C 107 3.58 25.67 27.95
C SER C 107 4.24 26.41 29.10
N SER C 108 3.41 27.09 29.90
CA SER C 108 3.88 27.73 31.12
C SER C 108 4.67 26.77 32.01
N THR C 109 4.39 25.46 31.90
CA THR C 109 4.98 24.46 32.77
C THR C 109 6.35 23.96 32.34
N GLY C 110 6.97 24.54 31.30
CA GLY C 110 8.28 24.10 30.86
C GLY C 110 8.32 23.00 29.80
N ILE C 111 7.30 22.95 28.93
CA ILE C 111 7.17 21.93 27.89
C ILE C 111 7.07 22.63 26.55
N ILE C 112 7.82 22.14 25.56
CA ILE C 112 7.69 22.62 24.20
C ILE C 112 7.60 21.43 23.25
N VAL C 113 6.60 21.45 22.37
CA VAL C 113 6.47 20.43 21.33
C VAL C 113 6.64 21.11 19.96
N ILE C 114 7.76 20.82 19.30
CA ILE C 114 8.01 21.26 17.92
C ILE C 114 7.55 20.16 16.95
N TRP C 115 6.91 20.57 15.88
CA TRP C 115 6.23 19.62 15.01
C TRP C 115 6.40 20.00 13.54
N ASP C 116 6.88 19.06 12.74
CA ASP C 116 7.05 19.39 11.33
C ASP C 116 5.78 19.21 10.53
N LYS C 117 4.65 18.93 11.17
CA LYS C 117 3.35 18.71 10.54
C LYS C 117 3.31 17.41 9.72
N ARG C 118 4.37 16.61 9.77
CA ARG C 118 4.37 15.30 9.15
C ARG C 118 4.79 14.29 10.20
N THR C 119 5.99 13.73 10.09
CA THR C 119 6.41 12.61 10.93
C THR C 119 7.23 13.03 12.12
N THR C 120 7.62 14.31 12.23
CA THR C 120 8.71 14.69 13.09
C THR C 120 8.21 15.48 14.28
N VAL C 121 8.76 15.19 15.45
CA VAL C 121 8.37 15.86 16.70
C VAL C 121 9.64 16.01 17.54
N PHE C 122 10.01 17.25 17.83
CA PHE C 122 11.07 17.53 18.79
C PHE C 122 10.39 17.98 20.08
N ILE C 123 10.73 17.33 21.18
CA ILE C 123 10.10 17.58 22.46
C ILE C 123 11.13 18.13 23.43
N LYS C 124 10.88 19.32 23.96
CA LYS C 124 11.78 20.01 24.87
C LYS C 124 11.17 20.12 26.26
N LEU C 125 11.93 19.73 27.28
CA LEU C 125 11.52 19.83 28.67
C LEU C 125 12.54 20.63 29.45
N ALA C 126 12.08 21.34 30.47
CA ALA C 126 13.00 22.16 31.23
C ALA C 126 13.76 21.29 32.23
N PRO C 127 14.92 21.76 32.67
CA PRO C 127 15.80 20.90 33.49
C PRO C 127 15.19 20.50 34.80
N SER C 128 14.09 21.15 35.19
CA SER C 128 13.33 20.74 36.37
C SER C 128 12.75 19.35 36.20
N TYR C 129 12.72 18.80 34.98
CA TYR C 129 12.03 17.52 34.77
C TYR C 129 12.95 16.33 34.90
N LYS C 130 14.26 16.54 34.92
CA LYS C 130 15.19 15.40 34.91
C LYS C 130 14.79 14.38 35.98
N GLY C 131 14.85 13.11 35.61
CA GLY C 131 14.60 12.02 36.51
C GLY C 131 13.15 11.67 36.70
N THR C 132 12.24 12.44 36.12
CA THR C 132 10.82 12.31 36.46
C THR C 132 9.93 11.97 35.27
N VAL C 133 10.51 11.53 34.17
CA VAL C 133 9.77 11.23 32.96
C VAL C 133 10.15 9.82 32.56
N CYS C 134 9.34 9.25 31.70
CA CYS C 134 9.48 7.88 31.28
C CYS C 134 8.66 7.73 30.01
N GLY C 135 8.97 6.66 29.28
CA GLY C 135 8.42 6.47 27.96
C GLY C 135 9.53 6.38 26.94
N LEU C 136 9.19 6.62 25.66
CA LEU C 136 10.08 6.29 24.56
C LEU C 136 11.25 7.25 24.45
N CYS C 137 11.10 8.43 25.03
CA CYS C 137 12.19 9.40 25.08
C CYS C 137 13.12 9.13 26.24
N GLY C 138 12.90 8.06 27.00
CA GLY C 138 13.72 7.75 28.15
C GLY C 138 13.27 8.53 29.38
N ASN C 139 14.12 8.53 30.41
CA ASN C 139 13.80 9.21 31.66
C ASN C 139 14.68 10.43 31.95
N PHE C 140 15.46 10.92 30.99
CA PHE C 140 16.02 12.27 31.10
C PHE C 140 16.89 12.43 32.35
N ASP C 141 17.77 11.48 32.58
CA ASP C 141 18.55 11.44 33.81
C ASP C 141 20.06 11.54 33.60
N HIS C 142 20.50 12.01 32.43
CA HIS C 142 21.92 12.11 32.05
C HIS C 142 22.60 10.78 31.75
N ARG C 143 21.86 9.67 31.64
CA ARG C 143 22.47 8.40 31.27
C ARG C 143 21.63 7.73 30.21
N SER C 144 22.27 7.39 29.09
CA SER C 144 21.60 6.57 28.08
C SER C 144 21.39 5.15 28.60
N ASN C 145 22.32 4.65 29.45
CA ASN C 145 22.18 3.31 30.02
C ASN C 145 20.78 3.02 30.57
N ASN C 146 20.13 4.02 31.17
CA ASN C 146 18.85 3.85 31.83
C ASN C 146 17.66 4.22 30.95
N ASP C 147 17.86 4.56 29.68
CA ASP C 147 16.71 5.04 28.92
C ASP C 147 15.71 3.93 28.67
N PHE C 148 16.17 2.68 28.52
CA PHE C 148 15.26 1.56 28.22
C PHE C 148 14.58 1.02 29.48
N THR C 149 13.88 1.91 30.17
CA THR C 149 13.12 1.55 31.35
C THR C 149 11.68 1.34 30.94
N THR C 150 11.16 0.16 31.25
CA THR C 150 9.81 -0.22 30.89
C THR C 150 8.77 0.44 31.77
N ARG C 151 7.52 0.36 31.31
CA ARG C 151 6.40 0.71 32.16
C ARG C 151 6.47 -0.02 33.50
N ASP C 152 6.98 -1.26 33.53
CA ASP C 152 7.09 -2.03 34.77
C ASP C 152 8.38 -1.68 35.51
N HIS C 153 8.89 -0.48 35.30
CA HIS C 153 10.15 -0.03 35.88
C HIS C 153 11.18 -1.17 35.99
N MET C 154 11.51 -1.77 34.85
CA MET C 154 12.65 -2.69 34.76
C MET C 154 13.45 -2.29 33.54
N VAL C 155 14.75 -2.56 33.59
CA VAL C 155 15.70 -2.00 32.62
C VAL C 155 16.08 -3.11 31.65
N VAL C 156 15.73 -2.93 30.39
CA VAL C 156 15.83 -3.99 29.38
C VAL C 156 16.78 -3.55 28.31
N SER C 157 17.25 -4.50 27.50
CA SER C 157 18.15 -4.15 26.41
C SER C 157 17.53 -4.22 25.02
N SER C 158 16.46 -4.95 24.83
CA SER C 158 15.78 -4.91 23.53
C SER C 158 15.05 -3.59 23.36
N GLU C 159 15.40 -2.85 22.33
CA GLU C 159 14.60 -1.70 21.94
C GLU C 159 13.13 -2.11 21.70
N LEU C 160 12.89 -3.37 21.33
CA LEU C 160 11.53 -3.77 20.98
C LEU C 160 10.71 -4.03 22.22
N ASP C 161 11.35 -4.58 23.26
CA ASP C 161 10.64 -4.84 24.50
C ASP C 161 10.37 -3.55 25.25
N PHE C 162 11.40 -2.73 25.39
CA PHE C 162 11.22 -1.38 25.89
C PHE C 162 10.04 -0.72 25.18
N GLY C 163 10.17 -0.57 23.89
CA GLY C 163 9.17 0.19 23.17
C GLY C 163 7.82 -0.47 23.25
N ASN C 164 7.80 -1.79 23.14
CA ASN C 164 6.55 -2.50 23.17
C ASN C 164 5.79 -2.13 24.43
N SER C 165 6.52 -1.98 25.55
CA SER C 165 5.86 -1.81 26.83
C SER C 165 5.23 -0.46 26.99
N TRP C 166 5.35 0.44 26.01
CA TRP C 166 4.77 1.77 26.12
C TRP C 166 3.60 1.97 25.18
N LYS C 167 3.05 0.90 24.63
CA LYS C 167 1.79 1.01 23.90
C LYS C 167 0.64 1.35 24.85
N GLU C 168 -0.35 2.05 24.32
CA GLU C 168 -1.45 2.59 25.07
C GLU C 168 -2.66 1.66 25.09
N ALA C 169 -2.68 0.68 24.23
CA ALA C 169 -3.76 -0.27 24.17
C ALA C 169 -3.14 -1.65 24.34
N PRO C 170 -3.71 -2.50 25.20
CA PRO C 170 -3.26 -3.90 25.24
C PRO C 170 -3.63 -4.67 24.00
N THR C 171 -4.61 -4.17 23.24
CA THR C 171 -4.99 -4.64 21.92
C THR C 171 -3.92 -4.46 20.85
N CYS C 172 -2.88 -3.76 21.16
CA CYS C 172 -1.99 -3.47 20.05
C CYS C 172 -0.93 -4.54 19.91
N PRO C 173 -0.51 -4.79 18.68
CA PRO C 173 0.49 -5.81 18.45
C PRO C 173 1.79 -5.46 19.09
N ASP C 174 2.53 -6.49 19.40
CA ASP C 174 3.92 -6.30 19.74
C ASP C 174 4.78 -6.39 18.47
N VAL C 175 6.00 -5.91 18.60
CA VAL C 175 6.97 -5.96 17.53
C VAL C 175 7.94 -7.07 17.85
N SER C 176 7.95 -8.08 17.00
CA SER C 176 8.85 -9.21 17.13
C SER C 176 10.22 -8.91 16.53
N THR C 177 10.24 -8.00 15.55
CA THR C 177 11.45 -7.79 14.77
C THR C 177 11.30 -6.53 13.92
N ASN C 178 12.43 -5.95 13.61
CA ASN C 178 12.45 -4.64 13.03
C ASN C 178 12.66 -4.72 11.53
N PRO C 179 11.71 -4.22 10.74
CA PRO C 179 11.83 -4.28 9.30
C PRO C 179 13.17 -3.73 8.82
N GLU C 180 13.61 -4.29 7.70
CA GLU C 180 14.79 -3.84 6.99
C GLU C 180 14.33 -3.33 5.63
N PRO C 181 13.93 -2.06 5.55
CA PRO C 181 13.43 -1.55 4.28
C PRO C 181 14.41 -1.70 3.14
N CYS C 182 15.71 -1.47 3.33
CA CYS C 182 16.56 -1.49 2.15
C CYS C 182 16.76 -2.90 1.63
N SER C 183 16.73 -3.90 2.53
CA SER C 183 16.85 -5.29 2.12
C SER C 183 15.58 -5.74 1.41
N LEU C 184 14.42 -5.36 1.93
CA LEU C 184 13.17 -5.66 1.25
C LEU C 184 13.04 -4.93 -0.07
N ASN C 185 13.44 -3.66 -0.11
CA ASN C 185 13.31 -2.88 -1.34
C ASN C 185 14.68 -2.54 -1.94
N PRO C 186 15.37 -3.49 -2.57
CA PRO C 186 16.78 -3.26 -2.91
C PRO C 186 16.97 -2.38 -4.10
N HIS C 187 15.95 -2.22 -4.92
CA HIS C 187 16.08 -1.38 -6.10
C HIS C 187 15.96 0.08 -5.72
N ARG C 188 15.75 0.35 -4.44
CA ARG C 188 15.75 1.68 -3.88
C ARG C 188 17.03 2.05 -3.14
N ARG C 189 17.90 1.08 -2.81
CA ARG C 189 19.05 1.38 -1.98
C ARG C 189 19.98 2.38 -2.64
N SER C 190 19.91 2.49 -3.95
CA SER C 190 20.99 3.19 -4.62
C SER C 190 20.79 4.69 -4.58
N TRP C 191 19.54 5.12 -4.78
CA TRP C 191 19.20 6.52 -4.61
C TRP C 191 19.27 6.90 -3.15
N ALA C 192 18.88 5.96 -2.29
CA ALA C 192 18.90 6.23 -0.86
C ALA C 192 20.31 6.55 -0.41
N GLU C 193 21.29 5.76 -0.85
CA GLU C 193 22.67 6.02 -0.49
C GLU C 193 23.25 7.25 -1.23
N LYS C 194 22.77 7.53 -2.45
CA LYS C 194 23.37 8.65 -3.17
C LYS C 194 22.93 9.98 -2.58
N GLN C 195 21.68 10.09 -2.17
CA GLN C 195 21.21 11.34 -1.59
C GLN C 195 21.73 11.51 -0.17
N CYS C 196 21.48 10.53 0.66
CA CYS C 196 21.82 10.59 2.07
C CYS C 196 23.30 10.65 2.31
N SER C 197 24.15 10.57 1.30
CA SER C 197 25.57 10.64 1.61
C SER C 197 26.02 12.07 1.86
N ILE C 198 25.18 13.05 1.53
CA ILE C 198 25.40 14.44 1.91
C ILE C 198 25.61 14.59 3.41
N LEU C 199 25.02 13.71 4.21
CA LEU C 199 25.17 13.83 5.65
C LEU C 199 26.61 13.58 6.09
N LYS C 200 27.34 12.75 5.38
CA LYS C 200 28.74 12.52 5.68
C LYS C 200 29.68 13.41 4.85
N SER C 201 29.12 14.28 4.02
CA SER C 201 29.88 15.06 3.07
C SER C 201 30.29 16.42 3.64
N SER C 202 31.19 17.08 2.92
CA SER C 202 31.78 18.32 3.39
C SER C 202 30.73 19.37 3.70
N VAL C 203 29.49 19.20 3.25
CA VAL C 203 28.48 20.21 3.54
C VAL C 203 28.24 20.34 5.04
N PHE C 204 28.14 19.21 5.74
CA PHE C 204 27.96 19.14 7.18
C PHE C 204 29.29 18.99 7.92
N SER C 205 30.41 19.46 7.35
CA SER C 205 31.70 19.21 7.99
C SER C 205 31.79 19.88 9.38
N ILE C 206 31.26 21.11 9.54
CA ILE C 206 31.40 21.71 10.87
C ILE C 206 30.56 20.95 11.89
N CYS C 207 29.46 20.33 11.47
CA CYS C 207 28.68 19.61 12.46
C CYS C 207 29.39 18.34 12.89
N HIS C 208 30.12 17.69 11.99
CA HIS C 208 30.64 16.36 12.30
C HIS C 208 31.52 16.36 13.53
N SER C 209 32.12 17.52 13.86
CA SER C 209 32.90 17.65 15.09
C SER C 209 32.03 17.46 16.30
N LYS C 210 30.76 17.84 16.21
CA LYS C 210 29.84 17.85 17.33
C LYS C 210 28.87 16.68 17.33
N VAL C 211 28.32 16.30 16.18
CA VAL C 211 27.23 15.32 16.10
C VAL C 211 27.55 14.25 15.07
N ASP C 212 27.86 13.04 15.54
CA ASP C 212 28.12 11.93 14.65
C ASP C 212 26.96 11.80 13.66
N PRO C 213 27.22 11.83 12.35
CA PRO C 213 26.09 11.69 11.41
C PRO C 213 25.65 10.26 11.24
N LYS C 214 26.46 9.29 11.63
CA LYS C 214 26.22 7.89 11.30
C LYS C 214 24.75 7.52 11.45
N PRO C 215 24.14 7.73 12.63
CA PRO C 215 22.73 7.33 12.78
C PRO C 215 21.79 8.17 11.99
N PHE C 216 22.10 9.42 11.80
CA PHE C 216 21.27 10.21 10.90
C PHE C 216 21.40 9.68 9.48
N TYR C 217 22.59 9.23 9.09
CA TYR C 217 22.75 8.69 7.75
C TYR C 217 22.04 7.36 7.62
N GLU C 218 22.18 6.47 8.61
CA GLU C 218 21.49 5.19 8.54
C GLU C 218 20.00 5.40 8.37
N ALA C 219 19.43 6.33 9.16
CA ALA C 219 17.99 6.56 9.17
C ALA C 219 17.53 7.19 7.86
N CYS C 220 18.39 7.96 7.21
CA CYS C 220 18.03 8.59 5.95
C CYS C 220 17.96 7.54 4.84
N VAL C 221 18.93 6.64 4.80
CA VAL C 221 18.86 5.54 3.84
C VAL C 221 17.62 4.69 4.12
N HIS C 222 17.49 4.20 5.37
CA HIS C 222 16.32 3.42 5.82
CA HIS C 222 16.35 3.38 5.74
C HIS C 222 15.04 4.01 5.26
N ASP C 223 14.80 5.25 5.60
CA ASP C 223 13.56 5.88 5.16
C ASP C 223 13.51 6.04 3.65
N SER C 224 14.63 6.27 3.01
CA SER C 224 14.54 6.50 1.58
C SER C 224 14.20 5.21 0.85
N CYS C 225 14.65 4.06 1.40
CA CYS C 225 14.21 2.75 0.91
C CYS C 225 12.74 2.49 1.25
N SER C 226 12.33 2.85 2.49
CA SER C 226 10.99 2.52 2.98
C SER C 226 9.87 3.39 2.40
N CYS C 227 10.16 4.59 1.93
CA CYS C 227 9.11 5.46 1.37
C CYS C 227 8.83 5.05 -0.08
N ASP C 228 8.23 3.87 -0.20
CA ASP C 228 8.05 3.18 -1.46
C ASP C 228 6.69 3.40 -2.09
N THR C 229 5.91 4.28 -1.54
CA THR C 229 4.51 4.38 -1.89
C THR C 229 4.10 5.75 -2.44
N GLY C 230 5.03 6.67 -2.60
CA GLY C 230 4.75 8.00 -3.09
C GLY C 230 5.30 9.02 -2.12
N GLY C 231 5.78 10.13 -2.67
CA GLY C 231 6.34 11.22 -1.91
C GLY C 231 7.70 11.02 -1.27
N ASP C 232 8.67 10.44 -1.98
CA ASP C 232 9.92 10.06 -1.30
C ASP C 232 10.86 11.23 -1.09
N CYS C 233 10.69 12.32 -1.82
CA CYS C 233 11.54 13.47 -1.55
C CYS C 233 11.27 14.03 -0.16
N GLU C 234 10.01 14.04 0.27
CA GLU C 234 9.71 14.49 1.63
C GLU C 234 10.43 13.65 2.67
N CYS C 235 10.54 12.34 2.49
CA CYS C 235 11.21 11.57 3.53
C CYS C 235 12.70 11.84 3.54
N PHE C 236 13.30 12.00 2.37
CA PHE C 236 14.69 12.35 2.32
C PHE C 236 14.94 13.70 3.00
N CYS C 237 14.20 14.71 2.59
CA CYS C 237 14.50 16.06 3.10
C CYS C 237 14.38 16.13 4.62
N SER C 238 13.34 15.53 5.20
CA SER C 238 13.19 15.55 6.65
C SER C 238 14.28 14.74 7.32
N ALA C 239 14.70 13.63 6.74
CA ALA C 239 15.77 12.89 7.38
C ALA C 239 16.99 13.77 7.55
N VAL C 240 17.27 14.60 6.55
CA VAL C 240 18.40 15.50 6.62
C VAL C 240 18.07 16.63 7.56
N ALA C 241 16.84 17.15 7.44
CA ALA C 241 16.40 18.31 8.21
C ALA C 241 16.46 18.04 9.70
N SER C 242 16.42 16.79 10.11
CA SER C 242 16.48 16.45 11.52
C SER C 242 17.93 16.38 12.04
N TYR C 243 18.90 16.08 11.16
CA TYR C 243 20.31 16.33 11.48
C TYR C 243 20.61 17.82 11.45
N ALA C 244 19.89 18.56 10.60
CA ALA C 244 20.05 20.00 10.54
C ALA C 244 19.67 20.66 11.87
N GLN C 245 18.52 20.27 12.45
CA GLN C 245 18.12 20.72 13.78
C GLN C 245 19.22 20.52 14.80
N GLU C 246 19.67 19.28 14.99
CA GLU C 246 20.67 19.02 16.03
C GLU C 246 21.94 19.80 15.81
N CYS C 247 22.35 19.98 14.54
CA CYS C 247 23.61 20.66 14.27
C CYS C 247 23.58 22.09 14.79
N THR C 248 22.45 22.76 14.58
CA THR C 248 22.28 24.12 15.05
C THR C 248 22.17 24.19 16.57
N LYS C 249 21.23 23.43 17.15
CA LYS C 249 21.12 23.33 18.60
C LYS C 249 22.46 23.10 19.27
N GLU C 250 23.46 22.61 18.55
CA GLU C 250 24.81 22.51 19.10
C GLU C 250 25.76 23.53 18.48
N GLY C 251 25.21 24.59 17.89
CA GLY C 251 25.99 25.71 17.38
C GLY C 251 26.72 25.51 16.08
N ALA C 252 26.23 24.62 15.22
CA ALA C 252 26.92 24.24 14.00
C ALA C 252 26.03 24.42 12.78
N CYS C 253 25.17 25.45 12.78
CA CYS C 253 24.23 25.66 11.68
C CYS C 253 24.89 25.40 10.34
N VAL C 254 24.37 24.42 9.59
CA VAL C 254 24.82 24.12 8.23
C VAL C 254 23.76 24.58 7.25
N PHE C 255 24.18 25.13 6.14
CA PHE C 255 23.25 25.59 5.10
C PHE C 255 23.38 24.54 4.00
N TRP C 256 22.37 23.65 3.93
CA TRP C 256 22.39 22.45 3.10
C TRP C 256 21.40 22.46 1.95
N ARG C 257 20.30 23.21 2.02
CA ARG C 257 19.38 23.26 0.90
C ARG C 257 19.93 24.04 -0.27
N THR C 258 19.73 23.52 -1.47
CA THR C 258 20.00 24.24 -2.71
C THR C 258 18.76 24.19 -3.58
N PRO C 259 18.75 24.93 -4.67
CA PRO C 259 17.58 24.90 -5.57
C PRO C 259 17.34 23.55 -6.21
N ASP C 260 18.33 22.66 -6.17
CA ASP C 260 18.22 21.31 -6.72
C ASP C 260 18.15 20.27 -5.62
N LEU C 261 18.29 20.67 -4.38
CA LEU C 261 18.25 19.73 -3.28
C LEU C 261 17.38 20.34 -2.17
N CYS C 262 16.21 19.76 -1.93
CA CYS C 262 15.25 20.22 -0.92
C CYS C 262 15.02 21.71 -0.99
N PRO C 263 14.60 22.24 -2.15
CA PRO C 263 14.30 23.65 -2.27
C PRO C 263 13.20 24.12 -1.35
N ILE C 264 13.34 25.34 -0.87
CA ILE C 264 12.30 25.98 -0.08
C ILE C 264 11.86 27.25 -0.79
N PHE C 265 10.60 27.63 -0.63
CA PHE C 265 10.01 28.65 -1.50
C PHE C 265 9.49 29.82 -0.66
N CYS C 266 10.39 30.61 -0.05
CA CYS C 266 9.88 31.58 0.93
C CYS C 266 9.38 32.85 0.24
N ASP C 267 10.08 33.28 -0.81
CA ASP C 267 9.62 34.26 -1.78
C ASP C 267 8.12 34.19 -1.97
N TYR C 268 7.57 32.98 -2.09
CA TYR C 268 6.15 32.85 -2.42
C TYR C 268 5.30 33.73 -1.53
N TYR C 269 5.78 33.99 -0.31
CA TYR C 269 4.96 34.67 0.68
C TYR C 269 4.96 36.19 0.49
N ASN C 270 5.93 36.74 -0.28
CA ASN C 270 6.13 38.18 -0.37
C ASN C 270 4.96 38.87 -1.07
N PRO C 271 4.49 40.00 -0.52
CA PRO C 271 3.34 40.69 -1.14
C PRO C 271 3.73 41.36 -2.46
N PRO C 272 2.71 41.75 -3.27
CA PRO C 272 2.93 42.18 -4.67
C PRO C 272 4.34 42.52 -5.15
N HIS C 273 4.99 43.59 -4.60
CA HIS C 273 6.36 43.99 -5.01
C HIS C 273 7.13 44.42 -3.75
N GLU C 274 7.56 43.45 -2.96
CA GLU C 274 8.32 43.72 -1.74
C GLU C 274 9.43 42.67 -1.62
N CYS C 275 9.97 42.50 -0.41
CA CYS C 275 10.98 41.50 -0.13
C CYS C 275 11.07 41.26 1.37
N GLU C 276 9.94 40.87 1.97
CA GLU C 276 9.88 40.64 3.40
C GLU C 276 10.52 39.31 3.73
N TRP C 277 10.01 38.24 3.15
CA TRP C 277 10.28 36.89 3.59
C TRP C 277 11.55 36.34 2.96
N HIS C 278 12.23 35.47 3.71
CA HIS C 278 13.58 35.00 3.47
C HIS C 278 13.81 33.70 4.22
N TYR C 279 14.66 32.82 3.68
CA TYR C 279 14.89 31.50 4.26
C TYR C 279 16.02 31.61 5.29
N GLU C 280 15.74 31.30 6.55
CA GLU C 280 16.76 31.31 7.59
C GLU C 280 17.09 29.87 7.92
N PRO C 281 18.27 29.38 7.54
CA PRO C 281 18.69 28.06 7.99
C PRO C 281 18.98 27.97 9.46
N CYS C 282 19.10 29.08 10.17
CA CYS C 282 19.31 28.97 11.60
C CYS C 282 18.27 29.76 12.39
N GLY C 283 17.22 30.26 11.72
CA GLY C 283 16.36 31.28 12.29
C GLY C 283 17.17 32.53 12.49
N ASN C 284 16.54 33.58 13.02
CA ASN C 284 17.30 34.57 13.78
C ASN C 284 16.71 34.50 15.16
N ARG C 285 17.60 34.43 16.15
CA ARG C 285 17.24 34.36 17.56
C ARG C 285 16.85 35.73 18.09
N SER C 286 17.02 36.77 17.29
CA SER C 286 16.47 38.09 17.56
C SER C 286 14.99 38.21 17.18
N PHE C 287 14.41 37.19 16.54
CA PHE C 287 13.12 37.35 15.87
C PHE C 287 12.03 37.49 16.93
N GLU C 288 11.51 38.70 17.08
CA GLU C 288 10.43 38.97 18.02
C GLU C 288 9.12 39.01 17.24
N THR C 289 8.11 38.31 17.77
CA THR C 289 6.77 38.33 17.21
C THR C 289 5.79 38.78 18.27
N CYS C 290 4.59 39.20 17.82
CA CYS C 290 3.59 39.79 18.71
C CYS C 290 3.10 38.84 19.79
N ARG C 291 3.20 37.51 19.61
CA ARG C 291 2.89 36.58 20.70
C ARG C 291 4.02 36.60 21.73
N THR C 292 5.16 36.01 21.37
CA THR C 292 6.30 35.93 22.29
C THR C 292 6.74 37.28 22.83
N ILE C 293 6.36 38.38 22.19
CA ILE C 293 6.80 39.69 22.65
C ILE C 293 6.39 39.91 24.09
N ASN C 294 5.25 39.33 24.50
CA ASN C 294 4.76 39.39 25.88
C ASN C 294 4.36 37.99 26.35
N ASN C 299 10.50 31.22 27.54
CA ASN C 299 11.49 30.67 28.45
C ASN C 299 12.57 29.82 27.77
N ILE C 300 12.15 28.80 27.00
CA ILE C 300 13.05 27.83 26.36
C ILE C 300 13.24 28.19 24.88
N SER C 301 14.49 28.05 24.39
CA SER C 301 14.82 28.53 23.05
C SER C 301 14.32 27.60 21.93
N VAL C 302 13.56 28.17 21.00
CA VAL C 302 13.13 27.45 19.80
C VAL C 302 13.33 28.35 18.59
N SER C 303 13.99 29.50 18.78
CA SER C 303 14.39 30.29 17.62
C SER C 303 15.46 29.58 16.78
N TYR C 304 16.02 28.46 17.26
CA TYR C 304 17.01 27.69 16.53
C TYR C 304 16.53 27.29 15.12
N LEU C 305 15.22 27.16 14.91
CA LEU C 305 14.66 26.37 13.82
C LEU C 305 14.80 26.98 12.42
N GLU C 306 15.06 26.13 11.43
CA GLU C 306 15.10 26.56 10.03
C GLU C 306 13.70 26.85 9.50
N GLY C 307 13.63 27.68 8.49
CA GLY C 307 12.35 27.88 7.83
C GLY C 307 12.24 29.27 7.27
N CYS C 308 11.03 29.61 6.85
CA CYS C 308 10.69 30.91 6.29
C CYS C 308 10.33 31.88 7.40
N TYR C 309 10.87 33.09 7.34
CA TYR C 309 10.57 34.15 8.31
C TYR C 309 10.33 35.47 7.58
N PRO C 310 9.63 36.40 8.21
CA PRO C 310 9.56 37.75 7.66
C PRO C 310 10.59 38.64 8.33
N ARG C 311 11.10 39.62 7.59
CA ARG C 311 11.86 40.70 8.17
C ARG C 311 10.94 41.91 8.23
N CYS C 312 10.91 42.54 9.38
CA CYS C 312 10.17 43.75 9.64
C CYS C 312 11.14 44.91 9.80
N PRO C 313 10.66 46.14 9.59
CA PRO C 313 11.54 47.30 9.76
C PRO C 313 11.96 47.51 11.22
N LYS C 314 13.06 48.26 11.39
CA LYS C 314 13.38 48.76 12.72
C LYS C 314 12.31 49.73 13.23
N ASP C 315 11.59 50.39 12.29
CA ASP C 315 10.37 51.17 12.58
C ASP C 315 9.33 50.33 13.31
N ARG C 316 8.68 49.41 12.59
CA ARG C 316 7.75 48.41 13.14
C ARG C 316 8.41 47.04 13.24
N PRO C 317 9.26 46.77 14.24
CA PRO C 317 10.11 45.57 14.22
C PRO C 317 9.45 44.30 14.73
N ILE C 318 8.13 44.28 14.90
CA ILE C 318 7.44 43.13 15.48
C ILE C 318 6.48 42.61 14.43
N TYR C 319 6.51 41.29 14.20
CA TYR C 319 5.65 40.66 13.20
C TYR C 319 4.41 40.13 13.89
N GLU C 320 3.26 40.28 13.25
CA GLU C 320 1.98 39.85 13.83
C GLU C 320 1.44 38.60 13.13
N GLU C 321 1.66 37.43 13.74
CA GLU C 321 1.31 36.15 13.13
C GLU C 321 -0.11 36.15 12.56
N ASP C 322 -1.05 36.67 13.35
CA ASP C 322 -2.46 36.47 13.07
C ASP C 322 -2.97 37.37 11.96
N LEU C 323 -2.28 38.47 11.68
CA LEU C 323 -2.76 39.46 10.74
C LEU C 323 -1.90 39.62 9.49
N LYS C 324 -0.68 39.10 9.50
CA LYS C 324 0.30 39.39 8.46
C LYS C 324 0.50 40.90 8.38
N LYS C 325 1.44 41.42 9.19
CA LYS C 325 1.82 42.82 9.12
C LYS C 325 2.92 43.11 10.12
N CYS C 326 3.83 44.00 9.77
CA CYS C 326 4.82 44.46 10.73
C CYS C 326 4.29 45.70 11.46
N VAL C 327 4.66 45.81 12.73
CA VAL C 327 4.05 46.78 13.62
C VAL C 327 5.07 47.19 14.66
N THR C 328 4.71 48.26 15.40
CA THR C 328 5.46 48.71 16.56
C THR C 328 4.92 48.05 17.82
N ALA C 329 5.84 47.75 18.75
CA ALA C 329 5.61 46.77 19.81
C ALA C 329 4.35 47.01 20.62
N ASP C 330 3.68 48.15 20.37
CA ASP C 330 2.44 48.53 21.06
C ASP C 330 1.21 47.99 20.32
N LYS C 331 1.14 48.19 18.99
CA LYS C 331 -0.08 47.91 18.23
C LYS C 331 -0.31 46.41 18.02
N CYS C 332 0.09 45.55 18.98
CA CYS C 332 0.02 44.10 18.78
C CYS C 332 -1.31 43.51 19.20
N GLY C 333 -1.95 44.09 20.17
CA GLY C 333 -3.01 43.41 20.87
C GLY C 333 -2.41 42.56 21.98
N CYS C 334 -3.25 41.73 22.58
CA CYS C 334 -2.89 41.03 23.80
C CYS C 334 -3.38 39.60 23.71
N TYR C 335 -2.67 38.67 24.36
CA TYR C 335 -2.94 37.25 24.20
C TYR C 335 -3.28 36.56 25.52
N VAL C 336 -4.53 36.11 25.64
CA VAL C 336 -4.96 35.18 26.68
C VAL C 336 -5.60 33.99 25.99
N GLU C 337 -5.41 32.79 26.54
CA GLU C 337 -6.00 31.57 25.99
C GLU C 337 -5.78 31.48 24.48
N ASP C 338 -4.54 31.80 24.05
CA ASP C 338 -4.07 31.66 22.67
C ASP C 338 -4.93 32.41 21.65
N THR C 339 -5.78 33.35 22.10
CA THR C 339 -6.62 34.15 21.22
C THR C 339 -6.14 35.61 21.27
N HIS C 340 -6.10 36.22 20.10
CA HIS C 340 -5.69 37.61 19.95
C HIS C 340 -6.89 38.51 20.21
N TYR C 341 -6.67 39.56 20.99
CA TYR C 341 -7.69 40.55 21.26
C TYR C 341 -7.14 41.93 20.91
N PRO C 342 -7.84 42.72 20.10
CA PRO C 342 -7.28 44.01 19.64
C PRO C 342 -6.87 44.88 20.82
N PRO C 343 -6.15 45.98 20.57
CA PRO C 343 -5.66 46.81 21.68
C PRO C 343 -6.78 47.46 22.48
N GLY C 344 -6.80 47.18 23.79
CA GLY C 344 -7.83 47.70 24.66
C GLY C 344 -9.22 47.23 24.27
N ALA C 345 -9.48 45.93 24.45
CA ALA C 345 -10.83 45.37 24.31
C ALA C 345 -11.15 44.58 25.57
N SER C 346 -12.37 44.02 25.61
CA SER C 346 -12.84 43.26 26.74
C SER C 346 -12.30 41.82 26.64
N VAL C 347 -11.71 41.34 27.72
CA VAL C 347 -10.97 40.08 27.72
C VAL C 347 -11.46 39.20 28.87
N PRO C 348 -11.63 37.89 28.68
CA PRO C 348 -12.21 37.06 29.75
C PRO C 348 -11.18 36.76 30.82
N THR C 349 -11.67 36.63 32.06
CA THR C 349 -10.88 36.09 33.18
C THR C 349 -11.69 34.95 33.81
N ALA D 1 -44.54 -1.23 8.95
CA ALA D 1 -43.32 -1.99 9.25
C ALA D 1 -42.07 -1.07 9.23
N PRO D 2 -40.98 -1.49 9.94
CA PRO D 2 -39.81 -0.59 10.06
C PRO D 2 -39.08 -0.34 8.75
N GLY D 3 -37.97 0.41 8.83
CA GLY D 3 -37.16 0.72 7.67
C GLY D 3 -35.71 0.29 7.85
N THR D 4 -35.08 -0.15 6.75
CA THR D 4 -33.74 -0.75 6.80
C THR D 4 -32.81 -0.22 5.71
N CYS D 5 -31.64 0.28 6.13
CA CYS D 5 -30.62 0.87 5.27
C CYS D 5 -29.36 0.03 5.31
N SER D 6 -28.69 -0.10 4.16
CA SER D 6 -27.51 -0.95 4.06
C SER D 6 -26.33 -0.12 3.58
N ILE D 7 -25.22 -0.26 4.28
CA ILE D 7 -23.93 0.27 3.88
C ILE D 7 -22.94 -0.90 3.98
N TYR D 8 -22.44 -1.38 2.85
CA TYR D 8 -21.60 -2.55 2.94
C TYR D 8 -20.55 -2.60 1.84
N GLY D 9 -19.45 -3.27 2.16
CA GLY D 9 -18.52 -3.55 1.11
C GLY D 9 -17.68 -2.32 0.79
N SER D 10 -17.32 -2.25 -0.48
CA SER D 10 -16.43 -1.19 -0.96
C SER D 10 -17.27 -0.18 -1.73
N GLY D 11 -18.12 0.50 -0.98
CA GLY D 11 -18.84 1.65 -1.48
C GLY D 11 -20.24 1.40 -1.98
N HIS D 12 -20.93 0.39 -1.46
CA HIS D 12 -22.31 0.13 -1.88
C HIS D 12 -23.33 0.61 -0.84
N TYR D 13 -24.51 0.98 -1.35
CA TYR D 13 -25.55 1.60 -0.54
C TYR D 13 -26.94 1.19 -1.01
N ILE D 14 -27.81 0.90 -0.04
CA ILE D 14 -29.24 0.74 -0.31
C ILE D 14 -30.00 1.64 0.65
N THR D 15 -30.79 2.56 0.09
CA THR D 15 -31.56 3.51 0.89
C THR D 15 -32.75 2.80 1.53
N PHE D 16 -33.25 3.41 2.62
CA PHE D 16 -34.41 2.85 3.32
C PHE D 16 -35.49 2.45 2.33
N ASP D 17 -35.65 3.25 1.26
CA ASP D 17 -36.69 3.06 0.26
C ASP D 17 -36.21 2.29 -0.95
N GLY D 18 -35.06 1.62 -0.87
CA GLY D 18 -34.64 0.67 -1.89
C GLY D 18 -33.91 1.21 -3.11
N LYS D 19 -33.17 2.32 -3.00
CA LYS D 19 -32.31 2.76 -4.09
C LYS D 19 -30.92 2.19 -3.92
N TYR D 20 -30.40 1.62 -5.01
CA TYR D 20 -29.09 0.98 -5.03
C TYR D 20 -28.12 1.94 -5.71
N TYR D 21 -27.00 2.22 -5.04
CA TYR D 21 -26.00 3.07 -5.67
C TYR D 21 -24.63 2.78 -5.07
N ASP D 22 -23.59 3.01 -5.88
CA ASP D 22 -22.23 3.02 -5.38
C ASP D 22 -21.74 4.47 -5.25
N PHE D 23 -20.93 4.71 -4.23
CA PHE D 23 -20.28 6.01 -4.06
C PHE D 23 -19.09 5.75 -3.15
N ASP D 24 -17.91 6.22 -3.55
CA ASP D 24 -16.66 5.82 -2.89
C ASP D 24 -15.95 7.04 -2.31
N GLY D 25 -16.49 7.59 -1.23
CA GLY D 25 -15.91 8.79 -0.64
C GLY D 25 -14.92 8.49 0.45
N HIS D 26 -13.99 9.42 0.63
CA HIS D 26 -12.94 9.31 1.65
C HIS D 26 -13.14 10.49 2.58
N CYS D 27 -14.13 10.32 3.45
CA CYS D 27 -14.49 11.25 4.51
C CYS D 27 -15.42 10.48 5.42
N SER D 28 -15.76 11.10 6.53
CA SER D 28 -16.94 10.67 7.27
C SER D 28 -18.16 11.25 6.59
N TYR D 29 -19.18 10.41 6.43
CA TYR D 29 -20.42 10.77 5.76
C TYR D 29 -21.54 10.54 6.77
N VAL D 30 -22.68 11.18 6.55
CA VAL D 30 -23.80 10.92 7.44
C VAL D 30 -24.54 9.80 6.74
N ALA D 31 -24.48 8.63 7.36
CA ALA D 31 -25.34 7.54 6.97
C ALA D 31 -26.79 7.99 7.06
N VAL D 32 -27.20 8.46 8.26
CA VAL D 32 -28.58 8.81 8.57
C VAL D 32 -28.61 9.67 9.83
N GLN D 33 -29.33 10.78 9.75
CA GLN D 33 -29.66 11.61 10.91
C GLN D 33 -31.05 12.17 10.68
N ASP D 34 -31.62 12.80 11.74
CA ASP D 34 -32.89 13.52 11.59
C ASP D 34 -32.72 15.04 11.65
N TYR D 35 -31.51 15.51 11.98
CA TYR D 35 -31.18 16.92 11.85
C TYR D 35 -31.27 17.35 10.39
N CYS D 36 -32.48 17.48 9.88
CA CYS D 36 -32.71 17.62 8.45
C CYS D 36 -33.47 18.88 8.03
N GLY D 37 -33.89 19.70 8.97
CA GLY D 37 -34.74 20.82 8.66
C GLY D 37 -33.94 22.02 8.23
N GLN D 38 -34.59 23.19 8.30
CA GLN D 38 -33.96 24.46 7.95
C GLN D 38 -33.03 24.98 9.06
N ASN D 39 -33.33 24.71 10.33
CA ASN D 39 -32.31 24.77 11.36
C ASN D 39 -31.69 23.37 11.48
N SER D 40 -30.38 23.30 11.37
CA SER D 40 -29.69 22.01 11.32
C SER D 40 -29.21 21.57 12.69
N SER D 41 -29.64 22.23 13.75
CA SER D 41 -29.34 21.80 15.11
C SER D 41 -30.51 21.16 15.81
N LEU D 42 -31.65 21.10 15.13
CA LEU D 42 -32.88 20.55 15.68
C LEU D 42 -32.98 19.09 15.29
N GLY D 43 -32.72 18.20 16.24
CA GLY D 43 -33.02 16.78 16.07
C GLY D 43 -32.57 15.97 17.27
N SER D 44 -32.41 14.65 17.04
CA SER D 44 -32.29 13.68 18.12
C SER D 44 -31.06 12.77 18.02
N PHE D 45 -30.61 12.44 16.79
CA PHE D 45 -29.56 11.44 16.60
C PHE D 45 -28.85 11.65 15.26
N SER D 46 -27.62 11.17 15.19
CA SER D 46 -26.84 11.17 13.95
C SER D 46 -26.01 9.90 13.81
N ILE D 47 -26.16 9.20 12.69
CA ILE D 47 -25.32 8.03 12.38
C ILE D 47 -24.30 8.42 11.32
N ILE D 48 -23.02 8.27 11.67
CA ILE D 48 -21.91 8.69 10.83
C ILE D 48 -21.10 7.48 10.39
N THR D 49 -20.67 7.46 9.12
CA THR D 49 -19.77 6.42 8.63
C THR D 49 -18.45 7.02 8.15
N GLU D 50 -17.34 6.60 8.80
CA GLU D 50 -15.97 6.92 8.39
C GLU D 50 -15.55 6.06 7.20
N ASN D 51 -15.48 6.61 6.01
CA ASN D 51 -15.05 5.81 4.87
C ASN D 51 -13.60 6.13 4.45
N VAL D 52 -12.79 5.08 4.40
CA VAL D 52 -11.41 5.19 3.98
C VAL D 52 -11.17 4.31 2.75
N PRO D 53 -10.06 4.48 2.05
CA PRO D 53 -9.81 3.59 0.93
C PRO D 53 -9.42 2.20 1.41
N CYS D 54 -9.90 1.20 0.67
CA CYS D 54 -9.66 -0.21 0.96
C CYS D 54 -9.16 -0.85 -0.33
N GLY D 55 -7.91 -1.31 -0.30
CA GLY D 55 -7.27 -1.77 -1.52
C GLY D 55 -6.62 -0.62 -2.27
N THR D 56 -5.98 -0.95 -3.38
CA THR D 56 -5.22 0.00 -4.18
C THR D 56 -6.05 0.75 -5.22
N THR D 57 -7.29 0.36 -5.51
CA THR D 57 -7.95 0.91 -6.70
C THR D 57 -8.51 2.33 -6.54
N GLY D 58 -8.76 2.80 -5.30
CA GLY D 58 -9.45 4.06 -5.05
C GLY D 58 -10.84 3.95 -4.46
N VAL D 59 -11.47 2.75 -4.56
CA VAL D 59 -12.71 2.43 -3.83
C VAL D 59 -12.46 2.61 -2.34
N THR D 60 -13.55 2.80 -1.59
CA THR D 60 -13.45 3.07 -0.15
C THR D 60 -14.48 2.24 0.57
N CYS D 61 -14.17 1.97 1.84
CA CYS D 61 -14.98 1.13 2.69
C CYS D 61 -15.31 1.86 3.98
N SER D 62 -16.36 1.38 4.65
CA SER D 62 -16.62 1.82 6.01
C SER D 62 -15.68 1.10 6.96
N LYS D 63 -14.95 1.92 7.75
CA LYS D 63 -13.97 1.46 8.73
C LYS D 63 -14.44 1.60 10.16
N ALA D 64 -15.38 2.52 10.40
CA ALA D 64 -15.88 2.81 11.72
C ALA D 64 -17.26 3.41 11.56
N ILE D 65 -18.08 3.20 12.58
CA ILE D 65 -19.37 3.84 12.68
C ILE D 65 -19.39 4.73 13.93
N LYS D 66 -20.03 5.89 13.79
CA LYS D 66 -20.28 6.78 14.90
C LYS D 66 -21.79 6.89 15.08
N ILE D 67 -22.24 6.66 16.31
CA ILE D 67 -23.65 6.70 16.70
C ILE D 67 -23.83 7.87 17.68
N PHE D 68 -24.49 8.94 17.20
CA PHE D 68 -24.88 10.11 18.01
C PHE D 68 -26.37 10.02 18.34
N MET D 69 -26.68 9.82 19.61
CA MET D 69 -28.06 9.83 20.10
C MET D 69 -28.12 10.94 21.14
N GLY D 70 -28.66 12.07 20.72
CA GLY D 70 -28.49 13.28 21.48
C GLY D 70 -27.02 13.59 21.71
N ARG D 71 -26.68 13.84 22.97
CA ARG D 71 -25.34 14.22 23.36
C ARG D 71 -24.47 13.00 23.67
N THR D 72 -25.02 11.78 23.55
CA THR D 72 -24.28 10.53 23.71
C THR D 72 -23.65 10.07 22.38
N GLU D 73 -22.34 9.75 22.41
CA GLU D 73 -21.62 9.24 21.24
C GLU D 73 -20.99 7.87 21.51
N LEU D 74 -21.33 6.90 20.65
CA LEU D 74 -20.66 5.62 20.57
C LEU D 74 -19.89 5.48 19.25
N LYS D 75 -18.76 4.76 19.30
CA LYS D 75 -17.92 4.50 18.14
C LYS D 75 -17.75 2.98 18.00
N LEU D 76 -18.40 2.42 16.98
CA LEU D 76 -18.04 1.11 16.44
C LEU D 76 -16.72 1.26 15.66
N GLU D 77 -15.65 0.74 16.26
CA GLU D 77 -14.30 0.77 15.71
C GLU D 77 -13.62 -0.51 16.15
N ASP D 78 -12.50 -0.86 15.49
CA ASP D 78 -11.70 -2.06 15.76
C ASP D 78 -12.42 -3.22 16.47
N LYS D 79 -13.59 -3.60 15.97
CA LYS D 79 -14.19 -4.90 16.28
C LYS D 79 -15.07 -4.85 17.54
N HIS D 80 -14.86 -3.88 18.46
CA HIS D 80 -15.77 -3.67 19.60
C HIS D 80 -16.51 -2.34 19.43
N ARG D 81 -17.34 -1.98 20.40
CA ARG D 81 -17.85 -0.61 20.44
C ARG D 81 -17.27 0.09 21.66
N VAL D 82 -16.95 1.37 21.47
CA VAL D 82 -16.36 2.22 22.49
C VAL D 82 -17.36 3.31 22.83
N VAL D 83 -17.29 3.80 24.07
CA VAL D 83 -18.11 4.93 24.51
C VAL D 83 -17.24 6.16 24.54
N ILE D 84 -17.71 7.23 23.88
CA ILE D 84 -16.98 8.50 23.91
C ILE D 84 -17.58 9.41 24.99
N GLN D 85 -18.73 10.01 24.71
CA GLN D 85 -19.38 10.80 25.73
C GLN D 85 -20.72 10.16 26.03
N ARG D 86 -21.06 10.14 27.31
CA ARG D 86 -22.35 9.63 27.77
C ARG D 86 -23.12 10.76 28.43
N GLY D 89 -25.46 12.36 31.04
CA GLY D 89 -26.27 13.20 31.92
C GLY D 89 -27.77 12.98 31.73
N HIS D 90 -28.34 12.03 32.48
CA HIS D 90 -29.72 11.63 32.28
C HIS D 90 -29.99 11.40 30.79
N HIS D 91 -29.36 10.35 30.26
CA HIS D 91 -29.22 10.18 28.81
C HIS D 91 -30.42 9.52 28.15
N VAL D 92 -30.17 8.89 27.01
CA VAL D 92 -31.10 7.99 26.38
C VAL D 92 -30.69 6.58 26.80
N ALA D 93 -31.54 5.62 26.50
CA ALA D 93 -31.32 4.22 26.81
C ALA D 93 -30.79 3.50 25.58
N TYR D 94 -29.66 2.81 25.74
CA TYR D 94 -29.16 1.96 24.68
C TYR D 94 -28.54 0.73 25.30
N THR D 95 -28.50 -0.35 24.54
CA THR D 95 -27.77 -1.55 24.93
C THR D 95 -27.02 -2.09 23.72
N THR D 96 -25.86 -2.68 23.96
CA THR D 96 -25.07 -3.37 22.95
C THR D 96 -25.11 -4.87 23.22
N ARG D 97 -25.65 -5.63 22.29
CA ARG D 97 -25.59 -7.09 22.38
C ARG D 97 -24.90 -7.66 21.13
N GLU D 98 -24.91 -8.99 21.01
CA GLU D 98 -24.38 -9.67 19.84
C GLU D 98 -25.43 -10.65 19.34
N VAL D 99 -25.75 -10.56 18.06
CA VAL D 99 -26.80 -11.37 17.49
C VAL D 99 -26.18 -12.08 16.29
N GLY D 100 -25.80 -13.32 16.48
CA GLY D 100 -25.12 -14.06 15.45
C GLY D 100 -23.79 -13.44 15.09
N GLN D 101 -23.54 -13.38 13.77
CA GLN D 101 -22.32 -12.83 13.20
C GLN D 101 -22.15 -11.33 13.44
N TYR D 102 -23.13 -10.68 14.04
CA TYR D 102 -23.12 -9.23 14.17
C TYR D 102 -23.14 -8.81 15.63
N LEU D 103 -22.74 -7.56 15.83
CA LEU D 103 -22.83 -6.81 17.08
C LEU D 103 -23.84 -5.71 16.88
N VAL D 104 -24.73 -5.49 17.85
CA VAL D 104 -25.91 -4.66 17.61
C VAL D 104 -26.12 -3.65 18.73
N VAL D 105 -26.38 -2.42 18.34
CA VAL D 105 -26.70 -1.33 19.25
C VAL D 105 -28.16 -0.98 19.00
N GLU D 106 -28.99 -1.10 20.04
CA GLU D 106 -30.38 -0.68 19.98
C GLU D 106 -30.67 0.32 21.10
N SER D 107 -31.57 1.24 20.81
CA SER D 107 -31.97 2.30 21.72
C SER D 107 -33.48 2.28 21.98
N SER D 108 -33.87 2.91 23.10
CA SER D 108 -35.28 3.08 23.42
C SER D 108 -36.00 3.81 22.31
N THR D 109 -35.27 4.67 21.58
CA THR D 109 -35.85 5.63 20.65
C THR D 109 -36.12 5.04 19.27
N GLY D 110 -36.08 3.72 19.12
CA GLY D 110 -36.51 3.10 17.87
C GLY D 110 -35.43 2.98 16.82
N ILE D 111 -34.15 3.04 17.24
CA ILE D 111 -32.98 3.09 16.37
C ILE D 111 -32.13 1.85 16.63
N ILE D 112 -31.91 1.04 15.59
CA ILE D 112 -31.01 -0.09 15.68
C ILE D 112 -29.90 0.04 14.65
N VAL D 113 -28.68 -0.27 15.08
CA VAL D 113 -27.49 -0.32 14.23
C VAL D 113 -26.93 -1.74 14.28
N ILE D 114 -26.98 -2.47 13.14
CA ILE D 114 -26.43 -3.83 13.06
C ILE D 114 -25.11 -3.80 12.32
N TRP D 115 -24.04 -4.28 12.96
CA TRP D 115 -22.67 -4.13 12.45
C TRP D 115 -21.92 -5.47 12.37
N ASP D 116 -21.26 -5.76 11.25
CA ASP D 116 -20.59 -7.05 11.15
C ASP D 116 -19.14 -7.01 11.59
N LYS D 117 -18.73 -5.95 12.27
CA LYS D 117 -17.38 -5.64 12.73
C LYS D 117 -16.34 -5.41 11.63
N ARG D 118 -16.74 -5.36 10.35
CA ARG D 118 -15.83 -5.09 9.23
C ARG D 118 -16.35 -3.87 8.45
N THR D 119 -16.93 -4.07 7.27
CA THR D 119 -17.36 -2.97 6.41
C THR D 119 -18.87 -2.80 6.31
N THR D 120 -19.64 -3.69 6.91
CA THR D 120 -21.09 -3.68 6.73
C THR D 120 -21.82 -3.15 7.96
N VAL D 121 -22.84 -2.34 7.70
CA VAL D 121 -23.82 -2.00 8.71
C VAL D 121 -25.19 -2.03 8.05
N PHE D 122 -26.18 -2.45 8.84
CA PHE D 122 -27.59 -2.23 8.53
C PHE D 122 -28.13 -1.33 9.63
N ILE D 123 -28.92 -0.33 9.24
CA ILE D 123 -29.51 0.62 10.19
C ILE D 123 -31.02 0.56 10.06
N LYS D 124 -31.71 0.48 11.21
CA LYS D 124 -33.15 0.21 11.28
C LYS D 124 -33.84 1.32 12.05
N LEU D 125 -34.99 1.77 11.53
CA LEU D 125 -35.71 2.93 12.04
C LEU D 125 -37.19 2.65 12.21
N ALA D 126 -37.70 2.84 13.44
CA ALA D 126 -39.12 2.70 13.72
C ALA D 126 -39.96 3.63 12.85
N PRO D 127 -41.10 3.18 12.30
CA PRO D 127 -41.81 4.01 11.29
C PRO D 127 -42.18 5.40 11.79
N SER D 128 -41.96 5.66 13.08
CA SER D 128 -42.00 7.02 13.60
C SER D 128 -41.23 8.00 12.71
N TYR D 129 -40.14 7.54 12.06
CA TYR D 129 -39.18 8.46 11.44
C TYR D 129 -39.44 8.76 9.97
N LYS D 130 -40.36 8.08 9.31
CA LYS D 130 -40.64 8.40 7.91
C LYS D 130 -40.60 9.91 7.71
N GLY D 131 -39.95 10.35 6.63
CA GLY D 131 -39.87 11.77 6.29
C GLY D 131 -39.10 12.64 7.26
N THR D 132 -38.60 12.06 8.35
CA THR D 132 -37.87 12.77 9.41
C THR D 132 -36.40 12.91 9.13
N VAL D 133 -35.83 11.98 8.35
CA VAL D 133 -34.39 11.75 8.27
C VAL D 133 -33.85 12.03 6.87
N CYS D 134 -32.52 12.20 6.82
CA CYS D 134 -31.77 12.58 5.63
C CYS D 134 -30.42 11.88 5.65
N GLY D 135 -29.65 12.07 4.58
CA GLY D 135 -28.30 11.56 4.51
C GLY D 135 -28.12 10.49 3.46
N LEU D 136 -27.06 9.70 3.63
CA LEU D 136 -26.71 8.74 2.59
C LEU D 136 -27.76 7.66 2.48
N CYS D 137 -28.46 7.39 3.57
CA CYS D 137 -29.46 6.35 3.56
C CYS D 137 -30.75 6.78 2.89
N GLY D 138 -30.86 8.01 2.39
CA GLY D 138 -32.16 8.53 1.94
C GLY D 138 -33.00 9.03 3.11
N ASN D 139 -34.30 9.27 2.84
CA ASN D 139 -35.17 9.96 3.80
C ASN D 139 -36.29 9.12 4.42
N PHE D 140 -36.62 7.96 3.85
CA PHE D 140 -37.54 7.01 4.49
C PHE D 140 -39.00 7.40 4.26
N ASP D 141 -39.36 7.85 3.07
CA ASP D 141 -40.75 8.16 2.76
C ASP D 141 -41.36 7.19 1.76
N HIS D 142 -40.94 5.91 1.81
CA HIS D 142 -41.44 4.83 0.96
C HIS D 142 -41.60 5.22 -0.50
N ARG D 143 -40.79 6.18 -0.96
CA ARG D 143 -40.78 6.61 -2.36
C ARG D 143 -39.32 6.80 -2.75
N SER D 144 -38.84 5.97 -3.67
CA SER D 144 -37.41 5.98 -3.97
C SER D 144 -36.98 7.17 -4.83
N ASN D 145 -37.90 7.90 -5.45
CA ASN D 145 -37.56 8.89 -6.47
C ASN D 145 -36.93 10.16 -5.91
N ASN D 146 -36.82 10.29 -4.59
CA ASN D 146 -36.29 11.50 -3.97
C ASN D 146 -35.26 11.16 -2.90
N ASP D 147 -34.71 9.95 -2.95
CA ASP D 147 -33.76 9.51 -1.93
C ASP D 147 -32.47 10.34 -2.00
N PHE D 148 -32.16 10.88 -3.19
CA PHE D 148 -30.91 11.62 -3.42
C PHE D 148 -31.09 13.12 -3.14
N THR D 149 -31.21 13.44 -1.87
CA THR D 149 -31.43 14.82 -1.47
C THR D 149 -30.21 15.37 -0.77
N THR D 150 -29.65 16.43 -1.36
CA THR D 150 -28.53 17.19 -0.82
C THR D 150 -28.73 17.67 0.60
N ARG D 151 -27.64 18.11 1.24
CA ARG D 151 -27.74 18.97 2.41
C ARG D 151 -28.52 20.25 2.07
N ASP D 152 -28.20 20.91 0.98
CA ASP D 152 -28.97 22.10 0.60
C ASP D 152 -30.39 21.76 0.15
N HIS D 153 -30.85 20.51 0.31
CA HIS D 153 -32.24 20.11 0.11
C HIS D 153 -32.66 20.01 -1.34
N MET D 154 -31.77 19.52 -2.19
CA MET D 154 -32.06 19.39 -3.62
C MET D 154 -32.14 17.91 -4.02
N VAL D 155 -33.12 17.59 -4.85
CA VAL D 155 -33.25 16.27 -5.46
C VAL D 155 -32.42 16.28 -6.76
N VAL D 156 -31.29 15.57 -6.72
CA VAL D 156 -30.30 15.59 -7.78
C VAL D 156 -30.17 14.18 -8.32
N SER D 157 -29.70 14.05 -9.57
CA SER D 157 -29.65 12.73 -10.21
C SER D 157 -28.36 11.97 -9.92
N SER D 158 -27.24 12.69 -9.70
CA SER D 158 -25.93 12.05 -9.54
C SER D 158 -25.72 11.59 -8.10
N GLU D 159 -25.54 10.28 -7.95
CA GLU D 159 -24.94 9.65 -6.79
C GLU D 159 -23.73 10.38 -6.22
N LEU D 160 -22.96 11.07 -7.06
CA LEU D 160 -21.76 11.66 -6.52
C LEU D 160 -22.08 12.97 -5.83
N ASP D 161 -22.85 13.83 -6.51
CA ASP D 161 -23.27 15.11 -5.94
C ASP D 161 -24.04 14.91 -4.63
N PHE D 162 -24.99 13.97 -4.63
CA PHE D 162 -25.61 13.45 -3.41
C PHE D 162 -24.55 13.10 -2.39
N GLY D 163 -23.81 12.05 -2.63
CA GLY D 163 -22.84 11.58 -1.66
C GLY D 163 -21.86 12.64 -1.20
N ASN D 164 -21.28 13.39 -2.14
CA ASN D 164 -20.34 14.45 -1.78
C ASN D 164 -20.95 15.51 -0.88
N SER D 165 -22.27 15.64 -0.90
CA SER D 165 -22.92 16.67 -0.12
C SER D 165 -22.84 16.37 1.38
N TRP D 166 -22.76 15.10 1.74
CA TRP D 166 -22.87 14.66 3.12
C TRP D 166 -21.53 14.35 3.76
N LYS D 167 -20.45 15.02 3.33
CA LYS D 167 -19.16 14.92 4.00
C LYS D 167 -19.19 15.71 5.29
N GLU D 168 -18.58 15.16 6.34
CA GLU D 168 -18.48 15.83 7.62
C GLU D 168 -17.25 16.73 7.73
N ALA D 169 -16.65 17.13 6.58
CA ALA D 169 -15.64 18.18 6.50
C ALA D 169 -15.60 18.70 5.07
N PRO D 170 -15.54 20.02 4.85
CA PRO D 170 -15.31 20.53 3.49
C PRO D 170 -13.89 20.30 3.03
N THR D 171 -13.00 19.97 3.95
CA THR D 171 -11.62 19.61 3.63
C THR D 171 -11.48 18.09 3.47
N CYS D 172 -12.20 17.58 2.47
CA CYS D 172 -12.32 16.19 2.17
C CYS D 172 -12.60 16.20 0.68
N PRO D 173 -11.95 15.33 -0.09
CA PRO D 173 -12.12 15.40 -1.54
C PRO D 173 -13.52 15.03 -1.96
N ASP D 174 -14.00 15.69 -3.02
CA ASP D 174 -15.20 15.25 -3.71
C ASP D 174 -14.83 14.08 -4.63
N VAL D 175 -15.82 13.24 -4.91
CA VAL D 175 -15.66 12.12 -5.82
C VAL D 175 -16.06 12.58 -7.20
N SER D 176 -15.13 12.47 -8.15
CA SER D 176 -15.44 12.82 -9.53
C SER D 176 -15.87 11.61 -10.37
N THR D 177 -15.41 10.41 -10.01
CA THR D 177 -15.76 9.17 -10.73
C THR D 177 -15.52 8.00 -9.79
N ASN D 178 -16.47 7.07 -9.70
CA ASN D 178 -16.19 5.86 -8.92
C ASN D 178 -15.13 5.03 -9.67
N PRO D 179 -14.16 4.46 -8.98
CA PRO D 179 -13.24 3.57 -9.67
C PRO D 179 -13.97 2.40 -10.30
N GLU D 180 -13.37 1.84 -11.34
CA GLU D 180 -13.77 0.54 -11.88
C GLU D 180 -12.70 -0.48 -11.48
N PRO D 181 -12.85 -1.16 -10.36
CA PRO D 181 -11.77 -2.02 -9.88
C PRO D 181 -11.47 -3.16 -10.80
N CYS D 182 -12.46 -3.71 -11.50
CA CYS D 182 -12.14 -4.85 -12.34
C CYS D 182 -11.29 -4.44 -13.54
N SER D 183 -11.49 -3.23 -14.05
CA SER D 183 -10.64 -2.75 -15.14
C SER D 183 -9.20 -2.56 -14.66
N LEU D 184 -9.01 -1.94 -13.49
CA LEU D 184 -7.68 -1.75 -12.91
C LEU D 184 -7.01 -3.05 -12.53
N ASN D 185 -7.79 -4.06 -12.14
CA ASN D 185 -7.28 -5.37 -11.74
C ASN D 185 -7.98 -6.44 -12.57
N PRO D 186 -7.70 -6.48 -13.87
CA PRO D 186 -8.32 -7.51 -14.73
C PRO D 186 -7.86 -8.93 -14.43
N HIS D 187 -6.72 -9.14 -13.80
CA HIS D 187 -6.35 -10.52 -13.52
C HIS D 187 -7.09 -11.08 -12.35
N ARG D 188 -7.81 -10.23 -11.60
CA ARG D 188 -8.64 -10.68 -10.50
C ARG D 188 -10.11 -10.88 -10.89
N ARG D 189 -10.46 -10.64 -12.15
CA ARG D 189 -11.85 -10.71 -12.57
C ARG D 189 -12.38 -12.12 -12.83
N SER D 190 -11.51 -13.12 -13.07
CA SER D 190 -12.04 -14.46 -13.27
C SER D 190 -12.50 -15.06 -11.96
N TRP D 191 -11.70 -14.93 -10.90
CA TRP D 191 -12.12 -15.43 -9.61
C TRP D 191 -13.33 -14.68 -9.09
N ALA D 192 -13.42 -13.39 -9.39
CA ALA D 192 -14.58 -12.66 -8.91
C ALA D 192 -15.84 -13.11 -9.64
N GLU D 193 -15.78 -13.20 -10.95
CA GLU D 193 -16.97 -13.61 -11.67
C GLU D 193 -17.40 -14.99 -11.25
N LYS D 194 -16.44 -15.89 -11.03
CA LYS D 194 -16.80 -17.29 -10.86
C LYS D 194 -17.36 -17.54 -9.45
N GLN D 195 -16.70 -17.01 -8.43
CA GLN D 195 -17.24 -17.05 -7.08
C GLN D 195 -18.58 -16.33 -6.96
N CYS D 196 -18.70 -15.17 -7.57
CA CYS D 196 -19.87 -14.36 -7.28
C CYS D 196 -21.09 -14.87 -8.03
N SER D 197 -20.89 -15.77 -8.99
CA SER D 197 -22.02 -16.26 -9.78
C SER D 197 -23.03 -17.07 -8.95
N ILE D 198 -22.63 -17.56 -7.78
CA ILE D 198 -23.57 -18.23 -6.89
C ILE D 198 -24.79 -17.35 -6.63
N LEU D 199 -24.59 -16.04 -6.50
CA LEU D 199 -25.69 -15.11 -6.27
C LEU D 199 -26.77 -15.22 -7.35
N LYS D 200 -26.40 -15.59 -8.60
CA LYS D 200 -27.38 -15.79 -9.67
C LYS D 200 -27.67 -17.26 -9.97
N SER D 201 -27.13 -18.17 -9.18
CA SER D 201 -27.25 -19.58 -9.46
C SER D 201 -28.47 -20.15 -8.75
N SER D 202 -28.71 -21.45 -8.94
CA SER D 202 -29.86 -22.09 -8.31
C SER D 202 -29.80 -22.01 -6.78
N VAL D 203 -28.62 -21.85 -6.19
CA VAL D 203 -28.60 -21.80 -4.74
C VAL D 203 -29.53 -20.72 -4.20
N PHE D 204 -29.89 -19.72 -5.01
CA PHE D 204 -30.70 -18.58 -4.58
C PHE D 204 -32.02 -18.50 -5.37
N SER D 205 -32.43 -19.59 -6.02
CA SER D 205 -33.74 -19.63 -6.66
C SER D 205 -34.82 -19.10 -5.73
N ILE D 206 -34.85 -19.61 -4.48
CA ILE D 206 -35.83 -19.19 -3.48
C ILE D 206 -36.03 -17.68 -3.43
N CYS D 207 -34.96 -16.90 -3.66
CA CYS D 207 -34.97 -15.46 -3.46
C CYS D 207 -34.95 -14.66 -4.76
N HIS D 208 -34.61 -15.29 -5.88
CA HIS D 208 -34.51 -14.53 -7.12
C HIS D 208 -35.83 -13.93 -7.56
N SER D 209 -36.96 -14.39 -7.01
CA SER D 209 -38.28 -13.86 -7.32
C SER D 209 -38.67 -12.68 -6.46
N LYS D 210 -37.95 -12.44 -5.36
CA LYS D 210 -38.29 -11.41 -4.39
C LYS D 210 -37.26 -10.28 -4.32
N VAL D 211 -36.00 -10.54 -4.67
CA VAL D 211 -34.93 -9.54 -4.59
C VAL D 211 -34.00 -9.75 -5.78
N ASP D 212 -33.99 -8.81 -6.71
CA ASP D 212 -33.14 -8.91 -7.90
C ASP D 212 -31.69 -9.14 -7.48
N PRO D 213 -31.06 -10.25 -7.88
CA PRO D 213 -29.66 -10.46 -7.48
C PRO D 213 -28.69 -9.49 -8.12
N LYS D 214 -29.03 -8.84 -9.24
CA LYS D 214 -28.10 -8.09 -10.10
C LYS D 214 -27.21 -7.10 -9.34
N PRO D 215 -27.77 -6.11 -8.65
CA PRO D 215 -26.89 -5.19 -7.93
C PRO D 215 -26.01 -5.90 -6.91
N PHE D 216 -26.51 -6.97 -6.28
CA PHE D 216 -25.73 -7.68 -5.29
C PHE D 216 -24.59 -8.49 -5.93
N TYR D 217 -24.82 -8.99 -7.16
CA TYR D 217 -23.79 -9.68 -7.92
C TYR D 217 -22.77 -8.69 -8.45
N GLU D 218 -23.26 -7.56 -8.93
CA GLU D 218 -22.36 -6.53 -9.42
C GLU D 218 -21.45 -6.08 -8.29
N ALA D 219 -22.01 -5.88 -7.09
CA ALA D 219 -21.21 -5.48 -5.95
C ALA D 219 -20.22 -6.55 -5.54
N CYS D 220 -20.56 -7.82 -5.77
CA CYS D 220 -19.67 -8.90 -5.40
C CYS D 220 -18.45 -8.93 -6.30
N VAL D 221 -18.68 -8.91 -7.60
CA VAL D 221 -17.58 -8.91 -8.54
C VAL D 221 -16.68 -7.72 -8.29
N HIS D 222 -17.29 -6.55 -8.10
CA HIS D 222 -16.57 -5.30 -7.82
CA HIS D 222 -16.48 -5.36 -7.89
C HIS D 222 -15.65 -5.47 -6.62
N ASP D 223 -16.19 -5.97 -5.52
CA ASP D 223 -15.34 -6.05 -4.35
C ASP D 223 -14.26 -7.11 -4.46
N SER D 224 -14.49 -8.18 -5.18
CA SER D 224 -13.44 -9.17 -5.18
C SER D 224 -12.39 -8.82 -6.24
N CYS D 225 -12.74 -7.94 -7.18
CA CYS D 225 -11.70 -7.29 -7.98
C CYS D 225 -10.86 -6.38 -7.11
N SER D 226 -11.51 -5.58 -6.27
CA SER D 226 -10.85 -4.47 -5.57
C SER D 226 -10.13 -4.91 -4.31
N CYS D 227 -10.32 -6.14 -3.84
CA CYS D 227 -9.74 -6.55 -2.56
C CYS D 227 -8.38 -7.17 -2.86
N ASP D 228 -7.50 -6.28 -3.25
CA ASP D 228 -6.28 -6.69 -3.89
C ASP D 228 -5.09 -6.58 -2.96
N THR D 229 -5.32 -6.60 -1.66
CA THR D 229 -4.20 -6.50 -0.73
C THR D 229 -4.28 -7.48 0.43
N GLY D 230 -5.19 -8.47 0.39
CA GLY D 230 -5.36 -9.36 1.53
C GLY D 230 -6.80 -9.44 2.02
N GLY D 231 -7.24 -10.64 2.40
CA GLY D 231 -8.64 -10.86 2.71
C GLY D 231 -9.60 -10.99 1.53
N ASP D 232 -9.14 -11.46 0.38
CA ASP D 232 -10.01 -11.86 -0.72
C ASP D 232 -11.34 -12.34 -0.19
N CYS D 233 -11.26 -13.32 0.69
CA CYS D 233 -12.41 -14.12 1.06
C CYS D 233 -13.42 -13.30 1.86
N GLU D 234 -12.98 -12.69 2.97
CA GLU D 234 -13.82 -11.74 3.69
C GLU D 234 -14.57 -10.78 2.76
N CYS D 235 -13.93 -10.22 1.76
CA CYS D 235 -14.69 -9.35 0.87
C CYS D 235 -15.75 -10.14 0.16
N PHE D 236 -15.43 -11.37 -0.26
CA PHE D 236 -16.41 -12.13 -1.03
C PHE D 236 -17.54 -12.65 -0.14
N CYS D 237 -17.20 -13.19 1.03
CA CYS D 237 -18.23 -13.80 1.85
C CYS D 237 -19.18 -12.75 2.36
N SER D 238 -18.67 -11.52 2.59
CA SER D 238 -19.51 -10.44 3.07
C SER D 238 -20.46 -9.98 1.99
N ALA D 239 -20.01 -9.92 0.73
CA ALA D 239 -20.89 -9.44 -0.33
C ALA D 239 -22.08 -10.36 -0.51
N VAL D 240 -21.93 -11.64 -0.16
CA VAL D 240 -23.00 -12.61 -0.36
C VAL D 240 -23.94 -12.59 0.85
N ALA D 241 -23.39 -12.74 2.04
CA ALA D 241 -24.10 -12.39 3.26
C ALA D 241 -25.07 -11.22 3.03
N SER D 242 -24.56 -10.08 2.56
CA SER D 242 -25.44 -8.93 2.35
C SER D 242 -26.67 -9.31 1.54
N TYR D 243 -26.53 -10.13 0.52
CA TYR D 243 -27.71 -10.59 -0.18
C TYR D 243 -28.51 -11.62 0.62
N ALA D 244 -27.88 -12.29 1.59
CA ALA D 244 -28.61 -13.23 2.43
C ALA D 244 -29.52 -12.48 3.39
N GLN D 245 -28.97 -11.54 4.18
CA GLN D 245 -29.79 -10.78 5.11
C GLN D 245 -30.99 -10.20 4.39
N GLU D 246 -30.82 -9.76 3.14
CA GLU D 246 -31.96 -9.21 2.43
C GLU D 246 -32.96 -10.30 2.06
N CYS D 247 -32.46 -11.39 1.48
CA CYS D 247 -33.36 -12.48 1.14
C CYS D 247 -34.09 -13.00 2.38
N THR D 248 -33.41 -13.06 3.52
CA THR D 248 -34.07 -13.56 4.71
C THR D 248 -35.17 -12.59 5.15
N LYS D 249 -34.91 -11.27 5.11
CA LYS D 249 -35.88 -10.25 5.53
C LYS D 249 -37.05 -10.13 4.57
N GLU D 250 -37.08 -10.89 3.48
CA GLU D 250 -38.29 -11.03 2.66
C GLU D 250 -38.81 -12.46 2.71
N GLY D 251 -38.39 -13.21 3.75
CA GLY D 251 -38.68 -14.63 3.90
C GLY D 251 -38.23 -15.54 2.78
N ALA D 252 -37.09 -15.25 2.18
CA ALA D 252 -36.47 -16.14 1.20
C ALA D 252 -35.13 -16.54 1.78
N CYS D 253 -35.14 -17.00 3.03
CA CYS D 253 -33.90 -17.39 3.69
C CYS D 253 -33.23 -18.53 2.93
N VAL D 254 -31.92 -18.34 2.64
CA VAL D 254 -31.14 -19.29 1.84
C VAL D 254 -29.98 -19.81 2.67
N PHE D 255 -29.71 -21.10 2.57
CA PHE D 255 -28.57 -21.71 3.25
C PHE D 255 -27.47 -21.83 2.19
N TRP D 256 -26.64 -20.78 2.09
CA TRP D 256 -25.70 -20.64 0.98
C TRP D 256 -24.31 -21.16 1.31
N ARG D 257 -23.93 -21.12 2.58
CA ARG D 257 -22.60 -21.54 2.96
C ARG D 257 -22.48 -23.04 2.96
N THR D 258 -21.25 -23.51 2.80
CA THR D 258 -20.87 -24.91 2.78
C THR D 258 -19.49 -25.00 3.39
N PRO D 259 -18.93 -26.19 3.57
CA PRO D 259 -17.59 -26.26 4.15
C PRO D 259 -16.56 -25.62 3.25
N ASP D 260 -16.84 -25.56 1.94
CA ASP D 260 -15.91 -25.06 0.93
C ASP D 260 -16.24 -23.64 0.48
N LEU D 261 -17.18 -22.96 1.15
CA LEU D 261 -17.63 -21.65 0.69
C LEU D 261 -18.20 -20.93 1.93
N CYS D 262 -17.43 -20.02 2.46
CA CYS D 262 -17.78 -19.18 3.57
C CYS D 262 -18.12 -20.12 4.73
N PRO D 263 -17.17 -20.96 5.11
CA PRO D 263 -17.37 -21.83 6.29
C PRO D 263 -17.55 -21.02 7.54
N ILE D 264 -18.44 -21.50 8.39
CA ILE D 264 -18.67 -20.92 9.70
C ILE D 264 -18.43 -22.02 10.72
N PHE D 265 -17.78 -21.67 11.83
CA PHE D 265 -17.29 -22.63 12.81
C PHE D 265 -18.06 -22.54 14.14
N CYS D 266 -19.41 -22.62 14.10
CA CYS D 266 -20.26 -22.39 15.29
C CYS D 266 -19.95 -23.36 16.44
N ASP D 267 -19.73 -24.63 16.11
CA ASP D 267 -19.39 -25.71 17.03
C ASP D 267 -18.11 -25.43 17.82
N TYR D 268 -17.48 -24.28 17.60
CA TYR D 268 -16.25 -23.96 18.32
C TYR D 268 -16.52 -23.77 19.79
N TYR D 269 -17.72 -23.26 20.10
CA TYR D 269 -18.06 -22.76 21.42
C TYR D 269 -18.58 -23.86 22.34
N ASN D 270 -19.13 -24.94 21.78
CA ASN D 270 -19.56 -26.08 22.57
C ASN D 270 -18.34 -26.80 23.15
N PRO D 271 -18.53 -27.56 24.23
CA PRO D 271 -17.50 -28.56 24.65
C PRO D 271 -17.69 -29.87 23.91
N PRO D 272 -16.73 -30.81 24.03
CA PRO D 272 -16.77 -32.01 23.16
C PRO D 272 -18.06 -32.82 23.22
N HIS D 273 -18.60 -33.00 24.43
CA HIS D 273 -19.86 -33.71 24.63
C HIS D 273 -20.99 -32.69 24.81
N GLU D 274 -21.28 -31.97 23.73
CA GLU D 274 -22.41 -31.06 23.72
C GLU D 274 -22.65 -30.58 22.30
N CYS D 275 -23.86 -30.07 22.08
CA CYS D 275 -24.32 -29.55 20.79
C CYS D 275 -25.17 -28.30 20.99
N GLU D 276 -24.99 -27.63 22.13
CA GLU D 276 -25.67 -26.37 22.43
C GLU D 276 -25.65 -25.41 21.24
N TRP D 277 -24.47 -24.89 20.92
CA TRP D 277 -24.36 -23.96 19.82
C TRP D 277 -24.48 -24.64 18.44
N HIS D 278 -25.13 -23.95 17.53
CA HIS D 278 -25.37 -24.44 16.19
C HIS D 278 -25.45 -23.21 15.29
N TYR D 279 -25.41 -23.43 13.99
CA TYR D 279 -25.43 -22.33 13.02
C TYR D 279 -26.88 -22.16 12.57
N GLU D 280 -27.44 -20.97 12.80
CA GLU D 280 -28.76 -20.68 12.28
C GLU D 280 -28.59 -19.79 11.07
N PRO D 281 -28.88 -20.27 9.85
CA PRO D 281 -28.83 -19.38 8.69
C PRO D 281 -29.89 -18.31 8.69
N CYS D 282 -30.94 -18.42 9.51
CA CYS D 282 -32.00 -17.43 9.51
C CYS D 282 -32.30 -16.90 10.91
N GLY D 283 -31.36 -17.04 11.86
CA GLY D 283 -31.60 -16.67 13.24
C GLY D 283 -32.45 -17.73 13.91
N ASN D 284 -33.00 -17.38 15.07
CA ASN D 284 -34.36 -17.80 15.43
C ASN D 284 -34.97 -16.64 16.17
N ARG D 285 -36.12 -16.18 15.66
CA ARG D 285 -36.92 -15.14 16.31
C ARG D 285 -37.11 -15.41 17.81
N SER D 286 -37.23 -16.69 18.16
CA SER D 286 -37.43 -17.11 19.54
C SER D 286 -36.17 -17.00 20.41
N PHE D 287 -35.17 -16.19 20.01
CA PHE D 287 -33.90 -16.12 20.74
C PHE D 287 -33.94 -14.93 21.69
N GLU D 288 -33.95 -15.23 22.99
CA GLU D 288 -34.02 -14.23 24.06
C GLU D 288 -32.80 -14.39 24.97
N THR D 289 -32.23 -13.26 25.39
CA THR D 289 -31.00 -13.23 26.18
C THR D 289 -31.22 -12.34 27.40
N CYS D 290 -30.20 -12.25 28.28
CA CYS D 290 -30.35 -11.44 29.48
C CYS D 290 -30.46 -9.95 29.18
N ARG D 291 -30.10 -9.50 27.99
CA ARG D 291 -30.23 -8.08 27.64
C ARG D 291 -31.46 -7.79 26.80
N THR D 292 -32.37 -8.74 26.68
CA THR D 292 -33.62 -8.49 25.97
C THR D 292 -34.83 -8.68 26.86
N ILE D 293 -34.73 -9.51 27.90
CA ILE D 293 -35.82 -9.79 28.82
C ILE D 293 -35.91 -8.69 29.89
N ASN D 294 -34.76 -8.26 30.43
CA ASN D 294 -34.72 -7.19 31.42
C ASN D 294 -34.43 -5.88 30.69
N GLY D 295 -35.51 -5.34 30.10
CA GLY D 295 -35.45 -4.09 29.36
C GLY D 295 -34.19 -3.89 28.52
N SER D 301 -36.54 -4.58 16.28
CA SER D 301 -36.74 -6.02 16.07
C SER D 301 -35.66 -6.67 15.18
N VAL D 302 -34.56 -7.11 15.82
CA VAL D 302 -33.55 -7.94 15.16
C VAL D 302 -33.86 -9.38 15.55
N SER D 303 -33.60 -10.31 14.64
CA SER D 303 -34.32 -11.58 14.69
C SER D 303 -33.73 -12.56 13.70
N TYR D 304 -33.64 -12.07 12.48
CA TYR D 304 -33.37 -12.76 11.24
CA TYR D 304 -33.33 -12.94 11.36
C TYR D 304 -31.89 -12.79 10.87
N LEU D 305 -31.00 -12.40 11.79
CA LEU D 305 -29.58 -12.30 11.48
C LEU D 305 -28.89 -13.64 11.61
N GLU D 306 -28.15 -14.04 10.58
CA GLU D 306 -27.46 -15.32 10.58
C GLU D 306 -26.31 -15.33 11.57
N GLY D 307 -25.92 -16.52 11.95
CA GLY D 307 -24.78 -16.68 12.83
C GLY D 307 -24.91 -17.94 13.67
N CYS D 308 -23.99 -18.04 14.60
CA CYS D 308 -24.06 -19.02 15.68
C CYS D 308 -25.02 -18.57 16.80
N TYR D 309 -25.65 -19.55 17.43
CA TYR D 309 -26.55 -19.29 18.54
C TYR D 309 -26.51 -20.46 19.50
N PRO D 310 -26.68 -20.22 20.80
CA PRO D 310 -26.85 -21.34 21.71
C PRO D 310 -28.27 -21.87 21.62
N ARG D 311 -28.46 -23.08 22.16
CA ARG D 311 -29.77 -23.65 22.43
C ARG D 311 -29.79 -23.82 23.95
N CYS D 312 -30.66 -23.05 24.64
CA CYS D 312 -30.67 -23.20 26.08
C CYS D 312 -31.75 -24.19 26.54
N PRO D 313 -31.48 -25.00 27.59
CA PRO D 313 -32.48 -25.96 28.08
C PRO D 313 -33.62 -25.31 28.85
N ASP D 315 -34.85 -26.10 31.74
CA ASP D 315 -36.03 -25.23 31.68
C ASP D 315 -35.57 -23.84 32.06
N ARG D 316 -35.08 -23.09 31.06
CA ARG D 316 -34.42 -21.82 31.32
C ARG D 316 -33.98 -21.12 30.04
N PRO D 317 -34.91 -20.55 29.26
CA PRO D 317 -34.59 -20.19 27.88
C PRO D 317 -33.77 -18.92 27.74
N ILE D 318 -32.95 -18.59 28.73
CA ILE D 318 -32.30 -17.28 28.78
C ILE D 318 -30.79 -17.49 28.80
N TYR D 319 -30.12 -17.16 27.69
CA TYR D 319 -28.66 -17.23 27.63
C TYR D 319 -28.10 -15.92 28.15
N GLU D 320 -27.17 -16.02 29.09
CA GLU D 320 -26.55 -14.86 29.71
C GLU D 320 -25.23 -14.57 28.99
N GLU D 321 -25.29 -13.66 28.02
CA GLU D 321 -24.13 -13.25 27.22
C GLU D 321 -22.87 -13.11 28.07
N ASP D 322 -23.00 -12.38 29.17
CA ASP D 322 -21.84 -11.88 29.92
C ASP D 322 -20.99 -13.01 30.47
N LEU D 323 -21.60 -14.01 31.09
CA LEU D 323 -20.88 -15.16 31.62
C LEU D 323 -21.22 -16.47 30.88
N LYS D 324 -21.45 -16.39 29.56
CA LYS D 324 -21.50 -17.53 28.63
C LYS D 324 -21.99 -18.85 29.24
N LYS D 325 -23.26 -18.87 29.64
CA LYS D 325 -23.93 -20.00 30.29
C LYS D 325 -25.42 -19.69 30.32
N CYS D 326 -26.23 -20.74 30.27
CA CYS D 326 -27.67 -20.56 30.36
C CYS D 326 -28.09 -20.44 31.82
N VAL D 327 -28.96 -19.47 32.10
CA VAL D 327 -29.57 -19.31 33.42
C VAL D 327 -31.07 -19.08 33.23
N THR D 328 -31.75 -18.81 34.34
CA THR D 328 -33.18 -18.56 34.38
C THR D 328 -33.44 -17.06 34.64
N ALA D 329 -34.57 -16.56 34.10
CA ALA D 329 -34.84 -15.12 34.15
C ALA D 329 -34.64 -14.51 35.52
N ASP D 330 -34.58 -15.33 36.57
CA ASP D 330 -34.43 -14.86 37.94
C ASP D 330 -32.99 -14.40 38.22
N LYS D 331 -32.02 -15.28 37.98
CA LYS D 331 -30.61 -14.99 38.26
C LYS D 331 -29.84 -14.54 37.00
N CYS D 332 -30.41 -13.62 36.21
CA CYS D 332 -29.69 -12.99 35.10
C CYS D 332 -28.81 -11.85 35.58
N GLY D 333 -29.31 -11.09 36.56
CA GLY D 333 -28.71 -9.83 36.93
C GLY D 333 -29.36 -8.66 36.22
N CYS D 334 -28.95 -7.46 36.63
CA CYS D 334 -29.54 -6.22 36.17
C CYS D 334 -28.52 -5.46 35.32
N TYR D 335 -28.94 -5.02 34.13
CA TYR D 335 -28.12 -4.23 33.22
C TYR D 335 -28.61 -2.79 33.21
N VAL D 336 -27.75 -1.87 33.61
CA VAL D 336 -28.03 -0.43 33.56
C VAL D 336 -27.05 0.20 32.57
N GLU D 337 -27.59 0.93 31.59
CA GLU D 337 -26.75 1.54 30.57
C GLU D 337 -26.14 0.45 29.69
N ASP D 338 -25.00 -0.12 30.09
CA ASP D 338 -24.41 -1.22 29.34
C ASP D 338 -23.49 -2.09 30.20
N THR D 339 -23.45 -1.83 31.49
CA THR D 339 -22.66 -2.63 32.41
C THR D 339 -23.56 -3.64 33.13
N HIS D 340 -22.99 -4.80 33.42
CA HIS D 340 -23.73 -5.90 34.05
C HIS D 340 -23.36 -5.98 35.53
N TYR D 341 -24.37 -5.98 36.39
CA TYR D 341 -24.23 -6.31 37.79
C TYR D 341 -25.12 -7.51 38.10
N PRO D 342 -24.79 -8.30 39.13
CA PRO D 342 -25.62 -9.47 39.46
C PRO D 342 -26.76 -9.11 40.40
N PRO D 343 -27.59 -10.10 40.79
CA PRO D 343 -28.75 -9.83 41.64
C PRO D 343 -28.42 -9.06 42.90
N GLY D 344 -29.40 -8.27 43.35
CA GLY D 344 -29.15 -7.22 44.32
C GLY D 344 -28.34 -6.10 43.70
N ALA D 345 -27.12 -5.91 44.23
CA ALA D 345 -26.20 -4.90 43.74
C ALA D 345 -26.80 -3.49 43.84
N SER D 346 -26.02 -2.47 43.52
CA SER D 346 -26.50 -1.09 43.56
C SER D 346 -26.14 -0.37 42.25
N VAL D 347 -27.14 -0.22 41.39
CA VAL D 347 -27.07 0.71 40.24
C VAL D 347 -27.12 2.15 40.76
N PRO D 348 -26.15 3.02 40.41
CA PRO D 348 -26.26 4.43 40.86
C PRO D 348 -27.30 5.23 40.10
N THR D 349 -27.29 6.56 40.23
CA THR D 349 -28.02 7.45 39.30
C THR D 349 -27.44 8.89 39.36
C1 GOL E . -0.97 6.29 -17.80
O1 GOL E . -0.45 5.88 -19.09
C2 GOL E . -1.71 5.18 -16.98
O2 GOL E . -0.77 4.46 -16.19
C3 GOL E . -2.80 5.93 -16.10
O3 GOL E . -3.65 4.93 -15.54
H11 GOL E . -1.62 7.02 -17.91
H12 GOL E . -0.27 6.64 -17.23
HO1 GOL E . -0.11 5.09 -18.98
H2 GOL E . -2.14 4.52 -17.56
HO2 GOL E . -0.90 4.68 -15.37
H31 GOL E . -3.26 6.58 -16.67
H32 GOL E . -2.34 6.47 -15.42
HO3 GOL E . -4.26 5.34 -15.11
C1 NAG F . 22.17 11.85 -53.92
C2 NAG F . 23.61 12.22 -53.48
C3 NAG F . 24.54 12.17 -54.69
C4 NAG F . 24.43 10.80 -55.37
C5 NAG F . 22.97 10.44 -55.64
C6 NAG F . 22.74 9.03 -56.14
C7 NAG F . 23.77 14.74 -53.31
C8 NAG F . 23.44 14.89 -54.77
N2 NAG F . 23.76 13.49 -52.78
O3 NAG F . 25.88 12.48 -54.32
O4 NAG F . 25.16 10.93 -56.59
O5 NAG F . 22.18 10.55 -54.44
O6 NAG F . 21.36 8.76 -56.16
O7 NAG F . 23.97 15.72 -52.60
H1 NAG F . 21.87 12.47 -54.61
H2 NAG F . 23.85 11.54 -52.81
H3 NAG F . 24.26 12.84 -55.33
H4 NAG F . 24.79 10.08 -54.82
H5 NAG F . 22.64 11.08 -56.31
H61 NAG F . 23.20 8.41 -55.55
H62 NAG F . 23.11 8.95 -57.04
H81 NAG F . 23.05 15.77 -54.93
H82 NAG F . 22.80 14.20 -55.03
H83 NAG F . 24.25 14.78 -55.31
HN2 NAG F . 23.86 13.45 -51.87
HO3 NAG F . 26.24 13.00 -54.95
HO4 NAG F . 24.60 10.93 -57.27
HO6 NAG F . 21.20 8.04 -56.66
CA CA G . 2.21 15.12 -39.97
C1 NAG H . 2.29 -48.62 8.65
C2 NAG H . 3.61 -48.87 7.96
C3 NAG H . 3.60 -50.23 7.32
C4 NAG H . 3.33 -51.29 8.38
C5 NAG H . 2.11 -50.96 9.23
C6 NAG H . 2.06 -51.76 10.52
C7 NAG H . 4.92 -47.00 7.10
C8 NAG H . 5.04 -45.96 6.03
N2 NAG H . 3.88 -47.83 6.99
O3 NAG H . 4.85 -50.45 6.67
O4 NAG H . 3.13 -52.55 7.73
O5 NAG H . 2.10 -49.58 9.65
O6 NAG H . 3.15 -51.38 11.34
O7 NAG H . 5.74 -47.09 8.02
H1 NAG H . 1.57 -48.70 8.00
H2 NAG H . 4.32 -48.85 8.63
H3 NAG H . 2.90 -50.28 6.64
H4 NAG H . 4.10 -51.34 8.98
H5 NAG H . 1.31 -51.11 8.68
H61 NAG H . 2.12 -52.71 10.31
H62 NAG H . 1.22 -51.58 10.98
H81 NAG H . 5.84 -45.43 6.18
H82 NAG H . 4.25 -45.38 6.05
H83 NAG H . 5.09 -46.39 5.17
HN2 NAG H . 3.32 -47.74 6.27
HO3 NAG H . 4.86 -51.26 6.30
HO4 NAG H . 3.70 -53.15 8.06
HO6 NAG H . 3.53 -52.11 11.69
C1 GOL I . 9.75 -15.36 0.27
O1 GOL I . 10.00 -16.66 0.90
C2 GOL I . 9.25 -14.14 1.30
O2 GOL I . 9.00 -14.57 2.60
C3 GOL I . 10.38 -12.95 1.25
O3 GOL I . 9.98 -11.83 2.10
H11 GOL I . 9.07 -15.44 -0.42
H12 GOL I . 10.54 -15.03 -0.17
HO1 GOL I . 9.76 -16.58 1.71
H2 GOL I . 8.40 -13.82 0.95
HO2 GOL I . 8.76 -13.89 3.05
H31 GOL I . 10.49 -12.68 0.32
H32 GOL I . 11.23 -13.33 1.51
HO3 GOL I . 10.63 -11.28 2.10
C1 GOL J . -7.83 -24.39 3.13
O1 GOL J . -7.26 -25.30 2.15
C2 GOL J . -8.47 -25.21 4.35
O2 GOL J . -7.48 -25.95 5.03
C3 GOL J . -9.18 -24.14 5.27
O3 GOL J . -10.54 -24.56 5.52
H11 GOL J . -8.52 -23.82 2.75
H12 GOL J . -7.16 -23.78 3.49
HO1 GOL J . -7.09 -26.03 2.57
H2 GOL J . -9.12 -25.86 4.04
HO2 GOL J . -7.79 -26.73 5.16
H31 GOL J . -9.12 -23.28 4.83
H32 GOL J . -8.65 -24.04 6.09
HO3 GOL J . -10.88 -24.00 6.07
C1 NAG K . 18.02 -53.34 -16.25
C2 NAG K . 18.73 -54.46 -17.01
C3 NAG K . 17.73 -55.32 -17.80
C4 NAG K . 16.52 -55.73 -16.98
C5 NAG K . 15.89 -54.50 -16.36
C6 NAG K . 14.68 -54.82 -15.52
C7 NAG K . 21.01 -53.81 -17.71
C8 NAG K . 21.82 -53.29 -18.87
N2 NAG K . 19.70 -53.93 -17.95
O3 NAG K . 18.45 -56.47 -18.26
O4 NAG K . 15.57 -56.33 -17.85
O5 NAG K . 16.86 -53.86 -15.52
O6 NAG K . 14.69 -56.17 -15.09
O7 NAG K . 21.52 -54.06 -16.63
H1 NAG K . 17.71 -52.66 -16.88
H2 NAG K . 19.16 -55.02 -16.35
H3 NAG K . 17.38 -54.80 -18.55
H4 NAG K . 16.78 -56.36 -16.28
H5 NAG K . 15.62 -53.87 -17.06
H61 NAG K . 13.88 -54.65 -16.05
H62 NAG K . 14.68 -54.23 -14.74
H81 NAG K . 22.63 -53.83 -18.97
H82 NAG K . 22.07 -52.36 -18.70
H83 NAG K . 21.28 -53.34 -19.69
HN2 NAG K . 19.39 -53.66 -18.76
HO3 NAG K . 18.19 -56.66 -19.09
HO4 NAG K . 15.77 -57.20 -17.96
HO6 NAG K . 14.04 -56.29 -14.50
S SO4 L . -1.27 -36.12 -17.33
O1 SO4 L . -2.48 -36.25 -16.54
O2 SO4 L . -1.67 -36.31 -18.72
O3 SO4 L . -0.72 -34.79 -17.14
O4 SO4 L . -0.26 -37.09 -16.90
S SO4 M . -7.26 -31.13 -13.12
O1 SO4 M . -8.59 -31.14 -13.76
O2 SO4 M . -6.71 -29.78 -13.40
O3 SO4 M . -7.36 -31.38 -11.66
O4 SO4 M . -6.37 -32.17 -13.65
S SO4 N . 7.05 -18.58 22.05
O1 SO4 N . 5.78 -19.17 22.52
O2 SO4 N . 6.70 -17.54 21.06
O3 SO4 N . 7.76 -17.91 23.14
O4 SO4 N . 7.90 -19.67 21.52
CA CA O . 19.65 -37.65 1.98
S SO4 P . -7.60 9.48 19.25
O1 SO4 P . -8.99 9.91 18.96
O2 SO4 P . -6.88 9.28 17.98
O3 SO4 P . -6.96 10.54 20.03
O4 SO4 P . -7.58 8.22 20.04
CA CA Q . 17.94 8.37 30.92
S SO4 R . -13.42 10.75 15.32
O1 SO4 R . -14.60 11.11 16.12
O2 SO4 R . -13.60 11.16 13.92
O3 SO4 R . -12.23 11.35 15.91
O4 SO4 R . -13.25 9.30 15.34
S SO4 S . -7.47 7.33 6.86
O1 SO4 S . -8.80 7.99 6.86
O2 SO4 S . -6.83 7.53 5.55
O3 SO4 S . -6.66 7.96 7.90
O4 SO4 S . -7.60 5.89 7.11
CA CA T . -37.20 8.46 -0.39
#